data_7UN8
#
_entry.id   7UN8
#
_cell.length_a   1.00
_cell.length_b   1.00
_cell.length_c   1.00
_cell.angle_alpha   90.00
_cell.angle_beta   90.00
_cell.angle_gamma   90.00
#
_symmetry.space_group_name_H-M   'P 1'
#
loop_
_entity.id
_entity.type
_entity.pdbx_description
1 polymer 'CD-NTase-associated protein 12'
2 non-polymer "9,9'-[(2R,3R,3aS,5S,7aR,9R,10R,10aS,12S,14aR)-3,5,10,12-tetrahydroxy-5,12-dioxidooctahydro-2H,7H-difuro[3,2-d:3',2'-j][1,3,7,9,2,8]tetraoxadiphosphacyclododecine-2,9-diyl]bis(2-amino-1,9-dihydro-6H-purin-6-one)"
#
_entity_poly.entity_id   1
_entity_poly.type   'polypeptide(L)'
_entity_poly.pdbx_seq_one_letter_code
;MHHHHHHGSKKRIFIGSSSEQLTILNEIVDLLGDDVECIPWTDAFALNKSGLDSLIKQTRLADYSILIATKDDLTKQRGE
SLTKPRDNVVFEFGLFLGAAGPEKCYLIAEEDTDLPTDLDGITVAKFTRNSGQYNSLDKIVESIRTHLVKIAEMSQLGLL
PSTALAIGYYNSFIKRVCEEIHGSECVELEGKKIKVKSFRVDVVIPETLDDNGVGNFTTLYNKRYGLSKATTCTNPALLG
TRGFPFHFKVDPPDANQESPVDIHLLDIPSTLSTIVESLKLYLPSNQVGQDFDMDYLEMRELENFAKVLKYLIGRNAATK
GYVNVLTNVKL
;
_entity_poly.pdbx_strand_id   A,B,C,D,E,F
#
loop_
_chem_comp.id
_chem_comp.type
_chem_comp.name
_chem_comp.formula
C2E non-polymer 9,9'-[(2R,3R,3aS,5S,7aR,9R,10R,10aS,12S,14aR)-3,5,10,12-tetrahydroxy-5,12-dioxidooctahydro-2H,7H-difuro[3,2-d:3',2'-j][1,3,7,9,2,8]tetraoxadiphosphacyclododecine-2,9-diyl]bis(2-amino-1,9-dihydro-6H-purin-6-one) 'C20 H24 N10 O14 P2'
#
# COMPACT_ATOMS: atom_id res chain seq x y z
N LYS A 10 -1.23 16.15 18.83
CA LYS A 10 -0.49 16.07 17.57
C LYS A 10 -1.05 14.96 16.69
N LYS A 11 -1.61 13.93 17.32
CA LYS A 11 -2.17 12.80 16.58
C LYS A 11 -3.60 13.11 16.15
N ARG A 12 -3.88 12.90 14.87
CA ARG A 12 -5.19 13.20 14.30
C ARG A 12 -6.12 12.01 14.54
N ILE A 13 -7.34 12.28 14.97
CA ILE A 13 -8.25 11.24 15.42
C ILE A 13 -9.65 11.59 14.92
N PHE A 14 -10.14 10.85 13.93
CA PHE A 14 -11.50 11.06 13.43
C PHE A 14 -12.50 10.53 14.44
N ILE A 15 -13.18 11.43 15.14
CA ILE A 15 -14.29 11.06 16.00
C ILE A 15 -15.57 11.29 15.22
N GLY A 16 -16.38 10.25 15.09
CA GLY A 16 -17.62 10.34 14.35
C GLY A 16 -18.77 9.79 15.16
N SER A 17 -19.90 10.48 15.10
CA SER A 17 -21.08 10.09 15.86
C SER A 17 -22.31 10.56 15.09
N SER A 18 -23.45 10.63 15.77
CA SER A 18 -24.73 10.98 15.18
C SER A 18 -25.07 12.44 15.42
N SER A 19 -25.72 13.06 14.44
CA SER A 19 -26.08 14.47 14.53
C SER A 19 -26.91 14.79 15.76
N GLU A 20 -27.41 13.77 16.46
CA GLU A 20 -28.09 13.95 17.74
C GLU A 20 -27.18 13.70 18.93
N GLN A 21 -26.14 12.87 18.75
CA GLN A 21 -25.33 12.37 19.86
C GLN A 21 -24.08 13.23 20.01
N LEU A 22 -24.24 14.40 20.62
CA LEU A 22 -23.29 15.51 20.47
C LEU A 22 -22.41 15.74 21.68
N THR A 23 -22.99 15.93 22.87
CA THR A 23 -22.15 16.18 24.02
C THR A 23 -21.32 14.97 24.45
N ILE A 24 -21.69 13.75 24.05
CA ILE A 24 -20.78 12.61 24.22
C ILE A 24 -19.52 12.83 23.43
N LEU A 25 -19.62 13.50 22.29
CA LEU A 25 -18.44 13.75 21.50
C LEU A 25 -17.50 14.68 22.24
N ASN A 26 -18.02 15.77 22.83
CA ASN A 26 -17.20 16.57 23.74
C ASN A 26 -16.60 15.74 24.87
N GLU A 27 -17.38 14.89 25.56
CA GLU A 27 -16.77 14.19 26.70
C GLU A 27 -15.61 13.35 26.22
N ILE A 28 -15.79 12.64 25.10
CA ILE A 28 -14.71 11.78 24.62
C ILE A 28 -13.53 12.60 24.14
N VAL A 29 -13.77 13.78 23.56
CA VAL A 29 -12.65 14.61 23.14
C VAL A 29 -11.82 15.03 24.34
N ASP A 30 -12.49 15.47 25.41
CA ASP A 30 -11.78 15.83 26.63
C ASP A 30 -11.07 14.63 27.25
N LEU A 31 -11.75 13.48 27.31
CA LEU A 31 -11.19 12.30 27.96
C LEU A 31 -9.96 11.80 27.22
N LEU A 32 -9.99 11.85 25.89
CA LEU A 32 -8.82 11.46 25.12
C LEU A 32 -7.64 12.38 25.42
N GLY A 33 -7.91 13.59 25.87
CA GLY A 33 -6.89 14.48 26.37
C GLY A 33 -6.66 15.68 25.47
N ASP A 34 -5.47 16.26 25.61
CA ASP A 34 -5.08 17.47 24.90
C ASP A 34 -3.87 17.29 23.99
N ASP A 35 -3.09 16.23 24.18
CA ASP A 35 -1.89 16.05 23.37
C ASP A 35 -2.21 15.59 21.97
N VAL A 36 -3.33 14.89 21.78
CA VAL A 36 -3.78 14.44 20.46
C VAL A 36 -4.86 15.39 19.97
N GLU A 37 -4.88 15.60 18.66
CA GLU A 37 -5.90 16.44 18.01
C GLU A 37 -7.00 15.53 17.52
N CYS A 38 -8.17 15.62 18.15
CA CYS A 38 -9.31 14.78 17.84
C CYS A 38 -10.32 15.60 17.06
N ILE A 39 -10.32 15.45 15.74
CA ILE A 39 -11.20 16.21 14.86
C ILE A 39 -12.57 15.58 14.88
N PRO A 40 -13.63 16.32 15.24
CA PRO A 40 -14.98 15.75 15.15
C PRO A 40 -15.44 15.65 13.71
N TRP A 41 -16.47 14.83 13.50
CA TRP A 41 -17.12 14.75 12.20
C TRP A 41 -17.86 16.03 11.85
N THR A 42 -18.13 16.89 12.84
CA THR A 42 -18.84 18.13 12.56
C THR A 42 -18.06 19.03 11.61
N ASP A 43 -16.77 19.20 11.86
CA ASP A 43 -15.91 20.02 11.01
C ASP A 43 -15.12 19.19 10.00
N ALA A 44 -15.32 17.87 9.97
CA ALA A 44 -14.63 17.02 9.01
C ALA A 44 -15.19 17.16 7.60
N PHE A 45 -16.36 17.78 7.43
CA PHE A 45 -17.03 17.86 6.14
C PHE A 45 -16.61 19.15 5.45
N ALA A 46 -15.68 19.04 4.50
CA ALA A 46 -15.20 20.21 3.78
C ALA A 46 -16.28 20.75 2.85
N LEU A 47 -16.29 22.07 2.67
CA LEU A 47 -17.33 22.74 1.89
C LEU A 47 -17.22 22.40 0.41
N ASN A 48 -18.38 22.33 -0.24
CA ASN A 48 -18.47 22.06 -1.68
C ASN A 48 -17.91 20.69 -2.03
N LYS A 49 -18.04 19.75 -1.10
CA LYS A 49 -17.70 18.35 -1.32
C LYS A 49 -18.80 17.50 -0.70
N SER A 50 -18.98 16.31 -1.25
CA SER A 50 -20.05 15.43 -0.79
C SER A 50 -19.55 14.52 0.31
N GLY A 51 -20.47 14.09 1.18
CA GLY A 51 -20.09 13.57 2.47
C GLY A 51 -19.16 12.38 2.36
N LEU A 52 -19.53 11.41 1.53
CA LEU A 52 -18.67 10.25 1.30
C LEU A 52 -17.26 10.70 0.92
N ASP A 53 -17.16 11.72 0.06
CA ASP A 53 -15.85 12.09 -0.47
C ASP A 53 -14.97 12.64 0.62
N SER A 54 -15.50 13.57 1.43
CA SER A 54 -14.72 14.10 2.53
C SER A 54 -14.44 13.04 3.58
N LEU A 55 -15.34 12.08 3.77
CA LEU A 55 -15.08 11.01 4.72
C LEU A 55 -13.92 10.13 4.25
N ILE A 56 -13.88 9.82 2.96
CA ILE A 56 -12.73 9.09 2.42
C ILE A 56 -11.46 9.91 2.59
N LYS A 57 -11.55 11.23 2.37
CA LYS A 57 -10.36 12.05 2.60
C LYS A 57 -9.92 11.96 4.06
N GLN A 58 -10.88 11.95 4.99
CA GLN A 58 -10.55 11.87 6.40
C GLN A 58 -9.87 10.55 6.73
N THR A 59 -10.37 9.45 6.16
CA THR A 59 -9.66 8.19 6.30
C THR A 59 -8.23 8.34 5.81
N ARG A 60 -8.05 8.98 4.65
CA ARG A 60 -6.70 9.19 4.15
C ARG A 60 -5.86 10.02 5.11
N LEU A 61 -6.52 10.89 5.90
CA LEU A 61 -5.83 11.78 6.83
C LEU A 61 -5.86 11.25 8.26
N ALA A 62 -7.04 11.00 8.79
CA ALA A 62 -7.18 10.57 10.18
C ALA A 62 -6.40 9.28 10.41
N ASP A 63 -5.69 9.23 11.54
CA ASP A 63 -4.88 8.05 11.85
C ASP A 63 -5.73 6.97 12.50
N TYR A 64 -6.44 7.32 13.57
CA TYR A 64 -7.22 6.37 14.34
C TYR A 64 -8.68 6.79 14.27
N SER A 65 -9.56 5.88 14.66
CA SER A 65 -10.98 6.18 14.68
C SER A 65 -11.57 5.69 15.99
N ILE A 66 -12.52 6.45 16.54
CA ILE A 66 -13.25 6.09 17.76
C ILE A 66 -14.73 6.37 17.57
N LEU A 67 -15.36 5.76 16.57
CA LEU A 67 -16.76 6.09 16.34
C LEU A 67 -17.58 5.73 17.57
N ILE A 68 -18.82 6.23 17.61
CA ILE A 68 -19.70 6.08 18.75
C ILE A 68 -21.04 5.51 18.30
N ALA A 69 -21.24 4.22 18.51
CA ALA A 69 -22.54 3.59 18.27
C ALA A 69 -23.45 3.83 19.46
N THR A 70 -24.71 4.11 19.20
CA THR A 70 -25.64 4.47 20.26
C THR A 70 -27.03 3.93 19.92
N LYS A 71 -28.00 4.30 20.76
CA LYS A 71 -29.40 3.94 20.54
C LYS A 71 -30.09 5.01 19.72
N ASP A 72 -29.65 5.15 18.46
CA ASP A 72 -30.19 6.21 17.62
C ASP A 72 -31.49 5.81 16.94
N ASP A 73 -31.42 4.87 15.99
CA ASP A 73 -32.55 4.50 15.15
C ASP A 73 -33.10 3.13 15.51
N LEU A 74 -34.36 3.09 15.91
CA LEU A 74 -35.05 1.80 16.04
C LEU A 74 -35.23 1.23 14.65
N THR A 75 -35.49 -0.07 14.56
CA THR A 75 -35.49 -0.71 13.25
C THR A 75 -36.42 -1.93 13.28
N LYS A 76 -36.32 -2.75 12.23
CA LYS A 76 -37.13 -3.96 12.11
C LYS A 76 -36.33 -5.02 11.38
N GLN A 77 -35.86 -6.03 12.10
CA GLN A 77 -35.16 -7.15 11.46
C GLN A 77 -36.03 -8.40 11.50
N SER A 81 -38.38 -5.30 17.89
CA SER A 81 -37.71 -4.11 17.37
C SER A 81 -36.30 -4.01 17.93
N LEU A 82 -35.38 -3.54 17.09
CA LEU A 82 -33.96 -3.52 17.40
C LEU A 82 -33.49 -2.07 17.45
N THR A 83 -32.92 -1.67 18.59
CA THR A 83 -32.42 -0.31 18.78
C THR A 83 -30.99 -0.26 18.25
N LYS A 84 -30.88 -0.02 16.95
CA LYS A 84 -29.60 0.04 16.26
C LYS A 84 -29.04 1.46 16.29
N PRO A 85 -27.73 1.61 16.07
CA PRO A 85 -27.19 2.94 15.79
C PRO A 85 -27.62 3.42 14.42
N ARG A 86 -27.23 4.62 14.02
CA ARG A 86 -27.60 5.07 12.68
C ARG A 86 -26.85 4.25 11.64
N ASP A 87 -27.41 4.23 10.43
CA ASP A 87 -26.70 3.61 9.31
C ASP A 87 -25.41 4.36 9.04
N ASN A 88 -25.42 5.69 9.18
CA ASN A 88 -24.22 6.47 8.91
C ASN A 88 -23.09 6.06 9.84
N VAL A 89 -23.39 5.83 11.12
CA VAL A 89 -22.33 5.46 12.06
C VAL A 89 -21.70 4.13 11.66
N VAL A 90 -22.52 3.13 11.34
CA VAL A 90 -21.98 1.83 10.97
C VAL A 90 -21.26 1.91 9.64
N PHE A 91 -21.75 2.75 8.72
CA PHE A 91 -21.09 2.91 7.43
C PHE A 91 -19.71 3.52 7.61
N GLU A 92 -19.63 4.59 8.41
CA GLU A 92 -18.34 5.18 8.72
C GLU A 92 -17.42 4.18 9.42
N PHE A 93 -17.98 3.39 10.34
CA PHE A 93 -17.16 2.40 11.03
C PHE A 93 -16.56 1.41 10.07
N GLY A 94 -17.38 0.85 9.18
CA GLY A 94 -16.86 -0.09 8.20
C GLY A 94 -15.88 0.57 7.25
N LEU A 95 -16.16 1.81 6.84
CA LEU A 95 -15.29 2.50 5.91
C LEU A 95 -13.91 2.68 6.52
N PHE A 96 -13.84 3.09 7.79
CA PHE A 96 -12.56 3.25 8.46
C PHE A 96 -11.91 1.91 8.75
N LEU A 97 -12.71 0.88 9.06
CA LEU A 97 -12.16 -0.44 9.32
C LEU A 97 -11.45 -0.98 8.08
N GLY A 98 -12.09 -0.84 6.93
CA GLY A 98 -11.49 -1.27 5.67
C GLY A 98 -10.38 -0.34 5.20
N ALA A 99 -10.42 0.92 5.61
CA ALA A 99 -9.37 1.85 5.21
C ALA A 99 -8.17 1.75 6.14
N ALA A 100 -8.41 1.77 7.45
CA ALA A 100 -7.33 1.80 8.44
C ALA A 100 -6.99 0.39 8.93
N GLY A 101 -7.96 -0.29 9.54
CA GLY A 101 -7.72 -1.60 10.09
C GLY A 101 -8.43 -1.83 11.41
N PRO A 102 -8.52 -3.09 11.82
CA PRO A 102 -9.30 -3.40 13.03
C PRO A 102 -8.81 -2.69 14.29
N GLU A 103 -7.50 -2.53 14.45
CA GLU A 103 -6.95 -1.85 15.62
C GLU A 103 -6.52 -0.41 15.35
N LYS A 104 -6.87 0.14 14.19
CA LYS A 104 -6.81 1.58 13.96
C LYS A 104 -8.20 2.19 13.87
N CYS A 105 -9.24 1.40 14.13
CA CYS A 105 -10.60 1.90 14.19
C CYS A 105 -11.33 1.17 15.29
N TYR A 106 -12.04 1.91 16.13
CA TYR A 106 -12.70 1.37 17.32
C TYR A 106 -14.11 1.90 17.40
N LEU A 107 -14.97 1.13 18.05
CA LEU A 107 -16.39 1.45 18.19
C LEU A 107 -16.73 1.52 19.66
N ILE A 108 -17.32 2.63 20.08
CA ILE A 108 -17.78 2.85 21.45
C ILE A 108 -19.27 2.60 21.43
N ALA A 109 -19.69 1.40 21.83
CA ALA A 109 -21.09 1.04 21.89
C ALA A 109 -21.59 1.07 23.32
N GLU A 110 -22.83 1.52 23.50
CA GLU A 110 -23.43 1.58 24.82
C GLU A 110 -23.79 0.15 25.26
N GLU A 111 -24.50 0.04 26.38
CA GLU A 111 -24.83 -1.29 26.90
C GLU A 111 -25.64 -2.10 25.90
N ASP A 112 -26.61 -1.46 25.24
CA ASP A 112 -27.52 -2.16 24.32
C ASP A 112 -27.69 -1.30 23.07
N THR A 113 -26.92 -1.60 22.03
CA THR A 113 -27.12 -0.98 20.72
C THR A 113 -27.29 -2.00 19.61
N ASP A 114 -27.35 -3.29 19.95
CA ASP A 114 -27.61 -4.38 18.99
C ASP A 114 -26.97 -4.11 17.64
N LEU A 115 -25.64 -3.98 17.67
CA LEU A 115 -24.83 -3.71 16.50
C LEU A 115 -25.14 -4.72 15.41
N PRO A 116 -24.72 -4.47 14.17
CA PRO A 116 -24.92 -5.46 13.11
C PRO A 116 -24.39 -6.83 13.51
N THR A 117 -24.99 -7.87 12.95
CA THR A 117 -24.63 -9.24 13.29
C THR A 117 -23.41 -9.73 12.55
N ASP A 118 -22.81 -8.89 11.70
CA ASP A 118 -21.44 -9.12 11.29
C ASP A 118 -20.46 -8.75 12.38
N LEU A 119 -20.86 -7.88 13.30
CA LEU A 119 -20.07 -7.46 14.44
C LEU A 119 -20.41 -8.21 15.72
N ASP A 120 -21.36 -9.15 15.68
CA ASP A 120 -21.71 -9.86 16.90
C ASP A 120 -20.55 -10.70 17.38
N GLY A 121 -20.47 -10.86 18.71
CA GLY A 121 -19.41 -11.63 19.32
C GLY A 121 -18.04 -10.98 19.26
N ILE A 122 -17.94 -9.77 18.72
CA ILE A 122 -16.65 -9.08 18.58
C ILE A 122 -16.54 -8.02 19.67
N THR A 123 -15.32 -7.84 20.17
CA THR A 123 -15.06 -6.94 21.29
C THR A 123 -15.19 -5.49 20.83
N VAL A 124 -16.24 -4.82 21.30
CA VAL A 124 -16.44 -3.40 21.08
C VAL A 124 -16.40 -2.71 22.43
N ALA A 125 -15.64 -1.63 22.52
CA ALA A 125 -15.54 -0.90 23.77
C ALA A 125 -16.92 -0.45 24.23
N LYS A 126 -17.17 -0.57 25.52
CA LYS A 126 -18.48 -0.26 26.06
C LYS A 126 -18.59 1.24 26.38
N ASP A 138 -15.50 6.94 30.94
CA ASP A 138 -14.24 7.67 31.01
C ASP A 138 -13.05 6.72 31.11
N LYS A 139 -13.21 5.69 31.94
CA LYS A 139 -12.22 4.61 31.99
C LYS A 139 -12.21 3.79 30.70
N ILE A 140 -13.36 3.62 30.05
CA ILE A 140 -13.40 3.06 28.70
C ILE A 140 -12.53 3.89 27.75
N VAL A 141 -12.69 5.21 27.82
CA VAL A 141 -12.01 6.08 26.86
C VAL A 141 -10.51 6.06 27.08
N GLU A 142 -10.07 6.02 28.33
CA GLU A 142 -8.63 6.00 28.58
C GLU A 142 -8.04 4.63 28.28
N SER A 143 -8.81 3.55 28.42
CA SER A 143 -8.36 2.27 27.88
C SER A 143 -8.15 2.38 26.38
N ILE A 144 -9.09 3.02 25.68
CA ILE A 144 -8.93 3.22 24.24
C ILE A 144 -7.67 4.03 23.97
N ARG A 145 -7.44 5.06 24.77
CA ARG A 145 -6.25 5.90 24.60
C ARG A 145 -4.98 5.08 24.78
N THR A 146 -4.95 4.17 25.76
CA THR A 146 -3.79 3.30 25.92
C THR A 146 -3.61 2.42 24.69
N HIS A 147 -4.72 1.90 24.14
CA HIS A 147 -4.60 1.14 22.89
C HIS A 147 -3.98 2.00 21.79
N LEU A 148 -4.43 3.25 21.68
CA LEU A 148 -3.89 4.14 20.65
C LEU A 148 -2.40 4.36 20.86
N VAL A 149 -1.98 4.52 22.13
CA VAL A 149 -0.55 4.63 22.42
C VAL A 149 0.18 3.37 21.96
N LYS A 150 -0.43 2.20 22.15
CA LYS A 150 0.17 0.97 21.67
C LYS A 150 0.35 1.02 20.15
N ILE A 151 -0.74 1.31 19.43
CA ILE A 151 -0.73 1.25 17.98
C ILE A 151 0.14 2.36 17.39
N ALA A 152 0.52 3.34 18.20
CA ALA A 152 1.45 4.36 17.73
C ALA A 152 2.83 3.80 17.40
N GLU A 153 3.29 2.75 18.10
CA GLU A 153 4.64 2.24 17.83
C GLU A 153 4.64 0.96 17.01
N MET A 154 3.48 0.48 16.56
CA MET A 154 3.44 -0.53 15.52
C MET A 154 3.28 0.12 14.16
N SER A 155 3.24 -0.70 13.12
CA SER A 155 3.19 -0.24 11.74
C SER A 155 2.36 -1.23 10.94
N GLN A 156 1.31 -0.74 10.30
CA GLN A 156 0.45 -1.55 9.46
C GLN A 156 0.79 -1.36 8.00
N LEU A 157 0.39 -2.32 7.18
CA LEU A 157 0.38 -2.09 5.75
C LEU A 157 -0.58 -0.94 5.44
N GLY A 158 -0.11 0.01 4.64
CA GLY A 158 -0.91 1.17 4.32
C GLY A 158 -1.19 1.28 2.85
N LEU A 159 -2.24 2.03 2.49
CA LEU A 159 -2.56 2.22 1.09
C LEU A 159 -1.38 2.83 0.35
N LEU A 160 -0.75 3.84 0.95
CA LEU A 160 0.51 4.36 0.44
C LEU A 160 1.66 3.70 1.16
N PRO A 161 2.62 3.10 0.45
CA PRO A 161 3.52 2.13 1.07
C PRO A 161 4.64 2.74 1.90
N SER A 162 4.39 3.03 3.17
CA SER A 162 5.44 3.53 4.05
C SER A 162 6.10 2.41 4.84
N THR A 163 5.32 1.43 5.32
CA THR A 163 5.94 0.26 5.94
C THR A 163 6.43 -0.73 4.90
N ALA A 164 5.70 -0.89 3.80
CA ALA A 164 6.11 -1.83 2.77
C ALA A 164 7.42 -1.38 2.13
N LEU A 165 7.54 -0.08 1.85
CA LEU A 165 8.79 0.43 1.29
C LEU A 165 9.93 0.29 2.28
N ALA A 166 9.65 0.47 3.58
CA ALA A 166 10.69 0.24 4.58
C ALA A 166 11.14 -1.22 4.60
N ILE A 167 10.18 -2.14 4.52
CA ILE A 167 10.52 -3.57 4.50
C ILE A 167 11.37 -3.87 3.28
N GLY A 168 10.98 -3.35 2.12
CA GLY A 168 11.75 -3.58 0.92
C GLY A 168 13.13 -2.98 0.99
N TYR A 169 13.24 -1.76 1.53
CA TYR A 169 14.54 -1.12 1.69
C TYR A 169 15.44 -1.91 2.62
N TYR A 170 14.90 -2.43 3.71
CA TYR A 170 15.69 -3.18 4.67
C TYR A 170 16.14 -4.51 4.09
N ASN A 171 15.21 -5.28 3.54
CA ASN A 171 15.54 -6.61 3.05
C ASN A 171 16.36 -6.54 1.77
N SER A 172 16.22 -5.47 1.00
CA SER A 172 16.87 -5.36 -0.29
C SER A 172 18.17 -4.57 -0.25
N PHE A 173 18.29 -3.56 0.62
CA PHE A 173 19.48 -2.74 0.69
C PHE A 173 20.23 -2.91 2.00
N ILE A 174 19.57 -2.67 3.14
CA ILE A 174 20.32 -2.53 4.39
C ILE A 174 20.75 -3.88 4.91
N LYS A 175 19.82 -4.83 5.00
CA LYS A 175 20.23 -6.19 5.34
C LYS A 175 21.24 -6.73 4.34
N ARG A 176 20.98 -6.54 3.05
CA ARG A 176 21.91 -7.00 2.03
C ARG A 176 23.28 -6.37 2.21
N VAL A 177 23.33 -5.04 2.36
CA VAL A 177 24.63 -4.36 2.41
C VAL A 177 25.37 -4.73 3.69
N CYS A 178 24.67 -4.73 4.81
CA CYS A 178 25.33 -5.11 6.06
C CYS A 178 25.86 -6.54 5.99
N GLU A 179 25.07 -7.47 5.45
CA GLU A 179 25.55 -8.84 5.32
C GLU A 179 26.75 -8.91 4.39
N GLU A 180 26.71 -8.17 3.28
CA GLU A 180 27.81 -8.17 2.33
C GLU A 180 29.09 -7.69 3.00
N ILE A 181 29.01 -6.58 3.74
CA ILE A 181 30.20 -6.01 4.35
C ILE A 181 30.70 -6.92 5.46
N HIS A 182 29.81 -7.42 6.31
CA HIS A 182 30.23 -8.36 7.34
C HIS A 182 30.86 -9.60 6.73
N GLY A 183 30.44 -9.98 5.53
CA GLY A 183 31.00 -11.15 4.88
C GLY A 183 32.39 -10.86 4.35
N SER A 184 32.50 -10.00 3.35
CA SER A 184 33.80 -9.78 2.73
C SER A 184 34.65 -8.80 3.53
N GLU A 185 34.06 -8.00 4.41
CA GLU A 185 34.77 -6.98 5.16
C GLU A 185 35.53 -6.01 4.26
N CYS A 186 35.12 -5.92 3.00
CA CYS A 186 35.82 -5.13 2.00
C CYS A 186 34.80 -4.63 0.99
N VAL A 187 35.05 -3.44 0.45
CA VAL A 187 34.14 -2.82 -0.50
C VAL A 187 34.96 -2.27 -1.66
N GLU A 188 34.36 -2.22 -2.83
CA GLU A 188 35.08 -2.04 -4.09
C GLU A 188 34.69 -0.71 -4.72
N LEU A 189 35.70 0.08 -5.09
CA LEU A 189 35.47 1.36 -5.74
C LEU A 189 36.54 1.60 -6.80
N GLU A 190 36.10 1.86 -8.02
CA GLU A 190 36.93 1.80 -9.23
C GLU A 190 37.95 0.67 -9.14
N GLY A 191 37.44 -0.54 -8.90
CA GLY A 191 38.24 -1.74 -8.87
C GLY A 191 39.16 -1.89 -7.67
N LYS A 192 39.34 -0.84 -6.89
CA LYS A 192 40.15 -0.92 -5.67
C LYS A 192 39.31 -1.57 -4.58
N LYS A 193 39.80 -2.70 -4.06
CA LYS A 193 39.12 -3.39 -2.96
C LYS A 193 39.63 -2.82 -1.65
N ILE A 194 39.00 -1.75 -1.19
CA ILE A 194 39.40 -1.13 0.07
C ILE A 194 38.82 -1.93 1.22
N LYS A 195 39.55 -1.99 2.32
CA LYS A 195 39.24 -2.91 3.41
C LYS A 195 38.37 -2.20 4.42
N VAL A 196 37.41 -2.92 4.97
CA VAL A 196 36.48 -2.40 5.97
C VAL A 196 36.82 -3.06 7.30
N LYS A 197 37.54 -2.33 8.15
CA LYS A 197 37.83 -2.79 9.49
C LYS A 197 36.63 -2.60 10.41
N SER A 198 36.13 -1.38 10.50
CA SER A 198 34.92 -1.05 11.22
C SER A 198 33.84 -0.64 10.24
N PHE A 199 32.64 -1.18 10.45
CA PHE A 199 31.49 -0.93 9.58
C PHE A 199 30.38 -0.28 10.39
N ARG A 200 29.62 0.58 9.71
CA ARG A 200 28.41 1.16 10.27
C ARG A 200 27.72 2.06 9.26
N VAL A 201 26.39 2.18 9.36
CA VAL A 201 25.62 2.89 8.35
C VAL A 201 24.60 3.79 9.03
N ASP A 202 24.24 4.86 8.34
CA ASP A 202 23.19 5.77 8.77
C ASP A 202 22.14 5.90 7.67
N VAL A 203 20.88 5.98 8.06
CA VAL A 203 19.78 6.11 7.13
C VAL A 203 19.27 7.53 7.29
N VAL A 204 19.46 8.34 6.26
CA VAL A 204 19.17 9.77 6.31
C VAL A 204 17.79 9.98 5.71
N ILE A 205 16.79 10.18 6.56
CA ILE A 205 15.44 10.46 6.13
C ILE A 205 15.29 11.98 6.06
N PRO A 206 15.03 12.56 4.88
CA PRO A 206 14.87 14.01 4.80
C PRO A 206 13.67 14.47 5.60
N GLU A 207 13.75 15.69 6.12
CA GLU A 207 12.65 16.24 6.91
C GLU A 207 11.40 16.36 6.04
N THR A 208 11.56 16.82 4.81
CA THR A 208 10.45 16.97 3.88
C THR A 208 10.80 16.23 2.60
N LEU A 209 9.77 15.70 1.94
CA LEU A 209 9.94 14.92 0.73
C LEU A 209 9.98 15.87 -0.47
N ASP A 210 11.09 15.82 -1.21
CA ASP A 210 11.22 16.65 -2.40
C ASP A 210 10.18 16.25 -3.43
N ASP A 211 9.70 17.26 -4.19
CA ASP A 211 8.69 17.01 -5.21
C ASP A 211 9.17 16.00 -6.24
N ASN A 212 10.37 16.20 -6.76
CA ASN A 212 10.98 15.30 -7.74
C ASN A 212 11.40 13.99 -7.14
N GLY A 213 11.04 13.70 -5.89
CA GLY A 213 11.66 12.65 -5.14
C GLY A 213 13.00 13.09 -4.58
N VAL A 214 13.66 12.17 -3.90
CA VAL A 214 14.78 12.55 -3.03
C VAL A 214 16.07 12.56 -3.84
N GLY A 215 15.95 12.53 -5.16
CA GLY A 215 17.14 12.55 -5.99
C GLY A 215 17.93 13.84 -5.85
N ASN A 216 17.23 14.98 -5.89
CA ASN A 216 17.93 16.26 -5.78
C ASN A 216 18.48 16.46 -4.36
N PHE A 217 17.70 16.11 -3.34
CA PHE A 217 18.23 16.17 -1.98
C PHE A 217 19.40 15.23 -1.81
N THR A 218 19.32 14.04 -2.40
CA THR A 218 20.43 13.09 -2.30
C THR A 218 21.70 13.64 -2.94
N THR A 219 21.59 14.22 -4.14
CA THR A 219 22.78 14.78 -4.76
C THR A 219 23.32 15.96 -3.98
N LEU A 220 22.45 16.85 -3.50
CA LEU A 220 22.87 17.95 -2.65
C LEU A 220 23.68 17.42 -1.46
N TYR A 221 23.15 16.41 -0.78
CA TYR A 221 23.75 15.96 0.47
C TYR A 221 25.04 15.19 0.20
N ASN A 222 25.10 14.44 -0.90
CA ASN A 222 26.35 13.81 -1.32
C ASN A 222 27.41 14.86 -1.69
N LYS A 223 26.99 15.98 -2.28
CA LYS A 223 27.92 17.03 -2.64
C LYS A 223 28.46 17.73 -1.41
N ARG A 224 27.58 18.05 -0.45
CA ARG A 224 27.98 18.78 0.73
C ARG A 224 29.12 18.05 1.44
N TYR A 225 28.87 16.83 1.88
CA TYR A 225 29.90 16.06 2.54
C TYR A 225 30.71 15.28 1.50
N GLY A 226 31.81 14.68 1.95
CA GLY A 226 32.60 13.88 1.05
C GLY A 226 32.10 12.46 0.93
N LEU A 227 30.88 12.29 0.41
CA LEU A 227 30.26 10.98 0.33
C LEU A 227 30.62 10.38 -1.02
N SER A 228 31.57 9.45 -1.01
CA SER A 228 32.10 8.85 -2.23
C SER A 228 31.40 7.52 -2.52
N LYS A 229 31.29 7.20 -3.81
CA LYS A 229 30.63 5.98 -4.23
C LYS A 229 31.46 4.75 -3.90
N ALA A 230 30.77 3.66 -3.61
CA ALA A 230 31.42 2.37 -3.36
C ALA A 230 30.38 1.27 -3.48
N THR A 231 30.79 0.15 -4.06
CA THR A 231 29.89 -0.96 -4.35
C THR A 231 30.26 -2.16 -3.49
N THR A 232 29.25 -2.89 -3.04
CA THR A 232 29.50 -4.13 -2.32
C THR A 232 30.23 -5.10 -3.24
N CYS A 233 31.30 -5.71 -2.72
CA CYS A 233 32.08 -6.63 -3.53
C CYS A 233 31.24 -7.85 -3.91
N THR A 234 31.35 -8.25 -5.17
CA THR A 234 30.62 -9.41 -5.69
C THR A 234 31.64 -10.48 -6.05
N ASN A 235 31.59 -11.60 -5.34
CA ASN A 235 32.48 -12.71 -5.63
C ASN A 235 32.12 -13.34 -6.96
N PRO A 236 33.09 -13.89 -7.69
CA PRO A 236 32.78 -14.48 -8.99
C PRO A 236 31.88 -15.69 -8.92
N ALA A 237 31.80 -16.35 -7.75
CA ALA A 237 30.94 -17.53 -7.65
C ALA A 237 29.48 -17.17 -7.91
N LEU A 238 29.03 -16.04 -7.40
CA LEU A 238 27.62 -15.65 -7.47
C LEU A 238 27.46 -14.81 -8.73
N LEU A 239 27.27 -15.48 -9.86
CA LEU A 239 27.31 -14.81 -11.16
C LEU A 239 26.01 -14.09 -11.51
N GLY A 240 24.96 -14.25 -10.71
CA GLY A 240 23.69 -13.64 -11.01
C GLY A 240 23.22 -12.74 -9.89
N THR A 241 24.17 -12.06 -9.25
CA THR A 241 23.89 -11.11 -8.18
C THR A 241 24.54 -9.79 -8.54
N ARG A 242 23.88 -8.70 -8.17
CA ARG A 242 24.35 -7.36 -8.45
C ARG A 242 24.78 -6.69 -7.16
N GLY A 243 25.87 -5.93 -7.22
CA GLY A 243 26.30 -5.18 -6.08
C GLY A 243 25.40 -3.99 -5.83
N PHE A 244 25.62 -3.34 -4.69
CA PHE A 244 24.83 -2.17 -4.28
C PHE A 244 25.74 -0.96 -4.24
N PRO A 245 25.81 -0.18 -5.32
CA PRO A 245 26.51 1.11 -5.24
C PRO A 245 25.82 2.01 -4.22
N PHE A 246 26.62 2.59 -3.34
CA PHE A 246 26.13 3.46 -2.29
C PHE A 246 27.16 4.56 -2.07
N HIS A 247 26.89 5.41 -1.09
CA HIS A 247 27.76 6.53 -0.76
C HIS A 247 28.20 6.40 0.68
N PHE A 248 29.52 6.50 0.90
CA PHE A 248 30.12 6.29 2.20
C PHE A 248 31.04 7.47 2.52
N LYS A 249 31.66 7.40 3.69
CA LYS A 249 32.41 8.52 4.24
C LYS A 249 33.59 8.02 5.07
N PRO A 260 42.13 -1.09 5.85
CA PRO A 260 41.20 -1.38 6.93
C PRO A 260 40.79 -0.12 7.69
N VAL A 261 39.67 0.47 7.30
CA VAL A 261 39.31 1.81 7.75
C VAL A 261 37.89 1.80 8.28
N ASP A 262 37.63 2.71 9.22
CA ASP A 262 36.27 2.97 9.70
C ASP A 262 35.48 3.73 8.64
N ILE A 263 34.56 3.05 7.98
CA ILE A 263 33.69 3.70 7.00
C ILE A 263 32.43 4.18 7.70
N HIS A 264 32.11 5.46 7.48
CA HIS A 264 30.99 6.13 8.13
C HIS A 264 29.78 6.13 7.20
N LEU A 265 29.40 4.92 6.79
CA LEU A 265 28.47 4.75 5.70
C LEU A 265 27.14 5.42 6.02
N LEU A 266 26.49 5.95 4.99
CA LEU A 266 25.19 6.55 5.19
C LEU A 266 24.57 6.84 3.83
N ASP A 267 23.25 6.77 3.78
CA ASP A 267 22.55 6.92 2.51
C ASP A 267 21.14 7.42 2.78
N ILE A 268 20.59 8.12 1.78
CA ILE A 268 19.17 8.50 1.78
C ILE A 268 18.43 7.39 1.07
N PRO A 269 17.38 6.80 1.65
CA PRO A 269 16.64 5.77 0.94
C PRO A 269 15.94 6.36 -0.28
N SER A 270 16.34 5.90 -1.47
CA SER A 270 15.77 6.44 -2.69
C SER A 270 14.30 6.07 -2.79
N THR A 271 13.90 4.94 -2.20
CA THR A 271 12.52 4.51 -2.27
C THR A 271 11.55 5.60 -1.84
N LEU A 272 12.03 6.58 -1.07
CA LEU A 272 11.15 7.66 -0.62
C LEU A 272 10.49 8.37 -1.79
N SER A 273 11.17 8.43 -2.93
CA SER A 273 10.58 9.08 -4.10
C SER A 273 9.23 8.45 -4.42
N THR A 274 9.14 7.12 -4.33
CA THR A 274 7.88 6.43 -4.56
C THR A 274 6.77 7.06 -3.71
N ILE A 275 7.04 7.28 -2.42
CA ILE A 275 6.05 7.87 -1.54
C ILE A 275 5.42 9.09 -2.21
N VAL A 276 6.26 9.97 -2.74
CA VAL A 276 5.75 11.17 -3.40
C VAL A 276 4.67 10.79 -4.40
N GLU A 277 5.03 9.97 -5.38
CA GLU A 277 4.03 9.45 -6.32
C GLU A 277 2.79 8.99 -5.56
N SER A 278 2.95 8.02 -4.65
CA SER A 278 1.79 7.44 -4.00
C SER A 278 0.94 8.53 -3.36
N LEU A 279 1.59 9.56 -2.81
CA LEU A 279 0.86 10.60 -2.10
C LEU A 279 -0.23 11.18 -2.98
N LYS A 280 0.09 11.46 -4.25
CA LYS A 280 -0.94 11.98 -5.14
C LYS A 280 -2.01 10.92 -5.38
N LEU A 281 -1.60 9.70 -5.74
CA LEU A 281 -2.56 8.62 -5.83
C LEU A 281 -3.22 8.32 -4.50
N TYR A 282 -2.71 8.88 -3.41
CA TYR A 282 -3.41 8.91 -2.13
C TYR A 282 -4.34 10.11 -2.04
N LEU A 283 -3.82 11.31 -2.33
CA LEU A 283 -4.52 12.57 -2.07
C LEU A 283 -4.40 13.46 -3.29
N PRO A 284 -5.11 13.13 -4.38
CA PRO A 284 -5.12 14.01 -5.55
C PRO A 284 -5.77 15.35 -5.22
N SER A 285 -5.24 16.42 -5.81
CA SER A 285 -5.76 17.74 -5.56
C SER A 285 -5.29 18.69 -6.66
N ASN A 286 -6.21 19.54 -7.11
CA ASN A 286 -5.97 20.47 -8.20
C ASN A 286 -5.24 21.75 -7.76
N GLN A 287 -4.64 21.76 -6.57
CA GLN A 287 -4.21 23.00 -5.93
C GLN A 287 -2.70 22.98 -5.74
N VAL A 288 -2.05 24.08 -6.10
CA VAL A 288 -0.60 24.21 -6.04
C VAL A 288 -0.28 25.15 -4.89
N GLY A 289 0.29 24.61 -3.82
CA GLY A 289 0.58 25.42 -2.65
C GLY A 289 0.84 24.54 -1.44
N GLN A 290 1.01 25.21 -0.31
CA GLN A 290 1.40 24.57 0.94
C GLN A 290 0.14 24.06 1.62
N ASP A 291 -0.05 22.75 1.60
CA ASP A 291 -1.22 22.11 2.19
C ASP A 291 -0.83 21.46 3.51
N PHE A 292 -1.56 21.80 4.57
CA PHE A 292 -1.29 21.23 5.87
C PHE A 292 -1.65 19.75 5.89
N ASP A 293 -2.77 19.38 5.27
CA ASP A 293 -3.14 17.97 5.22
C ASP A 293 -2.00 17.15 4.61
N MET A 294 -1.46 17.62 3.48
CA MET A 294 -0.36 16.91 2.84
C MET A 294 0.90 16.94 3.70
N ASP A 295 1.21 18.08 4.30
CA ASP A 295 2.40 18.15 5.14
C ASP A 295 2.33 17.15 6.29
N TYR A 296 1.18 17.07 6.95
CA TYR A 296 0.98 16.12 8.04
C TYR A 296 1.07 14.69 7.53
N LEU A 297 0.41 14.41 6.41
CA LEU A 297 0.40 13.06 5.86
C LEU A 297 1.80 12.61 5.50
N GLU A 298 2.50 13.43 4.73
CA GLU A 298 3.86 13.15 4.29
C GLU A 298 4.82 13.02 5.46
N MET A 299 4.71 13.89 6.46
CA MET A 299 5.53 13.73 7.67
C MET A 299 5.20 12.45 8.41
N ARG A 300 3.92 12.07 8.51
CA ARG A 300 3.59 10.84 9.19
C ARG A 300 4.18 9.65 8.46
N GLU A 301 4.14 9.67 7.12
CA GLU A 301 4.67 8.53 6.38
C GLU A 301 6.18 8.46 6.52
N LEU A 302 6.86 9.60 6.58
CA LEU A 302 8.29 9.59 6.87
C LEU A 302 8.58 9.01 8.26
N GLU A 303 7.79 9.41 9.25
CA GLU A 303 7.93 8.84 10.58
C GLU A 303 7.69 7.34 10.59
N ASN A 304 6.65 6.88 9.89
CA ASN A 304 6.35 5.46 9.86
C ASN A 304 7.46 4.67 9.17
N PHE A 305 8.01 5.22 8.09
CA PHE A 305 9.15 4.58 7.44
C PHE A 305 10.32 4.46 8.41
N ALA A 306 10.66 5.55 9.10
CA ALA A 306 11.79 5.51 10.01
C ALA A 306 11.52 4.57 11.18
N LYS A 307 10.28 4.54 11.67
CA LYS A 307 9.92 3.64 12.76
C LYS A 307 10.08 2.18 12.35
N VAL A 308 9.56 1.83 11.18
CA VAL A 308 9.68 0.46 10.70
C VAL A 308 11.14 0.08 10.55
N LEU A 309 11.94 0.98 9.95
CA LEU A 309 13.34 0.66 9.76
C LEU A 309 14.06 0.52 11.10
N LYS A 310 13.78 1.41 12.05
CA LYS A 310 14.44 1.35 13.35
C LYS A 310 14.06 0.09 14.11
N TYR A 311 12.82 -0.40 13.92
CA TYR A 311 12.46 -1.67 14.53
C TYR A 311 13.13 -2.83 13.82
N LEU A 312 13.21 -2.78 12.49
CA LEU A 312 13.76 -3.88 11.73
C LEU A 312 15.27 -3.96 11.85
N ILE A 313 15.94 -2.92 12.34
CA ILE A 313 17.38 -3.02 12.56
C ILE A 313 17.69 -3.73 13.87
N GLY A 314 16.90 -3.50 14.92
CA GLY A 314 17.01 -4.34 16.09
C GLY A 314 16.45 -5.74 15.88
N ARG A 315 15.69 -5.92 14.82
CA ARG A 315 15.15 -7.21 14.39
C ARG A 315 16.24 -8.17 13.90
N ASN A 316 17.45 -7.69 13.65
CA ASN A 316 18.49 -8.51 13.04
C ASN A 316 19.82 -8.20 13.71
N ALA A 317 20.68 -9.22 13.76
CA ALA A 317 22.01 -9.05 14.34
C ALA A 317 22.96 -8.29 13.42
N ALA A 318 22.99 -8.63 12.13
CA ALA A 318 23.94 -7.99 11.23
C ALA A 318 23.66 -6.51 11.06
N THR A 319 22.47 -6.04 11.44
CA THR A 319 22.12 -4.64 11.35
C THR A 319 21.69 -4.09 12.70
N LYS A 320 22.46 -4.40 13.75
CA LYS A 320 22.16 -3.94 15.10
C LYS A 320 23.40 -3.23 15.63
N GLY A 321 23.26 -1.94 15.95
CA GLY A 321 24.40 -1.15 16.38
C GLY A 321 25.22 -0.68 15.20
N TYR A 322 25.15 -1.41 14.09
CA TYR A 322 25.87 -1.06 12.88
C TYR A 322 25.03 -0.19 11.96
N VAL A 323 23.84 0.20 12.39
CA VAL A 323 22.88 0.92 11.56
C VAL A 323 22.08 1.86 12.46
N ASN A 324 22.02 3.13 12.08
CA ASN A 324 21.32 4.16 12.84
C ASN A 324 20.42 4.91 11.88
N VAL A 325 19.43 5.61 12.43
CA VAL A 325 18.45 6.35 11.64
C VAL A 325 18.51 7.81 12.05
N LEU A 326 18.93 8.66 11.12
CA LEU A 326 18.97 10.11 11.32
C LEU A 326 17.71 10.76 10.72
N THR A 327 16.58 10.48 11.36
CA THR A 327 15.31 10.97 10.85
C THR A 327 15.27 12.51 10.89
N ASN A 328 14.55 13.08 9.93
CA ASN A 328 14.35 14.53 9.82
C ASN A 328 15.67 15.31 9.76
N VAL A 329 16.40 15.09 8.68
CA VAL A 329 17.65 15.80 8.41
C VAL A 329 17.37 16.98 7.48
N LYS A 330 17.95 18.13 7.80
CA LYS A 330 17.76 19.36 7.03
C LYS A 330 16.29 19.67 6.86
N LYS B 10 -12.87 -15.19 -14.17
CA LYS B 10 -11.71 -15.30 -13.31
C LYS B 10 -11.79 -14.28 -12.18
N LYS B 11 -11.88 -13.00 -12.52
CA LYS B 11 -11.84 -11.92 -11.54
C LYS B 11 -12.86 -12.20 -10.44
N ARG B 12 -12.40 -12.23 -9.18
CA ARG B 12 -13.26 -12.61 -8.07
C ARG B 12 -14.11 -11.42 -7.65
N ILE B 13 -15.43 -11.61 -7.64
CA ILE B 13 -16.37 -10.53 -7.33
C ILE B 13 -17.23 -10.95 -6.15
N PHE B 14 -17.16 -10.18 -5.06
CA PHE B 14 -17.91 -10.46 -3.84
C PHE B 14 -19.28 -9.80 -3.91
N ILE B 15 -20.33 -10.62 -4.01
CA ILE B 15 -21.70 -10.13 -4.06
C ILE B 15 -22.26 -10.23 -2.64
N GLY B 16 -22.43 -9.09 -1.96
CA GLY B 16 -22.94 -9.06 -0.61
C GLY B 16 -24.38 -8.57 -0.59
N SER B 17 -25.25 -9.35 0.06
CA SER B 17 -26.66 -9.00 0.18
C SER B 17 -27.23 -9.70 1.41
N SER B 18 -28.40 -9.23 1.84
CA SER B 18 -29.06 -9.83 2.99
C SER B 18 -29.57 -11.23 2.68
N SER B 19 -29.81 -12.00 3.75
CA SER B 19 -30.20 -13.40 3.58
C SER B 19 -31.50 -13.57 2.80
N GLU B 20 -32.42 -12.62 2.90
CA GLU B 20 -33.65 -12.73 2.14
C GLU B 20 -33.50 -12.31 0.68
N GLN B 21 -32.45 -11.60 0.34
CA GLN B 21 -32.20 -11.22 -1.05
C GLN B 21 -31.30 -12.24 -1.74
N LEU B 22 -31.68 -13.50 -1.68
CA LEU B 22 -30.87 -14.59 -2.20
C LEU B 22 -31.22 -14.99 -3.62
N THR B 23 -32.26 -14.41 -4.21
CA THR B 23 -32.56 -14.63 -5.62
C THR B 23 -32.02 -13.53 -6.52
N ILE B 24 -32.02 -12.28 -6.05
CA ILE B 24 -31.34 -11.23 -6.79
C ILE B 24 -29.86 -11.55 -6.89
N LEU B 25 -29.28 -12.06 -5.81
CA LEU B 25 -27.86 -12.38 -5.84
C LEU B 25 -27.54 -13.25 -7.05
N ASN B 26 -28.19 -14.41 -7.12
CA ASN B 26 -27.93 -15.38 -8.18
C ASN B 26 -28.37 -14.87 -9.55
N GLU B 27 -29.36 -13.99 -9.61
CA GLU B 27 -29.64 -13.32 -10.88
C GLU B 27 -28.45 -12.45 -11.30
N ILE B 28 -27.89 -11.66 -10.38
CA ILE B 28 -26.75 -10.83 -10.74
C ILE B 28 -25.56 -11.70 -11.11
N VAL B 29 -25.46 -12.88 -10.52
CA VAL B 29 -24.45 -13.85 -10.91
C VAL B 29 -24.63 -14.24 -12.37
N ASP B 30 -25.87 -14.53 -12.76
CA ASP B 30 -26.16 -14.84 -14.16
C ASP B 30 -25.84 -13.65 -15.08
N LEU B 31 -26.26 -12.44 -14.70
CA LEU B 31 -26.11 -11.30 -15.61
C LEU B 31 -24.65 -11.05 -15.96
N LEU B 32 -23.72 -11.37 -15.06
CA LEU B 32 -22.32 -11.26 -15.42
C LEU B 32 -21.63 -12.60 -15.25
N GLY B 33 -22.24 -13.63 -15.85
CA GLY B 33 -21.69 -14.97 -15.79
C GLY B 33 -20.54 -15.15 -16.77
N ASP B 34 -19.62 -16.04 -16.41
CA ASP B 34 -18.41 -16.32 -17.19
C ASP B 34 -17.40 -15.20 -17.05
N ASP B 35 -16.12 -15.53 -17.26
CA ASP B 35 -14.93 -14.65 -17.18
C ASP B 35 -14.88 -13.87 -15.88
N VAL B 36 -15.62 -14.33 -14.87
CA VAL B 36 -15.67 -13.69 -13.54
C VAL B 36 -16.02 -14.79 -12.54
N GLU B 37 -15.32 -14.78 -11.41
CA GLU B 37 -15.59 -15.72 -10.32
C GLU B 37 -16.43 -15.05 -9.24
N CYS B 38 -17.72 -14.93 -9.56
CA CYS B 38 -18.69 -14.38 -8.63
C CYS B 38 -18.72 -15.22 -7.36
N ILE B 39 -18.24 -14.70 -6.25
CA ILE B 39 -18.33 -15.41 -4.98
C ILE B 39 -19.38 -14.67 -4.15
N PRO B 40 -20.43 -15.34 -3.69
CA PRO B 40 -21.41 -14.67 -2.84
C PRO B 40 -20.93 -14.59 -1.40
N TRP B 41 -21.67 -13.80 -0.62
CA TRP B 41 -21.42 -13.72 0.81
C TRP B 41 -21.78 -15.01 1.53
N THR B 42 -22.56 -15.89 0.89
CA THR B 42 -22.99 -17.13 1.52
C THR B 42 -21.83 -18.10 1.69
N ASP B 43 -21.03 -18.26 0.63
CA ASP B 43 -19.85 -19.11 0.67
C ASP B 43 -18.58 -18.32 0.95
N ALA B 44 -18.71 -17.04 1.31
CA ALA B 44 -17.57 -16.20 1.65
C ALA B 44 -17.21 -16.24 3.13
N PHE B 45 -17.91 -17.05 3.92
CA PHE B 45 -17.71 -17.14 5.36
C PHE B 45 -17.03 -18.47 5.67
N ALA B 46 -15.80 -18.41 6.16
CA ALA B 46 -15.08 -19.61 6.53
C ALA B 46 -15.58 -20.14 7.87
N LEU B 47 -15.48 -21.46 8.05
CA LEU B 47 -15.97 -22.09 9.25
C LEU B 47 -15.11 -21.76 10.46
N ASN B 48 -15.75 -21.69 11.62
CA ASN B 48 -15.07 -21.42 12.89
C ASN B 48 -14.32 -20.09 12.83
N LYS B 49 -14.89 -19.11 12.14
CA LYS B 49 -14.30 -17.80 12.02
C LYS B 49 -15.38 -16.75 12.23
N SER B 50 -14.99 -15.62 12.82
CA SER B 50 -15.92 -14.52 13.03
C SER B 50 -16.35 -13.94 11.68
N GLY B 51 -17.61 -13.53 11.61
CA GLY B 51 -18.11 -12.96 10.37
C GLY B 51 -17.32 -11.76 9.93
N LEU B 52 -16.94 -10.90 10.88
CA LEU B 52 -16.13 -9.74 10.53
C LEU B 52 -14.78 -10.17 9.98
N ASP B 53 -14.20 -11.21 10.55
CA ASP B 53 -12.92 -11.70 10.06
C ASP B 53 -13.03 -12.16 8.62
N SER B 54 -14.05 -12.95 8.31
CA SER B 54 -14.24 -13.44 6.94
C SER B 54 -14.52 -12.28 5.99
N LEU B 55 -15.30 -11.30 6.43
CA LEU B 55 -15.60 -10.16 5.58
C LEU B 55 -14.33 -9.37 5.26
N ILE B 56 -13.55 -9.04 6.29
CA ILE B 56 -12.27 -8.37 6.06
C ILE B 56 -11.41 -9.22 5.14
N LYS B 57 -11.52 -10.55 5.24
CA LYS B 57 -10.56 -11.41 4.55
C LYS B 57 -10.88 -11.45 3.07
N GLN B 58 -12.18 -11.54 2.75
CA GLN B 58 -12.61 -11.41 1.36
C GLN B 58 -12.26 -10.03 0.81
N THR B 59 -12.47 -8.99 1.62
CA THR B 59 -12.01 -7.66 1.23
C THR B 59 -10.57 -7.68 0.76
N ARG B 60 -9.76 -8.61 1.29
CA ARG B 60 -8.37 -8.75 0.91
C ARG B 60 -8.16 -9.75 -0.22
N LEU B 61 -9.23 -10.39 -0.69
CA LEU B 61 -9.17 -11.30 -1.84
C LEU B 61 -10.01 -10.81 -3.02
N ALA B 62 -11.29 -10.53 -2.82
CA ALA B 62 -12.16 -10.15 -3.92
C ALA B 62 -11.66 -8.88 -4.59
N ASP B 63 -11.57 -8.93 -5.92
CA ASP B 63 -11.11 -7.77 -6.68
C ASP B 63 -12.11 -6.63 -6.58
N TYR B 64 -13.40 -6.93 -6.73
CA TYR B 64 -14.44 -5.92 -6.72
C TYR B 64 -15.54 -6.38 -5.77
N SER B 65 -16.61 -5.61 -5.71
CA SER B 65 -17.75 -5.97 -4.89
C SER B 65 -18.99 -5.33 -5.49
N ILE B 66 -20.11 -6.04 -5.43
CA ILE B 66 -21.35 -5.63 -6.08
C ILE B 66 -22.47 -5.55 -5.07
N LEU B 67 -22.16 -5.09 -3.85
CA LEU B 67 -23.10 -5.21 -2.75
C LEU B 67 -24.48 -4.70 -3.12
N ILE B 68 -25.50 -5.45 -2.68
CA ILE B 68 -26.88 -5.21 -3.07
C ILE B 68 -27.61 -4.69 -1.84
N ALA B 69 -28.15 -3.48 -1.95
CA ALA B 69 -28.89 -2.82 -0.89
C ALA B 69 -30.35 -2.74 -1.32
N THR B 70 -31.25 -3.24 -0.47
CA THR B 70 -32.66 -3.29 -0.84
C THR B 70 -33.55 -2.78 0.29
N LYS B 71 -34.85 -2.95 0.14
CA LYS B 71 -35.84 -2.41 1.07
C LYS B 71 -35.97 -3.37 2.26
N ASP B 72 -35.16 -3.14 3.28
CA ASP B 72 -35.24 -3.93 4.50
C ASP B 72 -34.64 -3.12 5.64
N ASP B 73 -34.97 -3.53 6.87
CA ASP B 73 -34.70 -2.74 8.07
C ASP B 73 -35.38 -1.37 7.99
N LEU B 74 -36.70 -1.41 8.00
CA LEU B 74 -37.48 -0.18 8.16
C LEU B 74 -37.07 0.52 9.45
N THR B 75 -36.52 1.72 9.34
CA THR B 75 -35.83 2.40 10.43
C THR B 75 -36.61 3.63 10.87
N LYS B 76 -36.03 4.35 11.83
CA LYS B 76 -36.67 5.48 12.51
C LYS B 76 -35.71 6.65 12.52
N GLN B 77 -36.21 7.84 12.18
CA GLN B 77 -35.55 9.10 12.50
C GLN B 77 -36.58 10.21 12.64
N SER B 81 -40.89 7.07 9.32
CA SER B 81 -40.57 5.76 8.77
C SER B 81 -39.89 5.90 7.41
N LEU B 82 -38.90 5.06 7.15
CA LEU B 82 -38.19 5.09 5.87
C LEU B 82 -37.46 3.76 5.69
N THR B 83 -37.73 3.07 4.58
CA THR B 83 -37.20 1.72 4.36
C THR B 83 -35.76 1.84 3.89
N LYS B 84 -34.84 1.72 4.84
CA LYS B 84 -33.41 1.87 4.60
C LYS B 84 -32.84 0.54 4.09
N PRO B 85 -31.53 0.50 3.80
CA PRO B 85 -30.87 -0.79 3.54
C PRO B 85 -30.41 -1.48 4.82
N ARG B 86 -29.62 -2.53 4.69
CA ARG B 86 -29.41 -3.50 5.77
C ARG B 86 -28.07 -3.23 6.43
N ASP B 87 -28.09 -3.13 7.77
CA ASP B 87 -26.90 -2.76 8.53
C ASP B 87 -25.73 -3.67 8.21
N ASN B 88 -25.99 -4.97 8.00
CA ASN B 88 -24.98 -5.85 7.45
C ASN B 88 -24.48 -5.35 6.11
N VAL B 89 -25.41 -5.06 5.19
CA VAL B 89 -25.01 -4.64 3.86
C VAL B 89 -24.33 -3.28 3.89
N VAL B 90 -24.84 -2.36 4.71
CA VAL B 90 -24.22 -1.04 4.79
C VAL B 90 -22.81 -1.13 5.36
N PHE B 91 -22.65 -1.89 6.45
CA PHE B 91 -21.32 -2.18 6.99
C PHE B 91 -20.41 -2.74 5.91
N GLU B 92 -20.89 -3.74 5.18
CA GLU B 92 -20.05 -4.41 4.18
C GLU B 92 -19.64 -3.43 3.09
N PHE B 93 -20.58 -2.62 2.61
CA PHE B 93 -20.26 -1.64 1.58
C PHE B 93 -19.25 -0.63 2.08
N GLY B 94 -19.44 -0.14 3.31
CA GLY B 94 -18.45 0.77 3.86
C GLY B 94 -17.07 0.14 3.91
N LEU B 95 -17.00 -1.10 4.39
CA LEU B 95 -15.71 -1.77 4.52
C LEU B 95 -15.04 -1.95 3.17
N PHE B 96 -15.77 -2.51 2.20
CA PHE B 96 -15.20 -2.75 0.89
C PHE B 96 -14.81 -1.45 0.20
N LEU B 97 -15.63 -0.41 0.36
CA LEU B 97 -15.33 0.89 -0.23
C LEU B 97 -14.06 1.48 0.38
N GLY B 98 -13.91 1.40 1.69
CA GLY B 98 -12.73 1.93 2.34
C GLY B 98 -11.48 1.16 1.94
N ALA B 99 -11.62 -0.16 1.75
CA ALA B 99 -10.48 -0.98 1.39
C ALA B 99 -10.18 -0.90 -0.10
N ALA B 100 -11.22 -1.02 -0.94
CA ALA B 100 -11.02 -1.07 -2.38
C ALA B 100 -11.14 0.31 -3.01
N GLY B 101 -12.29 0.97 -2.83
CA GLY B 101 -12.51 2.29 -3.35
C GLY B 101 -13.71 2.35 -4.25
N PRO B 102 -14.24 3.55 -4.49
CA PRO B 102 -15.44 3.66 -5.34
C PRO B 102 -15.26 3.07 -6.73
N GLU B 103 -14.11 3.30 -7.34
CA GLU B 103 -13.69 2.63 -8.57
C GLU B 103 -13.94 1.12 -8.57
N LYS B 104 -13.81 0.47 -7.41
CA LYS B 104 -13.82 -0.98 -7.34
C LYS B 104 -15.00 -1.58 -6.58
N CYS B 105 -15.62 -0.83 -5.67
CA CYS B 105 -16.76 -1.31 -4.89
C CYS B 105 -18.01 -0.59 -5.38
N TYR B 106 -19.08 -1.35 -5.61
CA TYR B 106 -20.31 -0.79 -6.15
C TYR B 106 -21.49 -1.25 -5.32
N LEU B 107 -22.51 -0.40 -5.32
CA LEU B 107 -23.72 -0.59 -4.51
C LEU B 107 -24.92 -0.58 -5.44
N ILE B 108 -25.40 -1.76 -5.80
CA ILE B 108 -26.70 -1.87 -6.45
C ILE B 108 -27.76 -1.46 -5.45
N ALA B 109 -28.66 -0.56 -5.85
CA ALA B 109 -29.73 -0.11 -4.98
C ALA B 109 -31.03 -0.09 -5.78
N GLU B 110 -32.08 -0.65 -5.21
CA GLU B 110 -33.35 -0.75 -5.92
C GLU B 110 -34.02 0.62 -5.96
N GLU B 111 -35.27 0.67 -6.41
CA GLU B 111 -35.88 1.94 -6.79
C GLU B 111 -35.80 2.96 -5.65
N ASP B 112 -36.28 2.58 -4.46
CA ASP B 112 -36.28 3.49 -3.31
C ASP B 112 -35.91 2.68 -2.06
N THR B 113 -34.62 2.63 -1.76
CA THR B 113 -34.13 1.92 -0.59
C THR B 113 -33.61 2.86 0.50
N ASP B 114 -33.61 4.18 0.24
CA ASP B 114 -33.25 5.18 1.24
C ASP B 114 -31.82 4.96 1.73
N LEU B 115 -30.89 5.16 0.80
CA LEU B 115 -29.46 5.17 1.08
C LEU B 115 -29.16 6.01 2.32
N PRO B 116 -28.09 5.70 3.06
CA PRO B 116 -27.71 6.57 4.18
C PRO B 116 -27.55 8.03 3.79
N THR B 117 -27.56 8.91 4.79
CA THR B 117 -27.35 10.34 4.54
C THR B 117 -25.92 10.65 4.16
N ASP B 118 -24.97 9.76 4.43
CA ASP B 118 -23.63 9.93 3.90
C ASP B 118 -23.61 9.65 2.39
N LEU B 119 -24.41 8.69 1.94
CA LEU B 119 -24.48 8.30 0.54
C LEU B 119 -25.56 9.09 -0.21
N ASP B 120 -25.51 10.41 -0.12
CA ASP B 120 -26.47 11.28 -0.78
C ASP B 120 -25.77 12.07 -1.88
N GLY B 121 -26.51 12.31 -2.97
CA GLY B 121 -25.91 12.96 -4.12
C GLY B 121 -24.93 12.10 -4.88
N ILE B 122 -24.77 10.84 -4.50
CA ILE B 122 -23.83 9.93 -5.12
C ILE B 122 -24.64 8.94 -5.96
N THR B 123 -24.45 8.99 -7.27
CA THR B 123 -25.24 8.16 -8.17
C THR B 123 -24.80 6.71 -8.01
N VAL B 124 -25.62 5.92 -7.33
CA VAL B 124 -25.40 4.49 -7.20
C VAL B 124 -26.19 3.78 -8.29
N ALA B 125 -25.80 2.52 -8.56
CA ALA B 125 -26.50 1.74 -9.56
C ALA B 125 -27.94 1.50 -9.13
N LYS B 126 -28.86 1.56 -10.08
CA LYS B 126 -30.27 1.36 -9.79
C LYS B 126 -30.85 0.20 -10.60
N ASP B 138 -31.43 -5.12 -14.98
CA ASP B 138 -30.57 -6.07 -15.67
C ASP B 138 -29.59 -5.31 -16.57
N LYS B 139 -30.11 -4.34 -17.31
CA LYS B 139 -29.25 -3.44 -18.07
C LYS B 139 -28.31 -2.69 -17.15
N ILE B 140 -28.75 -2.46 -15.90
CA ILE B 140 -27.89 -1.85 -14.90
C ILE B 140 -26.64 -2.70 -14.70
N VAL B 141 -26.83 -4.02 -14.56
CA VAL B 141 -25.68 -4.91 -14.47
C VAL B 141 -24.83 -4.78 -15.73
N GLU B 142 -25.45 -4.54 -16.88
CA GLU B 142 -24.68 -4.42 -18.13
C GLU B 142 -23.70 -3.26 -18.03
N SER B 143 -24.20 -2.08 -17.64
CA SER B 143 -23.33 -0.93 -17.50
C SER B 143 -22.31 -1.20 -16.40
N ILE B 144 -22.75 -1.85 -15.31
CA ILE B 144 -21.83 -2.20 -14.23
C ILE B 144 -20.67 -3.00 -14.80
N ARG B 145 -20.97 -4.00 -15.63
CA ARG B 145 -19.91 -4.86 -16.16
C ARG B 145 -18.98 -4.06 -17.05
N THR B 146 -19.53 -3.12 -17.83
CA THR B 146 -18.67 -2.30 -18.66
C THR B 146 -17.72 -1.49 -17.79
N HIS B 147 -18.22 -0.93 -16.69
CA HIS B 147 -17.35 -0.18 -15.78
C HIS B 147 -16.31 -1.09 -15.14
N LEU B 148 -16.69 -2.32 -14.80
CA LEU B 148 -15.73 -3.27 -14.24
C LEU B 148 -14.61 -3.55 -15.22
N VAL B 149 -14.95 -3.76 -16.49
CA VAL B 149 -13.88 -4.01 -17.47
C VAL B 149 -13.03 -2.76 -17.61
N LYS B 150 -13.65 -1.58 -17.57
CA LYS B 150 -12.89 -0.34 -17.68
C LYS B 150 -11.86 -0.25 -16.55
N ILE B 151 -12.25 -0.65 -15.35
CA ILE B 151 -11.38 -0.53 -14.18
C ILE B 151 -10.42 -1.70 -14.02
N ALA B 152 -10.66 -2.81 -14.72
CA ALA B 152 -9.69 -3.89 -14.77
C ALA B 152 -8.45 -3.50 -15.56
N GLU B 153 -8.56 -2.51 -16.43
CA GLU B 153 -7.43 -1.93 -17.14
C GLU B 153 -6.79 -0.76 -16.39
N MET B 154 -7.13 -0.58 -15.12
CA MET B 154 -6.64 0.55 -14.33
C MET B 154 -6.08 0.02 -13.01
N SER B 155 -4.93 0.56 -12.62
CA SER B 155 -4.16 0.09 -11.47
C SER B 155 -3.90 1.24 -10.51
N GLN B 156 -4.55 1.21 -9.35
CA GLN B 156 -4.37 2.21 -8.31
C GLN B 156 -3.74 1.59 -7.07
N LEU B 157 -3.52 2.42 -6.05
CA LEU B 157 -2.86 1.99 -4.83
C LEU B 157 -3.70 0.97 -4.08
N GLY B 158 -3.01 0.07 -3.37
CA GLY B 158 -3.67 -0.92 -2.54
C GLY B 158 -2.79 -1.26 -1.35
N LEU B 159 -3.37 -2.00 -0.42
CA LEU B 159 -2.59 -2.49 0.72
C LEU B 159 -1.33 -3.22 0.24
N LEU B 160 -1.50 -4.10 -0.74
CA LEU B 160 -0.34 -4.70 -1.39
C LEU B 160 0.18 -3.71 -2.41
N PRO B 161 1.43 -3.24 -2.30
CA PRO B 161 1.89 -2.08 -3.08
C PRO B 161 2.43 -2.44 -4.46
N SER B 162 1.70 -3.29 -5.19
CA SER B 162 2.13 -3.64 -6.53
C SER B 162 2.16 -2.40 -7.42
N THR B 163 1.11 -1.59 -7.36
CA THR B 163 1.08 -0.36 -8.16
C THR B 163 2.21 0.57 -7.76
N ALA B 164 2.34 0.85 -6.47
CA ALA B 164 3.36 1.76 -6.00
C ALA B 164 4.76 1.19 -6.21
N LEU B 165 4.93 -0.12 -5.99
CA LEU B 165 6.23 -0.73 -6.22
C LEU B 165 6.61 -0.66 -7.69
N ALA B 166 5.65 -0.87 -8.59
CA ALA B 166 5.95 -0.72 -10.01
C ALA B 166 6.31 0.73 -10.34
N ILE B 167 5.57 1.69 -9.78
CA ILE B 167 5.86 3.09 -10.03
C ILE B 167 7.29 3.41 -9.60
N GLY B 168 7.68 2.94 -8.41
CA GLY B 168 9.03 3.17 -7.94
C GLY B 168 10.07 2.46 -8.78
N TYR B 169 9.79 1.21 -9.15
CA TYR B 169 10.72 0.46 -9.99
C TYR B 169 10.96 1.16 -11.31
N TYR B 170 9.95 1.86 -11.82
CA TYR B 170 10.07 2.49 -13.13
C TYR B 170 10.65 3.89 -13.04
N ASN B 171 10.37 4.62 -11.98
CA ASN B 171 10.92 5.95 -11.78
C ASN B 171 12.24 5.92 -11.03
N SER B 172 12.76 4.74 -10.70
CA SER B 172 14.06 4.61 -10.08
C SER B 172 15.04 3.77 -10.88
N PHE B 173 14.59 2.75 -11.60
CA PHE B 173 15.48 1.90 -12.38
C PHE B 173 15.20 2.00 -13.88
N ILE B 174 13.98 1.71 -14.33
CA ILE B 174 13.73 1.62 -15.77
C ILE B 174 13.90 2.98 -16.41
N LYS B 175 13.21 4.00 -15.89
CA LYS B 175 13.38 5.33 -16.47
C LYS B 175 14.81 5.82 -16.30
N ARG B 176 15.40 5.61 -15.12
CA ARG B 176 16.76 6.06 -14.90
C ARG B 176 17.71 5.39 -15.89
N VAL B 177 17.66 4.06 -16.00
CA VAL B 177 18.58 3.36 -16.87
C VAL B 177 18.33 3.73 -18.33
N CYS B 178 17.06 3.79 -18.73
CA CYS B 178 16.75 4.14 -20.12
C CYS B 178 17.31 5.51 -20.46
N GLU B 179 17.05 6.50 -19.60
CA GLU B 179 17.56 7.85 -19.87
C GLU B 179 19.07 7.88 -19.85
N GLU B 180 19.70 7.18 -18.92
CA GLU B 180 21.16 7.21 -18.83
C GLU B 180 21.81 6.59 -20.07
N ILE B 181 21.30 5.45 -20.52
CA ILE B 181 21.86 4.82 -21.71
C ILE B 181 21.59 5.68 -22.94
N HIS B 182 20.40 6.28 -23.02
CA HIS B 182 20.10 7.17 -24.12
C HIS B 182 21.03 8.39 -24.11
N GLY B 183 21.43 8.83 -22.92
CA GLY B 183 22.22 10.03 -22.80
C GLY B 183 23.70 9.81 -23.06
N SER B 184 24.30 8.75 -22.51
CA SER B 184 25.75 8.69 -22.44
C SER B 184 26.35 7.52 -23.23
N GLU B 185 25.58 6.85 -24.07
CA GLU B 185 26.13 5.95 -25.09
C GLU B 185 27.15 4.96 -24.54
N CYS B 186 27.03 4.57 -23.26
CA CYS B 186 27.92 3.53 -22.76
C CYS B 186 27.41 2.95 -21.46
N VAL B 187 27.69 1.66 -21.27
CA VAL B 187 27.52 0.98 -19.99
C VAL B 187 28.88 0.48 -19.51
N GLU B 188 29.04 0.41 -18.20
CA GLU B 188 30.33 0.14 -17.56
C GLU B 188 30.34 -1.30 -17.08
N LEU B 189 30.95 -2.17 -17.87
CA LEU B 189 31.23 -3.54 -17.48
C LEU B 189 32.65 -3.62 -16.96
N GLU B 190 32.80 -3.94 -15.67
CA GLU B 190 34.08 -4.29 -15.06
C GLU B 190 34.99 -3.06 -14.95
N GLY B 191 34.44 -1.87 -15.13
CA GLY B 191 35.23 -0.66 -15.24
C GLY B 191 35.64 -0.31 -16.65
N LYS B 192 35.63 -1.29 -17.55
CA LYS B 192 35.76 -1.02 -18.97
C LYS B 192 34.39 -0.66 -19.53
N LYS B 193 34.36 0.29 -20.46
CA LYS B 193 33.10 0.83 -20.96
C LYS B 193 32.82 0.27 -22.34
N ILE B 194 31.59 -0.23 -22.53
CA ILE B 194 31.14 -0.75 -23.80
C ILE B 194 30.04 0.17 -24.32
N LYS B 195 29.94 0.25 -25.64
CA LYS B 195 29.21 1.31 -26.31
C LYS B 195 27.86 0.78 -26.77
N VAL B 196 26.80 1.54 -26.52
CA VAL B 196 25.43 1.09 -26.73
C VAL B 196 24.95 1.69 -28.05
N LYS B 197 24.96 0.90 -29.11
CA LYS B 197 24.46 1.34 -30.41
C LYS B 197 22.96 1.09 -30.55
N SER B 198 22.49 -0.09 -30.18
CA SER B 198 21.06 -0.37 -30.07
C SER B 198 20.72 -0.80 -28.65
N PHE B 199 19.54 -0.41 -28.19
CA PHE B 199 19.18 -0.48 -26.78
C PHE B 199 17.80 -1.09 -26.63
N ARG B 200 17.72 -2.24 -25.94
CA ARG B 200 16.44 -2.84 -25.62
C ARG B 200 16.57 -3.65 -24.34
N VAL B 201 15.64 -3.45 -23.41
CA VAL B 201 15.66 -4.08 -22.10
C VAL B 201 14.35 -4.82 -21.90
N ASP B 202 14.44 -6.00 -21.27
CA ASP B 202 13.29 -6.86 -21.02
C ASP B 202 13.11 -6.99 -19.52
N VAL B 203 11.92 -6.62 -19.04
CA VAL B 203 11.57 -6.76 -17.63
C VAL B 203 10.88 -8.11 -17.48
N VAL B 204 11.55 -9.05 -16.82
CA VAL B 204 11.05 -10.40 -16.68
C VAL B 204 10.31 -10.49 -15.34
N ILE B 205 9.00 -10.72 -15.40
CA ILE B 205 8.20 -10.97 -14.22
C ILE B 205 8.13 -12.49 -14.01
N PRO B 206 8.68 -13.02 -12.92
CA PRO B 206 8.58 -14.47 -12.69
C PRO B 206 7.12 -14.90 -12.59
N GLU B 207 6.85 -16.10 -13.09
CA GLU B 207 5.49 -16.62 -13.05
C GLU B 207 5.01 -16.84 -11.63
N THR B 208 5.92 -16.92 -10.66
CA THR B 208 5.54 -17.26 -9.31
C THR B 208 6.65 -16.81 -8.37
N LEU B 209 6.28 -16.15 -7.28
CA LEU B 209 7.24 -15.55 -6.36
C LEU B 209 7.57 -16.58 -5.29
N ASP B 210 8.84 -16.65 -4.93
CA ASP B 210 9.27 -17.50 -3.84
C ASP B 210 8.98 -16.81 -2.51
N ASP B 211 8.89 -17.63 -1.45
CA ASP B 211 8.78 -17.07 -0.10
C ASP B 211 9.94 -16.12 0.19
N ASN B 212 11.15 -16.51 -0.17
CA ASN B 212 12.32 -15.73 0.22
C ASN B 212 12.47 -14.47 -0.62
N GLY B 213 11.66 -14.32 -1.67
CA GLY B 213 11.76 -13.16 -2.54
C GLY B 213 11.95 -13.55 -3.99
N VAL B 214 12.93 -12.94 -4.64
CA VAL B 214 13.18 -13.16 -6.06
C VAL B 214 14.68 -13.40 -6.27
N GLY B 215 15.46 -13.21 -5.20
CA GLY B 215 16.90 -13.32 -5.35
C GLY B 215 17.32 -14.67 -5.90
N ASN B 216 16.65 -15.74 -5.46
CA ASN B 216 17.05 -17.07 -5.90
C ASN B 216 16.65 -17.30 -7.35
N PHE B 217 15.43 -16.92 -7.71
CA PHE B 217 15.03 -16.95 -9.12
C PHE B 217 15.95 -16.07 -9.95
N THR B 218 16.28 -14.89 -9.42
CA THR B 218 17.16 -13.99 -10.17
C THR B 218 18.51 -14.63 -10.45
N THR B 219 19.12 -15.24 -9.43
CA THR B 219 20.43 -15.88 -9.63
C THR B 219 20.31 -17.04 -10.60
N LEU B 220 19.32 -17.91 -10.42
CA LEU B 220 19.09 -18.99 -11.36
C LEU B 220 19.05 -18.44 -12.79
N TYR B 221 18.16 -17.48 -13.02
CA TYR B 221 17.90 -17.00 -14.38
C TYR B 221 19.15 -16.38 -14.96
N ASN B 222 19.80 -15.49 -14.19
CA ASN B 222 21.05 -14.89 -14.65
C ASN B 222 22.08 -15.96 -15.01
N LYS B 223 22.20 -17.03 -14.22
CA LYS B 223 23.23 -18.01 -14.51
C LYS B 223 22.86 -18.90 -15.69
N ARG B 224 21.57 -19.13 -15.89
CA ARG B 224 21.14 -19.95 -17.03
C ARG B 224 21.48 -19.25 -18.32
N TYR B 225 21.25 -17.94 -18.37
CA TYR B 225 21.54 -17.14 -19.55
C TYR B 225 22.97 -16.64 -19.38
N GLY B 226 23.51 -15.93 -20.37
CA GLY B 226 24.83 -15.36 -20.15
C GLY B 226 24.76 -14.17 -19.23
N LEU B 227 23.70 -13.36 -19.37
CA LEU B 227 23.42 -12.16 -18.58
C LEU B 227 24.64 -11.61 -17.85
N SER B 228 25.57 -11.00 -18.57
CA SER B 228 26.73 -10.39 -17.95
C SER B 228 26.31 -9.17 -17.14
N LYS B 229 27.02 -8.94 -16.04
CA LYS B 229 26.70 -7.89 -15.07
C LYS B 229 27.46 -6.61 -15.39
N ALA B 230 26.75 -5.60 -15.88
CA ALA B 230 27.33 -4.28 -16.14
C ALA B 230 26.43 -3.21 -15.53
N THR B 231 27.00 -2.03 -15.31
CA THR B 231 26.28 -0.96 -14.64
C THR B 231 26.27 0.31 -15.49
N THR B 232 25.34 1.20 -15.16
CA THR B 232 25.25 2.48 -15.84
C THR B 232 26.50 3.29 -15.60
N CYS B 233 26.95 3.99 -16.64
CA CYS B 233 28.16 4.80 -16.53
C CYS B 233 27.82 6.15 -15.92
N THR B 234 28.45 6.44 -14.79
CA THR B 234 28.36 7.73 -14.14
C THR B 234 29.51 8.64 -14.59
N ASN B 235 29.39 9.92 -14.26
CA ASN B 235 30.45 10.87 -14.52
C ASN B 235 30.71 11.71 -13.27
N PRO B 236 31.94 12.21 -13.10
CA PRO B 236 32.21 13.09 -11.95
C PRO B 236 31.52 14.44 -12.04
N ALA B 237 30.96 14.78 -13.20
CA ALA B 237 30.19 16.02 -13.32
C ALA B 237 29.11 16.09 -12.26
N LEU B 238 28.44 14.97 -11.99
CA LEU B 238 27.44 14.87 -10.94
C LEU B 238 27.98 13.92 -9.89
N LEU B 239 28.35 14.48 -8.72
CA LEU B 239 28.99 13.67 -7.69
C LEU B 239 27.99 12.76 -6.98
N GLY B 240 26.78 13.24 -6.74
CA GLY B 240 25.82 12.49 -5.95
C GLY B 240 24.84 11.69 -6.79
N THR B 241 25.33 11.07 -7.86
CA THR B 241 24.51 10.24 -8.74
C THR B 241 24.87 8.78 -8.50
N ARG B 242 23.86 7.95 -8.33
CA ARG B 242 24.05 6.53 -8.04
C ARG B 242 24.11 5.72 -9.33
N GLY B 243 24.93 4.67 -9.31
CA GLY B 243 24.98 3.74 -10.41
C GLY B 243 23.84 2.74 -10.38
N PHE B 244 23.62 2.07 -11.51
CA PHE B 244 22.55 1.09 -11.67
C PHE B 244 23.10 -0.19 -12.29
N PRO B 245 23.64 -1.10 -11.48
CA PRO B 245 24.05 -2.40 -12.02
C PRO B 245 22.84 -3.17 -12.55
N PHE B 246 23.10 -4.01 -13.54
CA PHE B 246 22.08 -4.78 -14.23
C PHE B 246 22.77 -5.89 -14.99
N HIS B 247 21.99 -6.66 -15.74
CA HIS B 247 22.49 -7.79 -16.51
C HIS B 247 21.99 -7.69 -17.94
N PHE B 248 22.78 -8.19 -18.87
CA PHE B 248 22.56 -7.92 -20.29
C PHE B 248 23.24 -8.99 -21.13
N LYS B 249 22.87 -9.04 -22.40
CA LYS B 249 23.53 -9.95 -23.34
C LYS B 249 24.12 -9.17 -24.51
N PRO B 260 30.04 -0.54 -29.94
CA PRO B 260 28.93 -0.59 -30.89
C PRO B 260 28.17 -1.91 -30.80
N VAL B 261 27.71 -2.24 -29.59
CA VAL B 261 27.06 -3.52 -29.32
C VAL B 261 25.56 -3.29 -29.16
N ASP B 262 24.77 -4.16 -29.78
CA ASP B 262 23.38 -4.35 -29.37
C ASP B 262 23.31 -5.08 -28.04
N ILE B 263 22.47 -4.56 -27.13
CA ILE B 263 22.45 -4.99 -25.75
C ILE B 263 21.04 -5.42 -25.42
N HIS B 264 20.88 -6.67 -24.99
CA HIS B 264 19.59 -7.24 -24.60
C HIS B 264 19.57 -7.25 -23.08
N LEU B 265 19.35 -6.06 -22.51
CA LEU B 265 19.25 -5.97 -21.05
C LEU B 265 18.07 -6.80 -20.56
N LEU B 266 18.28 -7.50 -19.45
CA LEU B 266 17.24 -8.29 -18.81
C LEU B 266 17.28 -8.02 -17.32
N ASP B 267 16.12 -7.72 -16.74
CA ASP B 267 16.03 -7.41 -15.32
C ASP B 267 14.80 -8.08 -14.74
N ILE B 268 14.99 -8.74 -13.60
CA ILE B 268 13.90 -9.28 -12.80
C ILE B 268 13.72 -8.34 -11.62
N PRO B 269 12.60 -7.60 -11.52
CA PRO B 269 12.50 -6.59 -10.47
C PRO B 269 12.66 -7.15 -9.07
N SER B 270 13.73 -6.76 -8.39
CA SER B 270 13.93 -7.21 -7.02
C SER B 270 12.82 -6.69 -6.11
N THR B 271 12.18 -5.59 -6.49
CA THR B 271 11.13 -5.03 -5.65
C THR B 271 10.01 -6.02 -5.43
N LEU B 272 9.85 -6.99 -6.33
CA LEU B 272 8.80 -7.98 -6.17
C LEU B 272 8.95 -8.74 -4.86
N SER B 273 10.18 -8.83 -4.34
CA SER B 273 10.37 -9.46 -3.03
C SER B 273 9.49 -8.79 -1.99
N THR B 274 9.48 -7.45 -1.99
CA THR B 274 8.63 -6.73 -1.05
C THR B 274 7.21 -7.24 -1.10
N ILE B 275 6.71 -7.55 -2.31
CA ILE B 275 5.35 -8.06 -2.43
C ILE B 275 5.19 -9.32 -1.59
N VAL B 276 6.06 -10.30 -1.82
CA VAL B 276 5.93 -11.54 -1.06
C VAL B 276 6.15 -11.29 0.41
N GLU B 277 6.79 -10.18 0.77
CA GLU B 277 6.88 -9.80 2.17
C GLU B 277 5.53 -9.29 2.65
N SER B 278 4.98 -8.30 1.94
CA SER B 278 3.74 -7.68 2.38
C SER B 278 2.59 -8.68 2.36
N LEU B 279 2.65 -9.66 1.46
CA LEU B 279 1.63 -10.71 1.46
C LEU B 279 1.56 -11.41 2.81
N LYS B 280 2.72 -11.69 3.41
CA LYS B 280 2.71 -12.27 4.75
C LYS B 280 1.93 -11.40 5.73
N LEU B 281 2.05 -10.08 5.59
CA LEU B 281 1.24 -9.17 6.41
C LEU B 281 -0.16 -9.03 5.86
N TYR B 282 -0.33 -9.14 4.54
CA TYR B 282 -1.65 -8.99 3.94
C TYR B 282 -2.61 -10.09 4.40
N LEU B 283 -2.18 -11.35 4.28
CA LEU B 283 -2.98 -12.49 4.70
C LEU B 283 -2.13 -13.41 5.56
N PRO B 284 -1.97 -13.08 6.85
CA PRO B 284 -1.22 -13.97 7.74
C PRO B 284 -1.87 -15.34 7.81
N SER B 285 -1.07 -16.38 7.56
CA SER B 285 -1.57 -17.73 7.39
C SER B 285 -1.02 -18.64 8.47
N ASN B 286 -1.91 -19.36 9.13
CA ASN B 286 -1.49 -20.28 10.19
C ASN B 286 -0.72 -21.47 9.62
N GLN B 287 -1.09 -21.96 8.45
CA GLN B 287 -0.64 -23.26 7.96
C GLN B 287 0.34 -23.09 6.81
N VAL B 288 1.13 -24.13 6.58
CA VAL B 288 2.10 -24.16 5.49
C VAL B 288 1.55 -25.10 4.43
N GLY B 289 1.36 -24.59 3.23
CA GLY B 289 0.82 -25.38 2.15
C GLY B 289 0.35 -24.51 1.01
N GLN B 290 0.12 -25.15 -0.13
CA GLN B 290 -0.25 -24.41 -1.34
C GLN B 290 -1.66 -23.87 -1.19
N ASP B 291 -1.77 -22.57 -0.97
CA ASP B 291 -3.04 -21.88 -0.79
C ASP B 291 -3.48 -21.24 -2.11
N PHE B 292 -4.67 -21.66 -2.59
CA PHE B 292 -5.18 -21.05 -3.82
C PHE B 292 -5.45 -19.57 -3.62
N ASP B 293 -6.01 -19.18 -2.47
CA ASP B 293 -6.29 -17.78 -2.22
C ASP B 293 -5.05 -16.92 -2.42
N MET B 294 -3.94 -17.29 -1.80
CA MET B 294 -2.73 -16.48 -1.97
C MET B 294 -2.07 -16.70 -3.33
N ASP B 295 -2.17 -17.89 -3.91
CA ASP B 295 -1.67 -18.06 -5.27
C ASP B 295 -2.35 -17.08 -6.21
N TYR B 296 -3.67 -16.95 -6.10
CA TYR B 296 -4.41 -16.00 -6.94
C TYR B 296 -4.03 -14.58 -6.60
N LEU B 297 -3.93 -14.27 -5.30
CA LEU B 297 -3.63 -12.91 -4.89
C LEU B 297 -2.27 -12.47 -5.43
N GLU B 298 -1.27 -13.33 -5.30
CA GLU B 298 0.08 -13.01 -5.75
C GLU B 298 0.18 -13.01 -7.27
N MET B 299 -0.54 -13.89 -7.96
CA MET B 299 -0.58 -13.82 -9.41
C MET B 299 -1.22 -12.52 -9.87
N ARG B 300 -2.28 -12.09 -9.18
CA ARG B 300 -2.95 -10.84 -9.50
C ARG B 300 -2.02 -9.66 -9.27
N GLU B 301 -1.21 -9.73 -8.22
CA GLU B 301 -0.33 -8.60 -7.94
C GLU B 301 0.81 -8.53 -8.96
N LEU B 302 1.30 -9.69 -9.41
CA LEU B 302 2.24 -9.67 -10.55
C LEU B 302 1.56 -9.15 -11.81
N GLU B 303 0.30 -9.51 -12.02
CA GLU B 303 -0.48 -8.96 -13.12
C GLU B 303 -0.48 -7.44 -13.07
N ASN B 304 -0.82 -6.88 -11.91
CA ASN B 304 -0.88 -5.43 -11.76
C ASN B 304 0.50 -4.80 -11.95
N PHE B 305 1.54 -5.41 -11.39
CA PHE B 305 2.89 -4.87 -11.58
C PHE B 305 3.24 -4.80 -13.07
N ALA B 306 2.98 -5.88 -13.80
CA ALA B 306 3.28 -5.89 -15.23
C ALA B 306 2.42 -4.88 -15.98
N LYS B 307 1.15 -4.76 -15.62
CA LYS B 307 0.26 -3.81 -16.28
C LYS B 307 0.74 -2.38 -16.07
N VAL B 308 1.07 -2.03 -14.82
CA VAL B 308 1.55 -0.69 -14.53
C VAL B 308 2.84 -0.42 -15.27
N LEU B 309 3.74 -1.40 -15.28
CA LEU B 309 5.00 -1.21 -16.00
C LEU B 309 4.76 -0.98 -17.48
N LYS B 310 3.87 -1.78 -18.10
CA LYS B 310 3.60 -1.61 -19.51
C LYS B 310 3.01 -0.25 -19.80
N TYR B 311 2.09 0.21 -18.95
CA TYR B 311 1.59 1.57 -19.09
C TYR B 311 2.73 2.57 -19.07
N LEU B 312 3.57 2.49 -18.02
CA LEU B 312 4.63 3.47 -17.84
C LEU B 312 5.71 3.38 -18.91
N ILE B 313 5.74 2.30 -19.70
CA ILE B 313 6.67 2.25 -20.82
C ILE B 313 6.09 2.99 -22.02
N GLY B 314 4.80 2.78 -22.31
CA GLY B 314 4.12 3.63 -23.26
C GLY B 314 4.13 5.10 -22.90
N ARG B 315 4.59 5.43 -21.69
CA ARG B 315 4.45 6.77 -21.15
C ARG B 315 5.58 7.67 -21.65
N ASN B 316 6.82 7.32 -21.31
CA ASN B 316 7.99 8.14 -21.60
C ASN B 316 8.60 7.73 -22.93
N ALA B 317 9.06 8.72 -23.69
CA ALA B 317 9.69 8.43 -24.98
C ALA B 317 11.07 7.80 -24.82
N ALA B 318 11.74 8.04 -23.69
CA ALA B 318 13.02 7.38 -23.45
C ALA B 318 12.85 5.88 -23.26
N THR B 319 11.65 5.41 -22.94
CA THR B 319 11.39 3.99 -22.76
C THR B 319 10.46 3.42 -23.82
N LYS B 320 9.71 4.26 -24.53
CA LYS B 320 8.75 3.78 -25.52
C LYS B 320 9.47 2.92 -26.55
N GLY B 321 9.10 1.64 -26.61
CA GLY B 321 9.61 0.76 -27.63
C GLY B 321 10.95 0.13 -27.29
N TYR B 322 11.64 0.61 -26.25
CA TYR B 322 12.92 0.06 -25.86
C TYR B 322 12.84 -0.83 -24.63
N VAL B 323 11.73 -0.79 -23.91
CA VAL B 323 11.52 -1.65 -22.74
C VAL B 323 10.35 -2.57 -23.02
N ASN B 324 10.59 -3.87 -22.95
CA ASN B 324 9.53 -4.86 -23.09
C ASN B 324 9.34 -5.57 -21.75
N VAL B 325 8.13 -6.08 -21.54
CA VAL B 325 7.76 -6.74 -20.30
C VAL B 325 7.40 -8.18 -20.60
N LEU B 326 8.03 -9.11 -19.90
CA LEU B 326 7.78 -10.54 -20.05
C LEU B 326 7.06 -11.02 -18.80
N THR B 327 5.82 -11.47 -18.96
CA THR B 327 4.98 -11.86 -17.84
C THR B 327 4.78 -13.37 -17.84
N ASN B 328 4.60 -13.92 -16.64
CA ASN B 328 4.39 -15.36 -16.45
C ASN B 328 5.57 -16.14 -17.03
N VAL B 329 6.74 -15.94 -16.42
CA VAL B 329 7.99 -16.51 -16.87
C VAL B 329 8.30 -17.73 -16.02
N LYS B 330 8.66 -18.84 -16.67
CA LYS B 330 8.97 -20.08 -15.99
C LYS B 330 7.87 -20.46 -15.01
N LYS C 10 5.81 -12.48 37.07
CA LYS C 10 6.49 -12.64 35.79
C LYS C 10 5.85 -13.73 34.95
N LYS C 11 5.28 -14.73 35.62
CA LYS C 11 4.64 -15.84 34.93
C LYS C 11 3.21 -15.46 34.56
N ARG C 12 2.85 -15.67 33.29
CA ARG C 12 1.54 -15.31 32.80
C ARG C 12 0.55 -16.43 33.09
N ILE C 13 -0.62 -16.07 33.59
CA ILE C 13 -1.60 -17.02 34.09
C ILE C 13 -2.99 -16.55 33.69
N PHE C 14 -3.62 -17.23 32.74
CA PHE C 14 -4.98 -16.90 32.34
C PHE C 14 -5.95 -17.35 33.42
N ILE C 15 -6.50 -16.40 34.17
CA ILE C 15 -7.58 -16.68 35.10
C ILE C 15 -8.89 -16.36 34.40
N GLY C 16 -9.77 -17.35 34.33
CA GLY C 16 -11.06 -17.17 33.68
C GLY C 16 -12.18 -17.64 34.57
N SER C 17 -13.26 -16.88 34.59
CA SER C 17 -14.42 -17.18 35.42
C SER C 17 -15.65 -16.63 34.74
N SER C 18 -16.73 -16.48 35.50
CA SER C 18 -18.02 -16.05 35.00
C SER C 18 -18.22 -14.56 35.25
N SER C 19 -18.90 -13.89 34.31
CA SER C 19 -19.14 -12.46 34.42
C SER C 19 -19.85 -12.06 35.70
N GLU C 20 -20.38 -13.03 36.44
CA GLU C 20 -20.96 -12.81 37.75
C GLU C 20 -19.99 -13.11 38.89
N GLN C 21 -19.03 -14.01 38.66
CA GLN C 21 -18.20 -14.56 39.72
C GLN C 21 -16.87 -13.83 39.84
N LEU C 22 -16.89 -12.66 40.48
CA LEU C 22 -15.86 -11.64 40.30
C LEU C 22 -14.91 -11.51 41.47
N THR C 23 -15.40 -11.28 42.70
CA THR C 23 -14.47 -11.12 43.82
C THR C 23 -13.70 -12.39 44.19
N ILE C 24 -14.16 -13.59 43.81
CA ILE C 24 -13.23 -14.72 43.91
C ILE C 24 -12.05 -14.50 42.98
N LEU C 25 -12.25 -13.85 41.85
CA LEU C 25 -11.13 -13.61 40.95
C LEU C 25 -10.09 -12.69 41.58
N ASN C 26 -10.52 -11.57 42.16
CA ASN C 26 -9.60 -10.77 42.97
C ASN C 26 -8.95 -11.62 44.07
N GLU C 27 -9.74 -12.40 44.80
CA GLU C 27 -9.19 -13.13 45.93
C GLU C 27 -8.09 -14.07 45.46
N ILE C 28 -8.33 -14.79 44.37
CA ILE C 28 -7.35 -15.73 43.85
C ILE C 28 -6.15 -14.99 43.28
N VAL C 29 -6.35 -13.81 42.70
CA VAL C 29 -5.21 -13.06 42.19
C VAL C 29 -4.28 -12.70 43.34
N ASP C 30 -4.86 -12.20 44.43
CA ASP C 30 -4.05 -11.88 45.61
C ASP C 30 -3.40 -13.13 46.19
N LEU C 31 -4.15 -14.23 46.32
CA LEU C 31 -3.61 -15.44 46.94
C LEU C 31 -2.48 -16.02 46.12
N LEU C 32 -2.59 -16.00 44.79
CA LEU C 32 -1.51 -16.47 43.95
C LEU C 32 -0.26 -15.63 44.15
N GLY C 33 -0.40 -14.39 44.58
CA GLY C 33 0.71 -13.57 44.99
C GLY C 33 0.96 -12.41 44.04
N ASP C 34 2.21 -11.94 44.07
CA ASP C 34 2.62 -10.77 43.30
C ASP C 34 3.75 -11.07 42.32
N ASP C 35 4.45 -12.20 42.48
CA ASP C 35 5.58 -12.50 41.61
C ASP C 35 5.12 -12.97 40.23
N VAL C 36 3.94 -13.58 40.12
CA VAL C 36 3.40 -14.02 38.84
C VAL C 36 2.37 -13.02 38.39
N GLU C 37 2.29 -12.81 37.08
CA GLU C 37 1.31 -11.92 36.48
C GLU C 37 0.11 -12.77 36.05
N CYS C 38 -1.01 -12.60 36.74
CA CYS C 38 -2.22 -13.37 36.49
C CYS C 38 -3.22 -12.47 35.78
N ILE C 39 -3.31 -12.61 34.46
CA ILE C 39 -4.20 -11.78 33.66
C ILE C 39 -5.62 -12.33 33.75
N PRO C 40 -6.59 -11.54 34.18
CA PRO C 40 -7.99 -12.01 34.17
C PRO C 40 -8.54 -12.07 32.76
N TRP C 41 -9.64 -12.82 32.64
CA TRP C 41 -10.38 -12.86 31.39
C TRP C 41 -11.06 -11.53 31.10
N THR C 42 -11.20 -10.66 32.10
CA THR C 42 -11.85 -9.37 31.88
C THR C 42 -11.07 -8.53 30.88
N ASP C 43 -9.76 -8.43 31.06
CA ASP C 43 -8.90 -7.67 30.17
C ASP C 43 -8.22 -8.55 29.13
N ALA C 44 -8.49 -9.86 29.12
CA ALA C 44 -7.92 -10.76 28.13
C ALA C 44 -8.55 -10.60 26.75
N PHE C 45 -9.69 -9.90 26.65
CA PHE C 45 -10.42 -9.78 25.39
C PHE C 45 -9.94 -8.53 24.65
N ALA C 46 -9.09 -8.74 23.65
CA ALA C 46 -8.56 -7.63 22.87
C ALA C 46 -9.66 -7.03 22.00
N LEU C 47 -9.57 -5.71 21.79
CA LEU C 47 -10.59 -4.98 21.06
C LEU C 47 -10.61 -5.35 19.58
N ASN C 48 -11.80 -5.34 19.00
CA ASN C 48 -12.00 -5.63 17.58
C ASN C 48 -11.58 -7.05 17.22
N LYS C 49 -11.72 -7.98 18.16
CA LYS C 49 -11.52 -9.39 17.93
C LYS C 49 -12.64 -10.15 18.61
N SER C 50 -12.95 -11.34 18.09
CA SER C 50 -14.06 -12.11 18.63
C SER C 50 -13.57 -13.05 19.72
N GLY C 51 -14.48 -13.37 20.64
CA GLY C 51 -14.07 -13.91 21.93
C GLY C 51 -13.27 -15.19 21.80
N LEU C 52 -13.78 -16.14 21.02
CA LEU C 52 -13.03 -17.38 20.79
C LEU C 52 -11.63 -17.06 20.32
N ASP C 53 -11.49 -16.08 19.44
CA ASP C 53 -10.19 -15.82 18.80
C ASP C 53 -9.20 -15.31 19.83
N SER C 54 -9.61 -14.34 20.64
CA SER C 54 -8.73 -13.84 21.69
C SER C 54 -8.45 -14.91 22.73
N LEU C 55 -9.41 -15.80 22.99
CA LEU C 55 -9.15 -16.89 23.94
C LEU C 55 -8.08 -17.83 23.41
N ILE C 56 -8.14 -18.15 22.11
CA ILE C 56 -7.08 -18.95 21.51
C ILE C 56 -5.75 -18.21 21.59
N LYS C 57 -5.76 -16.90 21.35
CA LYS C 57 -4.52 -16.15 21.50
C LYS C 57 -3.99 -16.26 22.93
N GLN C 58 -4.89 -16.19 23.92
CA GLN C 58 -4.46 -16.27 25.30
C GLN C 58 -3.85 -17.63 25.60
N THR C 59 -4.46 -18.70 25.09
CA THR C 59 -3.82 -20.01 25.20
C THR C 59 -2.41 -19.96 24.62
N ARG C 60 -2.27 -19.35 23.44
CA ARG C 60 -0.94 -19.23 22.85
C ARG C 60 0.00 -18.43 23.74
N LEU C 61 -0.53 -17.51 24.54
CA LEU C 61 0.28 -16.65 25.39
C LEU C 61 0.30 -17.15 26.84
N ALA C 62 -0.87 -17.29 27.46
CA ALA C 62 -0.94 -17.69 28.85
C ALA C 62 -0.25 -19.03 29.05
N ASP C 63 0.51 -19.12 30.13
CA ASP C 63 1.26 -20.35 30.42
C ASP C 63 0.37 -21.35 31.15
N TYR C 64 -0.24 -20.93 32.24
CA TYR C 64 -1.04 -21.79 33.09
C TYR C 64 -2.48 -21.29 33.09
N SER C 65 -3.39 -22.12 33.57
CA SER C 65 -4.79 -21.75 33.67
C SER C 65 -5.32 -22.18 35.02
N ILE C 66 -6.17 -21.34 35.62
CA ILE C 66 -6.84 -21.64 36.88
C ILE C 66 -8.31 -21.25 36.80
N LEU C 67 -9.05 -21.82 35.85
CA LEU C 67 -10.43 -21.39 35.72
C LEU C 67 -11.20 -21.70 37.00
N ILE C 68 -12.38 -21.12 37.13
CA ILE C 68 -13.17 -21.21 38.34
C ILE C 68 -14.57 -21.69 37.99
N ALA C 69 -14.84 -22.98 38.24
CA ALA C 69 -16.17 -23.54 38.08
C ALA C 69 -16.98 -23.24 39.34
N THR C 70 -18.25 -22.89 39.17
CA THR C 70 -19.07 -22.47 40.30
C THR C 70 -20.51 -22.92 40.08
N LYS C 71 -21.39 -22.49 40.98
CA LYS C 71 -22.83 -22.75 40.88
C LYS C 71 -23.50 -21.63 40.10
N ASP C 72 -23.16 -21.54 38.82
CA ASP C 72 -23.66 -20.45 37.98
C ASP C 72 -25.05 -20.73 37.43
N ASP C 73 -25.15 -21.69 36.52
CA ASP C 73 -26.38 -21.95 35.77
C ASP C 73 -27.07 -23.24 36.21
N LEU C 74 -28.30 -23.13 36.70
CA LEU C 74 -29.08 -24.33 36.91
C LEU C 74 -29.40 -24.92 35.55
N THR C 75 -29.77 -26.20 35.51
CA THR C 75 -29.89 -26.89 34.23
C THR C 75 -30.90 -28.03 34.36
N LYS C 76 -30.89 -28.91 33.35
CA LYS C 76 -31.78 -30.06 33.29
C LYS C 76 -31.07 -31.23 32.62
N SER C 81 -31.98 -31.18 37.61
CA SER C 81 -31.76 -30.12 38.57
C SER C 81 -30.30 -30.02 38.96
N LEU C 82 -29.44 -29.91 37.96
CA LEU C 82 -27.99 -29.95 38.15
C LEU C 82 -27.46 -28.53 38.15
N THR C 83 -26.77 -28.14 39.22
CA THR C 83 -26.20 -26.80 39.31
C THR C 83 -24.83 -26.86 38.65
N LYS C 84 -24.82 -26.71 37.33
CA LYS C 84 -23.57 -26.74 36.57
C LYS C 84 -22.96 -25.36 36.50
N PRO C 85 -21.65 -25.27 36.21
CA PRO C 85 -21.06 -23.98 35.85
C PRO C 85 -21.53 -23.48 34.49
N ARG C 86 -21.06 -22.31 34.08
CA ARG C 86 -21.44 -21.82 32.76
C ARG C 86 -20.78 -22.67 31.69
N ASP C 87 -21.37 -22.64 30.50
CA ASP C 87 -20.76 -23.29 29.35
C ASP C 87 -19.43 -22.63 29.00
N ASN C 88 -19.36 -21.31 29.14
CA ASN C 88 -18.13 -20.61 28.79
C ASN C 88 -16.97 -21.07 29.66
N VAL C 89 -17.19 -21.26 30.96
CA VAL C 89 -16.10 -21.68 31.83
C VAL C 89 -15.58 -23.06 31.43
N VAL C 90 -16.50 -24.01 31.21
CA VAL C 90 -16.08 -25.36 30.86
C VAL C 90 -15.45 -25.37 29.47
N PHE C 91 -15.96 -24.54 28.56
CA PHE C 91 -15.41 -24.46 27.21
C PHE C 91 -13.99 -23.94 27.25
N GLU C 92 -13.76 -22.86 27.99
CA GLU C 92 -12.41 -22.33 28.17
C GLU C 92 -11.53 -23.37 28.84
N PHE C 93 -12.06 -24.09 29.83
CA PHE C 93 -11.27 -25.11 30.52
C PHE C 93 -10.80 -26.18 29.55
N GLY C 94 -11.72 -26.70 28.74
CA GLY C 94 -11.33 -27.70 27.75
C GLY C 94 -10.38 -27.15 26.72
N LEU C 95 -10.62 -25.91 26.28
CA LEU C 95 -9.75 -25.31 25.27
C LEU C 95 -8.33 -25.19 25.78
N PHE C 96 -8.16 -24.75 27.03
CA PHE C 96 -6.81 -24.66 27.60
C PHE C 96 -6.24 -26.04 27.89
N LEU C 97 -7.08 -26.99 28.28
CA LEU C 97 -6.59 -28.35 28.54
C LEU C 97 -6.02 -28.96 27.28
N GLY C 98 -6.74 -28.82 26.17
CA GLY C 98 -6.25 -29.32 24.89
C GLY C 98 -5.14 -28.49 24.31
N ALA C 99 -5.05 -27.22 24.68
CA ALA C 99 -3.98 -26.36 24.20
C ALA C 99 -2.72 -26.52 25.05
N ALA C 100 -2.86 -26.44 26.37
CA ALA C 100 -1.72 -26.46 27.27
C ALA C 100 -1.42 -27.87 27.78
N GLY C 101 -2.37 -28.48 28.48
CA GLY C 101 -2.16 -29.80 29.05
C GLY C 101 -2.77 -29.94 30.43
N PRO C 102 -2.90 -31.19 30.90
CA PRO C 102 -3.59 -31.42 32.18
C PRO C 102 -2.95 -30.71 33.36
N GLU C 103 -1.61 -30.61 33.41
CA GLU C 103 -0.94 -29.95 34.52
C GLU C 103 -0.48 -28.53 34.18
N LYS C 104 -0.88 -28.00 33.02
CA LYS C 104 -0.77 -26.59 32.73
C LYS C 104 -2.12 -25.90 32.71
N CYS C 105 -3.18 -26.62 33.07
CA CYS C 105 -4.52 -26.05 33.20
C CYS C 105 -5.19 -26.71 34.39
N TYR C 106 -5.82 -25.91 35.25
CA TYR C 106 -6.41 -26.39 36.48
C TYR C 106 -7.79 -25.79 36.65
N LEU C 107 -8.65 -26.50 37.37
CA LEU C 107 -10.04 -26.11 37.58
C LEU C 107 -10.31 -25.97 39.06
N ILE C 108 -10.84 -24.81 39.47
CA ILE C 108 -11.21 -24.54 40.85
C ILE C 108 -12.72 -24.70 40.95
N ALA C 109 -13.16 -25.85 41.41
CA ALA C 109 -14.57 -26.14 41.59
C ALA C 109 -14.95 -26.03 43.07
N GLU C 110 -16.14 -25.52 43.32
CA GLU C 110 -16.64 -25.39 44.69
C GLU C 110 -17.05 -26.77 45.20
N GLU C 111 -17.69 -26.79 46.38
CA GLU C 111 -18.08 -28.06 46.99
C GLU C 111 -19.01 -28.84 46.09
N ASP C 112 -19.98 -28.18 45.47
CA ASP C 112 -21.00 -28.84 44.65
C ASP C 112 -21.20 -28.00 43.39
N THR C 113 -20.52 -28.37 42.31
CA THR C 113 -20.78 -27.77 41.00
C THR C 113 -21.09 -28.81 39.93
N ASP C 114 -21.21 -30.08 40.29
CA ASP C 114 -21.61 -31.16 39.38
C ASP C 114 -21.05 -30.94 37.97
N LEU C 115 -19.72 -30.91 37.90
CA LEU C 115 -18.98 -30.71 36.67
C LEU C 115 -19.42 -31.71 35.62
N PRO C 116 -19.08 -31.50 34.34
CA PRO C 116 -19.42 -32.49 33.31
C PRO C 116 -18.95 -33.89 33.69
N THR C 117 -19.66 -34.89 33.19
CA THR C 117 -19.36 -36.28 33.53
C THR C 117 -18.21 -36.85 32.71
N ASP C 118 -17.63 -36.08 31.81
CA ASP C 118 -16.31 -36.40 31.30
C ASP C 118 -15.22 -36.07 32.30
N LEU C 119 -15.49 -35.14 33.23
CA LEU C 119 -14.58 -34.77 34.29
C LEU C 119 -14.85 -35.48 35.61
N ASP C 120 -15.85 -36.37 35.66
CA ASP C 120 -16.15 -37.07 36.90
C ASP C 120 -15.00 -37.98 37.30
N GLY C 121 -14.83 -38.15 38.61
CA GLY C 121 -13.77 -38.98 39.14
C GLY C 121 -12.38 -38.41 38.98
N ILE C 122 -12.25 -37.20 38.44
CA ILE C 122 -10.94 -36.58 38.21
C ILE C 122 -10.69 -35.54 39.29
N THR C 123 -9.43 -35.42 39.70
CA THR C 123 -9.04 -34.54 40.80
C THR C 123 -9.16 -33.09 40.35
N VAL C 124 -10.14 -32.37 40.89
CA VAL C 124 -10.28 -30.94 40.64
C VAL C 124 -10.12 -30.21 41.96
N ALA C 125 -9.29 -29.16 41.95
CA ALA C 125 -9.04 -28.38 43.15
C ALA C 125 -10.34 -27.80 43.71
N LYS C 126 -10.46 -27.83 45.03
CA LYS C 126 -11.66 -27.39 45.71
C LYS C 126 -11.62 -25.89 45.96
N ASP C 138 -8.34 -20.69 50.17
CA ASP C 138 -7.06 -20.00 50.22
C ASP C 138 -5.90 -20.99 50.28
N LYS C 139 -6.05 -22.02 51.09
CA LYS C 139 -5.07 -23.10 51.09
C LYS C 139 -5.13 -23.89 49.78
N ILE C 140 -6.32 -24.01 49.18
CA ILE C 140 -6.44 -24.54 47.84
C ILE C 140 -5.58 -23.74 46.86
N VAL C 141 -5.66 -22.42 46.95
CA VAL C 141 -4.98 -21.58 45.96
C VAL C 141 -3.47 -21.70 46.11
N GLU C 142 -2.97 -21.78 47.34
CA GLU C 142 -1.53 -21.89 47.52
C GLU C 142 -1.04 -23.29 47.20
N SER C 143 -1.87 -24.32 47.38
CA SER C 143 -1.53 -25.62 46.82
C SER C 143 -1.39 -25.54 45.31
N ILE C 144 -2.32 -24.85 44.65
CA ILE C 144 -2.22 -24.66 43.21
C ILE C 144 -0.94 -23.93 42.87
N ARG C 145 -0.60 -22.90 43.64
CA ARG C 145 0.63 -22.15 43.37
C ARG C 145 1.86 -23.04 43.48
N THR C 146 1.90 -23.92 44.49
CA THR C 146 3.01 -24.85 44.60
C THR C 146 3.06 -25.80 43.41
N HIS C 147 1.88 -26.26 42.96
CA HIS C 147 1.85 -27.07 41.74
C HIS C 147 2.43 -26.32 40.56
N LEU C 148 2.06 -25.05 40.43
CA LEU C 148 2.56 -24.22 39.34
C LEU C 148 4.07 -24.06 39.43
N VAL C 149 4.60 -23.88 40.64
CA VAL C 149 6.05 -23.83 40.82
C VAL C 149 6.68 -25.13 40.36
N LYS C 150 6.04 -26.27 40.64
CA LYS C 150 6.56 -27.54 40.13
C LYS C 150 6.60 -27.52 38.60
N ILE C 151 5.46 -27.23 37.97
CA ILE C 151 5.35 -27.34 36.52
C ILE C 151 6.17 -26.28 35.80
N ALA C 152 6.62 -25.24 36.51
CA ALA C 152 7.51 -24.26 35.91
C ALA C 152 8.85 -24.85 35.53
N GLU C 153 9.33 -25.85 36.27
CA GLU C 153 10.64 -26.43 36.00
C GLU C 153 10.57 -27.78 35.32
N MET C 154 9.39 -28.27 34.97
CA MET C 154 9.27 -29.37 34.03
C MET C 154 9.05 -28.82 32.62
N SER C 155 8.92 -29.72 31.64
CA SER C 155 8.81 -29.29 30.25
C SER C 155 7.90 -30.24 29.50
N GLN C 156 6.84 -29.70 28.90
CA GLN C 156 5.88 -30.45 28.11
C GLN C 156 6.15 -30.24 26.62
N LEU C 157 5.66 -31.17 25.81
CA LEU C 157 5.56 -30.93 24.37
C LEU C 157 4.64 -29.74 24.09
N GLY C 158 5.12 -28.82 23.25
CA GLY C 158 4.37 -27.62 22.93
C GLY C 158 4.01 -27.53 21.47
N LEU C 159 2.99 -26.72 21.15
CA LEU C 159 2.60 -26.54 19.75
C LEU C 159 3.76 -26.00 18.92
N LEU C 160 4.48 -25.02 19.44
CA LEU C 160 5.72 -24.59 18.82
C LEU C 160 6.89 -25.31 19.48
N PRO C 161 7.75 -25.97 18.71
CA PRO C 161 8.62 -26.98 19.30
C PRO C 161 9.84 -26.44 20.02
N SER C 162 9.69 -26.11 21.30
CA SER C 162 10.83 -25.66 22.08
C SER C 162 11.46 -26.81 22.86
N THR C 163 10.65 -27.71 23.41
CA THR C 163 11.21 -28.91 24.02
C THR C 163 11.56 -29.96 22.97
N ALA C 164 10.74 -30.09 21.92
CA ALA C 164 11.04 -31.07 20.88
C ALA C 164 12.32 -30.72 20.16
N LEU C 165 12.52 -29.45 19.85
CA LEU C 165 13.75 -29.03 19.20
C LEU C 165 14.94 -29.22 20.12
N ALA C 166 14.75 -29.00 21.43
CA ALA C 166 15.84 -29.27 22.37
C ALA C 166 16.19 -30.75 22.40
N ILE C 167 15.17 -31.62 22.39
CA ILE C 167 15.42 -33.06 22.38
C ILE C 167 16.17 -33.44 21.12
N GLY C 168 15.74 -32.90 19.98
CA GLY C 168 16.42 -33.20 18.73
C GLY C 168 17.86 -32.69 18.71
N TYR C 169 18.06 -31.48 19.22
CA TYR C 169 19.41 -30.92 19.28
C TYR C 169 20.31 -31.77 20.16
N TYR C 170 19.80 -32.24 21.29
CA TYR C 170 20.61 -33.03 22.21
C TYR C 170 20.92 -34.41 21.63
N ASN C 171 19.89 -35.11 21.14
CA ASN C 171 20.09 -36.48 20.66
C ASN C 171 20.84 -36.50 19.32
N SER C 172 20.73 -35.44 18.53
CA SER C 172 21.30 -35.43 17.19
C SER C 172 22.65 -34.74 17.12
N PHE C 173 22.90 -33.71 17.93
CA PHE C 173 24.15 -32.97 17.89
C PHE C 173 24.97 -33.14 19.15
N ILE C 174 24.42 -32.80 20.32
CA ILE C 174 25.24 -32.65 21.51
C ILE C 174 25.64 -34.01 22.06
N LYS C 175 24.67 -34.90 22.25
CA LYS C 175 25.00 -36.27 22.63
C LYS C 175 25.90 -36.92 21.59
N ARG C 176 25.56 -36.76 20.30
CA ARG C 176 26.38 -37.34 19.24
C ARG C 176 27.81 -36.80 19.29
N VAL C 177 27.97 -35.48 19.39
CA VAL C 177 29.30 -34.89 19.33
C VAL C 177 30.11 -35.27 20.57
N CYS C 178 29.49 -35.20 21.74
CA CYS C 178 30.20 -35.59 22.96
C CYS C 178 30.62 -37.04 22.89
N GLU C 179 29.75 -37.93 22.43
CA GLU C 179 30.13 -39.33 22.31
C GLU C 179 31.26 -39.50 21.31
N GLU C 180 31.21 -38.79 20.18
CA GLU C 180 32.26 -38.87 19.19
C GLU C 180 33.61 -38.46 19.78
N ILE C 181 33.63 -37.34 20.50
CA ILE C 181 34.89 -36.84 21.03
C ILE C 181 35.40 -37.77 22.13
N HIS C 182 34.53 -38.20 23.03
CA HIS C 182 34.94 -39.15 24.05
C HIS C 182 35.46 -40.44 23.43
N GLY C 183 34.94 -40.81 22.26
CA GLY C 183 35.36 -42.02 21.59
C GLY C 183 36.72 -41.87 20.95
N SER C 184 36.81 -41.03 19.93
CA SER C 184 38.07 -40.90 19.19
C SER C 184 39.06 -39.99 19.88
N GLU C 185 38.61 -39.14 20.81
CA GLU C 185 39.47 -38.17 21.48
C GLU C 185 40.18 -37.26 20.49
N CYS C 186 39.65 -37.14 19.28
CA CYS C 186 40.29 -36.39 18.22
C CYS C 186 39.22 -35.81 17.30
N VAL C 187 39.51 -34.64 16.74
CA VAL C 187 38.56 -33.94 15.87
C VAL C 187 39.33 -33.45 14.66
N GLU C 188 38.63 -33.35 13.54
CA GLU C 188 39.25 -33.21 12.22
C GLU C 188 38.92 -31.86 11.61
N LEU C 189 39.95 -31.16 11.13
CA LEU C 189 39.77 -29.87 10.49
C LEU C 189 40.75 -29.72 9.34
N GLU C 190 40.23 -29.45 8.15
CA GLU C 190 40.97 -29.58 6.89
C GLU C 190 41.92 -30.77 6.92
N GLY C 191 41.34 -31.94 7.21
CA GLY C 191 42.07 -33.19 7.19
C GLY C 191 43.07 -33.38 8.32
N LYS C 192 43.35 -32.33 9.10
CA LYS C 192 44.23 -32.46 10.25
C LYS C 192 43.46 -33.09 11.39
N LYS C 193 43.94 -34.22 11.89
CA LYS C 193 43.34 -34.90 13.03
C LYS C 193 43.97 -34.34 14.29
N ILE C 194 43.40 -33.25 14.81
CA ILE C 194 43.93 -32.64 16.01
C ILE C 194 43.42 -33.40 17.22
N LYS C 195 44.25 -33.48 18.26
CA LYS C 195 43.98 -34.37 19.37
C LYS C 195 43.21 -33.60 20.44
N VAL C 196 42.26 -34.28 21.06
CA VAL C 196 41.45 -33.69 22.11
C VAL C 196 41.84 -34.36 23.42
N LYS C 197 42.65 -33.67 24.22
CA LYS C 197 42.99 -34.18 25.55
C LYS C 197 41.84 -33.93 26.53
N SER C 198 41.44 -32.67 26.65
CA SER C 198 40.29 -32.27 27.45
C SER C 198 39.18 -31.78 26.53
N PHE C 199 37.97 -32.24 26.80
CA PHE C 199 36.78 -31.92 26.02
C PHE C 199 35.74 -31.23 26.88
N ARG C 200 34.99 -30.34 26.25
CA ARG C 200 33.82 -29.72 26.86
C ARG C 200 33.18 -28.79 25.85
N VAL C 201 31.87 -28.58 25.96
CA VAL C 201 31.14 -27.84 24.94
C VAL C 201 30.24 -26.83 25.63
N ASP C 202 29.96 -25.74 24.94
CA ASP C 202 29.03 -24.73 25.41
C ASP C 202 27.92 -24.49 24.40
N VAL C 203 26.71 -24.28 24.90
CA VAL C 203 25.54 -24.02 24.07
C VAL C 203 25.18 -22.56 24.24
N VAL C 204 25.35 -21.76 23.18
CA VAL C 204 25.16 -20.32 23.24
C VAL C 204 23.75 -20.02 22.73
N ILE C 205 22.83 -19.74 23.65
CA ILE C 205 21.47 -19.36 23.30
C ILE C 205 21.41 -17.84 23.21
N PRO C 206 21.11 -17.28 22.04
CA PRO C 206 21.03 -15.81 21.94
C PRO C 206 19.92 -15.26 22.82
N GLU C 207 20.13 -14.03 23.30
CA GLU C 207 19.13 -13.40 24.15
C GLU C 207 17.82 -13.21 23.40
N THR C 208 17.89 -12.77 22.15
CA THR C 208 16.72 -12.58 21.32
C THR C 208 16.90 -13.37 20.03
N LEU C 209 15.80 -13.83 19.47
CA LEU C 209 15.83 -14.65 18.27
C LEU C 209 15.82 -13.74 17.05
N ASP C 210 16.85 -13.86 16.23
CA ASP C 210 16.95 -13.09 15.00
C ASP C 210 15.82 -13.45 14.06
N ASP C 211 15.34 -12.45 13.31
CA ASP C 211 14.25 -12.68 12.37
C ASP C 211 14.62 -13.74 11.34
N ASN C 212 15.78 -13.62 10.73
CA ASN C 212 16.27 -14.57 9.74
C ASN C 212 16.67 -15.89 10.36
N GLY C 213 16.38 -16.11 11.64
CA GLY C 213 17.00 -17.19 12.38
C GLY C 213 18.39 -16.80 12.83
N VAL C 214 19.05 -17.75 13.50
CA VAL C 214 20.25 -17.42 14.27
C VAL C 214 21.48 -17.51 13.39
N GLY C 215 21.27 -17.56 12.07
CA GLY C 215 22.40 -17.63 11.17
C GLY C 215 23.28 -16.39 11.23
N ASN C 216 22.65 -15.21 11.18
CA ASN C 216 23.43 -13.98 11.23
C ASN C 216 24.06 -13.77 12.60
N PHE C 217 23.33 -14.04 13.68
CA PHE C 217 23.94 -13.96 15.00
C PHE C 217 25.08 -14.97 15.11
N THR C 218 24.90 -16.16 14.55
CA THR C 218 25.94 -17.16 14.58
C THR C 218 27.19 -16.68 13.84
N THR C 219 27.02 -16.08 12.66
CA THR C 219 28.18 -15.57 11.95
C THR C 219 28.86 -14.44 12.70
N LEU C 220 28.08 -13.50 13.25
CA LEU C 220 28.66 -12.46 14.10
C LEU C 220 29.50 -13.07 15.22
N TYR C 221 28.94 -14.04 15.93
CA TYR C 221 29.60 -14.55 17.13
C TYR C 221 30.82 -15.39 16.77
N ASN C 222 30.76 -16.16 15.68
CA ASN C 222 31.95 -16.85 15.19
C ASN C 222 33.02 -15.88 14.71
N LYS C 223 32.63 -14.75 14.12
CA LYS C 223 33.60 -13.76 13.67
C LYS C 223 34.26 -13.08 14.86
N ARG C 224 33.47 -12.70 15.85
CA ARG C 224 33.98 -11.97 17.01
C ARG C 224 35.10 -12.77 17.67
N TYR C 225 34.79 -13.97 18.12
CA TYR C 225 35.79 -14.81 18.77
C TYR C 225 36.54 -15.63 17.71
N GLY C 226 37.60 -16.29 18.15
CA GLY C 226 38.35 -17.14 17.25
C GLY C 226 37.75 -18.53 17.13
N LEU C 227 36.52 -18.60 16.62
CA LEU C 227 35.80 -19.86 16.54
C LEU C 227 36.08 -20.51 15.19
N SER C 228 36.94 -21.52 15.20
CA SER C 228 37.38 -22.18 13.99
C SER C 228 36.55 -23.44 13.73
N LYS C 229 36.38 -23.75 12.45
CA LYS C 229 35.57 -24.90 12.06
C LYS C 229 36.30 -26.20 12.39
N ALA C 230 35.52 -27.24 12.70
CA ALA C 230 36.09 -28.56 12.95
C ALA C 230 34.99 -29.60 12.89
N THR C 231 35.31 -30.76 12.32
CA THR C 231 34.34 -31.81 12.09
C THR C 231 34.68 -33.02 12.94
N THR C 232 33.64 -33.69 13.46
CA THR C 232 33.85 -34.93 14.18
C THR C 232 34.44 -35.97 13.26
N CYS C 233 35.47 -36.67 13.72
CA CYS C 233 36.12 -37.68 12.90
C CYS C 233 35.17 -38.83 12.63
N THR C 234 35.16 -39.29 11.38
CA THR C 234 34.32 -40.39 10.95
C THR C 234 35.22 -41.55 10.58
N ASN C 235 35.13 -42.65 11.34
CA ASN C 235 35.94 -43.82 11.05
C ASN C 235 35.46 -44.49 9.76
N PRO C 236 36.37 -45.12 9.00
CA PRO C 236 35.96 -45.74 7.74
C PRO C 236 34.99 -46.89 7.90
N ALA C 237 34.92 -47.50 9.08
CA ALA C 237 34.00 -48.62 9.28
C ALA C 237 32.56 -48.19 9.08
N LEU C 238 32.20 -47.00 9.57
CA LEU C 238 30.82 -46.53 9.55
C LEU C 238 30.61 -45.72 8.28
N LEU C 239 30.27 -46.43 7.19
CA LEU C 239 30.26 -45.81 5.87
C LEU C 239 28.99 -45.02 5.61
N GLY C 240 28.01 -45.06 6.50
CA GLY C 240 26.77 -44.36 6.29
C GLY C 240 26.46 -43.40 7.42
N THR C 241 27.50 -42.78 7.95
CA THR C 241 27.38 -41.78 9.00
C THR C 241 28.09 -40.51 8.56
N ARG C 242 27.53 -39.37 8.95
CA ARG C 242 28.07 -38.07 8.59
C ARG C 242 28.62 -37.40 9.84
N GLY C 243 29.75 -36.72 9.67
CA GLY C 243 30.31 -35.97 10.78
C GLY C 243 29.49 -34.71 11.05
N PHE C 244 29.83 -34.06 12.15
CA PHE C 244 29.15 -32.84 12.61
C PHE C 244 30.12 -31.68 12.56
N PRO C 245 30.15 -30.91 11.48
CA PRO C 245 30.93 -29.67 11.49
C PRO C 245 30.38 -28.70 12.52
N PHE C 246 31.28 -28.15 13.34
CA PHE C 246 30.93 -27.22 14.40
C PHE C 246 32.05 -26.20 14.51
N HIS C 247 31.91 -25.31 15.50
CA HIS C 247 32.87 -24.24 15.72
C HIS C 247 33.42 -24.36 17.14
N PHE C 248 34.74 -24.34 17.25
CA PHE C 248 35.42 -24.56 18.52
C PHE C 248 36.43 -23.45 18.74
N LYS C 249 37.12 -23.51 19.88
CA LYS C 249 37.98 -22.41 20.31
C LYS C 249 39.17 -22.95 21.10
N PRO C 260 47.28 -32.82 21.60
CA PRO C 260 46.41 -33.00 22.76
C PRO C 260 46.12 -31.69 23.46
N VAL C 261 45.00 -31.05 23.10
CA VAL C 261 44.73 -29.67 23.49
C VAL C 261 43.36 -29.56 24.12
N ASP C 262 43.22 -28.58 25.01
CA ASP C 262 41.93 -28.21 25.58
C ASP C 262 41.13 -27.47 24.52
N ILE C 263 40.11 -28.11 23.97
CA ILE C 263 39.23 -27.46 23.02
C ILE C 263 38.10 -26.79 23.77
N HIS C 264 37.88 -25.51 23.49
CA HIS C 264 36.90 -24.69 24.19
C HIS C 264 35.60 -24.65 23.40
N LEU C 265 35.09 -25.85 23.12
CA LEU C 265 34.04 -26.00 22.12
C LEU C 265 32.80 -25.22 22.53
N LEU C 266 32.10 -24.68 21.53
CA LEU C 266 30.86 -23.98 21.79
C LEU C 266 30.16 -23.69 20.46
N ASP C 267 28.84 -23.67 20.50
CA ASP C 267 28.05 -23.51 19.29
C ASP C 267 26.70 -22.90 19.63
N ILE C 268 26.12 -22.20 18.66
CA ILE C 268 24.75 -21.72 18.73
C ILE C 268 23.86 -22.78 18.11
N PRO C 269 22.82 -23.26 18.79
CA PRO C 269 21.93 -24.25 18.17
C PRO C 269 21.20 -23.64 16.99
N SER C 270 21.47 -24.15 15.79
CA SER C 270 20.83 -23.60 14.60
C SER C 270 19.33 -23.86 14.61
N THR C 271 18.91 -24.94 15.26
CA THR C 271 17.49 -25.29 15.29
C THR C 271 16.64 -24.12 15.76
N LEU C 272 17.23 -23.16 16.48
CA LEU C 272 16.44 -22.02 16.96
C LEU C 272 15.76 -21.30 15.82
N SER C 273 16.36 -21.30 14.63
CA SER C 273 15.73 -20.65 13.49
C SER C 273 14.31 -21.19 13.29
N THR C 274 14.15 -22.51 13.41
CA THR C 274 12.83 -23.10 13.30
C THR C 274 11.84 -22.41 14.22
N ILE C 275 12.23 -22.19 15.48
CA ILE C 275 11.33 -21.52 16.42
C ILE C 275 10.78 -20.26 15.78
N VAL C 276 11.65 -19.44 15.18
CA VAL C 276 11.21 -18.21 14.55
C VAL C 276 10.06 -18.52 13.60
N GLU C 277 10.32 -19.37 12.61
CA GLU C 277 9.26 -19.84 11.73
C GLU C 277 8.01 -20.20 12.53
N SER C 278 8.16 -21.16 13.44
CA SER C 278 6.99 -21.67 14.16
C SER C 278 6.25 -20.51 14.82
N LEU C 279 6.99 -19.53 15.33
CA LEU C 279 6.37 -18.43 16.06
C LEU C 279 5.27 -17.78 15.23
N LYS C 280 5.54 -17.55 13.95
CA LYS C 280 4.49 -16.98 13.10
C LYS C 280 3.34 -17.96 12.96
N LEU C 281 3.65 -19.21 12.60
CA LEU C 281 2.61 -20.23 12.59
C LEU C 281 2.02 -20.46 13.97
N TYR C 282 2.64 -19.92 15.03
CA TYR C 282 2.01 -19.83 16.34
C TYR C 282 1.17 -18.57 16.50
N LEU C 283 1.73 -17.41 16.17
CA LEU C 283 1.11 -16.13 16.47
C LEU C 283 1.22 -15.25 15.22
N PRO C 284 0.43 -15.56 14.20
CA PRO C 284 0.40 -14.69 13.01
C PRO C 284 -0.14 -13.31 13.36
N SER C 285 0.42 -12.30 12.72
CA SER C 285 0.00 -10.93 12.98
C SER C 285 0.45 -10.04 11.83
N ASN C 286 -0.44 -9.14 11.43
CA ASN C 286 -0.24 -8.23 10.31
C ASN C 286 0.59 -7.01 10.68
N GLN C 287 1.29 -7.02 11.81
CA GLN C 287 1.83 -5.81 12.40
C GLN C 287 3.34 -5.92 12.46
N VAL C 288 4.03 -4.87 12.04
CA VAL C 288 5.48 -4.82 12.00
C VAL C 288 5.93 -3.87 13.10
N GLY C 289 6.54 -4.41 14.15
CA GLY C 289 6.95 -3.59 15.26
C GLY C 289 7.25 -4.44 16.49
N GLN C 290 7.52 -3.74 17.58
CA GLN C 290 7.96 -4.36 18.83
C GLN C 290 6.72 -4.79 19.61
N ASP C 291 6.46 -6.09 19.65
CA ASP C 291 5.30 -6.64 20.35
C ASP C 291 5.76 -7.28 21.65
N PHE C 292 5.15 -6.86 22.76
CA PHE C 292 5.51 -7.42 24.05
C PHE C 292 5.05 -8.86 24.18
N ASP C 293 3.84 -9.15 23.68
CA ASP C 293 3.33 -10.52 23.71
C ASP C 293 4.29 -11.48 23.01
N MET C 294 4.74 -11.09 21.81
CA MET C 294 5.66 -11.94 21.06
C MET C 294 7.01 -12.02 21.75
N ASP C 295 7.50 -10.90 22.27
CA ASP C 295 8.79 -10.93 22.97
C ASP C 295 8.76 -11.88 24.15
N TYR C 296 7.68 -11.84 24.93
CA TYR C 296 7.52 -12.74 26.07
C TYR C 296 7.43 -14.19 25.61
N LEU C 297 6.66 -14.44 24.55
CA LEU C 297 6.48 -15.81 24.07
C LEU C 297 7.80 -16.39 23.60
N GLU C 298 8.48 -15.65 22.73
CA GLU C 298 9.77 -16.06 22.18
C GLU C 298 10.83 -16.24 23.26
N MET C 299 10.89 -15.32 24.23
CA MET C 299 11.81 -15.50 25.35
C MET C 299 11.46 -16.73 26.17
N ARG C 300 10.17 -16.99 26.39
CA ARG C 300 9.80 -18.17 27.15
C ARG C 300 10.25 -19.43 26.43
N GLU C 301 10.11 -19.44 25.10
CA GLU C 301 10.50 -20.63 24.36
C GLU C 301 12.01 -20.81 24.41
N LEU C 302 12.77 -19.71 24.40
CA LEU C 302 14.21 -19.82 24.59
C LEU C 302 14.55 -20.39 25.97
N GLU C 303 13.85 -19.93 27.00
CA GLU C 303 14.03 -20.49 28.34
C GLU C 303 13.70 -21.97 28.38
N ASN C 304 12.60 -22.37 27.74
CA ASN C 304 12.21 -23.79 27.75
C ASN C 304 13.24 -24.64 27.02
N PHE C 305 13.76 -24.14 25.90
CA PHE C 305 14.83 -24.84 25.21
C PHE C 305 16.03 -25.02 26.11
N ALA C 306 16.47 -23.94 26.77
CA ALA C 306 17.64 -24.05 27.63
C ALA C 306 17.37 -24.97 28.81
N LYS C 307 16.16 -24.92 29.37
CA LYS C 307 15.81 -25.79 30.48
C LYS C 307 15.85 -27.26 30.08
N VAL C 308 15.26 -27.59 28.94
CA VAL C 308 15.27 -28.98 28.47
C VAL C 308 16.70 -29.43 28.24
N LEU C 309 17.52 -28.60 27.61
CA LEU C 309 18.90 -29.00 27.35
C LEU C 309 19.67 -29.18 28.64
N LYS C 310 19.50 -28.26 29.60
CA LYS C 310 20.21 -28.34 30.87
C LYS C 310 19.79 -29.56 31.66
N TYR C 311 18.52 -29.98 31.55
CA TYR C 311 18.12 -31.22 32.22
C TYR C 311 18.67 -32.43 31.49
N LEU C 312 18.68 -32.40 30.15
CA LEU C 312 19.12 -33.53 29.36
C LEU C 312 20.63 -33.72 29.40
N ILE C 313 21.38 -32.73 29.86
CA ILE C 313 22.82 -32.92 30.02
C ILE C 313 23.14 -33.69 31.29
N GLY C 314 22.39 -33.45 32.37
CA GLY C 314 22.50 -34.35 33.51
C GLY C 314 21.88 -35.71 33.28
N ARG C 315 21.08 -35.86 32.23
CA ARG C 315 20.53 -37.15 31.82
C ARG C 315 21.58 -38.13 31.30
N ASN C 316 22.80 -37.67 31.00
CA ASN C 316 23.77 -38.54 30.36
C ASN C 316 25.15 -38.28 30.96
N ALA C 317 25.96 -39.33 30.98
CA ALA C 317 27.32 -39.21 31.50
C ALA C 317 28.24 -38.51 30.51
N ALA C 318 28.16 -38.85 29.23
CA ALA C 318 29.06 -38.26 28.25
C ALA C 318 28.83 -36.76 28.09
N THR C 319 27.69 -36.25 28.54
CA THR C 319 27.38 -34.83 28.45
C THR C 319 27.07 -34.24 29.82
N LYS C 320 27.88 -34.56 30.82
CA LYS C 320 27.70 -34.05 32.18
C LYS C 320 29.01 -33.40 32.60
N GLY C 321 28.97 -32.10 32.88
CA GLY C 321 30.18 -31.39 33.21
C GLY C 321 30.95 -31.00 31.97
N TYR C 322 30.75 -31.75 30.88
CA TYR C 322 31.38 -31.50 29.60
C TYR C 322 30.53 -30.59 28.72
N VAL C 323 29.42 -30.09 29.23
CA VAL C 323 28.46 -29.32 28.45
C VAL C 323 27.81 -28.27 29.35
N ASN C 324 27.83 -27.02 28.91
CA ASN C 324 27.28 -25.91 29.68
C ASN C 324 26.36 -25.10 28.79
N VAL C 325 25.47 -24.33 29.40
CA VAL C 325 24.47 -23.53 28.69
C VAL C 325 24.63 -22.04 29.06
N LEU C 326 24.99 -21.22 28.06
CA LEU C 326 25.08 -19.77 28.25
C LEU C 326 23.79 -19.10 27.77
N THR C 327 22.71 -19.33 28.50
CA THR C 327 21.44 -18.79 28.07
C THR C 327 21.51 -17.26 28.08
N ASN C 328 20.78 -16.64 27.17
CA ASN C 328 20.68 -15.18 27.06
C ASN C 328 22.06 -14.52 26.93
N VAL C 329 22.70 -14.78 25.79
CA VAL C 329 23.98 -14.17 25.45
C VAL C 329 23.75 -12.98 24.55
N LYS C 330 24.45 -11.88 24.82
CA LYS C 330 24.32 -10.64 24.07
C LYS C 330 22.87 -10.21 23.97
N LYS D 10 -9.71 -43.50 5.49
CA LYS D 10 -8.50 -43.64 6.28
C LYS D 10 -8.43 -42.57 7.37
N LYS D 11 -8.46 -41.30 6.97
CA LYS D 11 -8.28 -40.21 7.91
C LYS D 11 -9.23 -40.37 9.09
N ARG D 12 -8.67 -40.39 10.29
CA ARG D 12 -9.44 -40.66 11.50
C ARG D 12 -10.20 -39.41 11.93
N ILE D 13 -11.53 -39.53 12.06
CA ILE D 13 -12.37 -38.38 12.39
C ILE D 13 -13.15 -38.70 13.66
N PHE D 14 -12.96 -37.89 14.70
CA PHE D 14 -13.63 -38.11 15.98
C PHE D 14 -14.97 -37.40 15.98
N ILE D 15 -16.05 -38.17 15.98
CA ILE D 15 -17.40 -37.63 16.02
C ILE D 15 -17.88 -37.65 17.46
N GLY D 16 -17.95 -36.49 18.10
CA GLY D 16 -18.40 -36.36 19.48
C GLY D 16 -19.81 -35.81 19.53
N SER D 17 -20.68 -36.50 20.26
CA SER D 17 -22.06 -36.09 20.42
C SER D 17 -22.62 -36.68 21.70
N SER D 18 -23.74 -36.13 22.15
CA SER D 18 -24.37 -36.62 23.37
C SER D 18 -24.96 -38.01 23.17
N SER D 19 -25.18 -38.70 24.29
CA SER D 19 -25.64 -40.08 24.24
C SER D 19 -27.00 -40.21 23.55
N GLU D 20 -27.86 -39.19 23.67
CA GLU D 20 -29.15 -39.25 23.01
C GLU D 20 -29.08 -38.91 21.52
N GLN D 21 -28.01 -38.29 21.07
CA GLN D 21 -27.85 -37.99 19.65
C GLN D 21 -27.09 -39.11 18.95
N LEU D 22 -27.55 -40.34 19.10
CA LEU D 22 -26.84 -41.49 18.57
C LEU D 22 -27.34 -41.93 17.20
N THR D 23 -28.40 -41.32 16.67
CA THR D 23 -28.81 -41.59 15.30
C THR D 23 -28.29 -40.55 14.32
N ILE D 24 -28.22 -39.28 14.74
CA ILE D 24 -27.57 -38.29 13.91
C ILE D 24 -26.10 -38.65 13.74
N LEU D 25 -25.47 -39.14 14.81
CA LEU D 25 -24.07 -39.50 14.73
C LEU D 25 -23.85 -40.43 13.54
N ASN D 26 -24.57 -41.57 13.55
CA ASN D 26 -24.40 -42.59 12.52
C ASN D 26 -24.87 -42.12 11.15
N GLU D 27 -25.83 -41.19 11.09
CA GLU D 27 -26.10 -40.56 9.80
C GLU D 27 -24.88 -39.80 9.29
N ILE D 28 -24.25 -39.01 10.17
CA ILE D 28 -23.07 -38.26 9.72
C ILE D 28 -21.93 -39.22 9.36
N VAL D 29 -21.86 -40.36 10.03
CA VAL D 29 -20.89 -41.40 9.67
C VAL D 29 -21.13 -41.90 8.25
N ASP D 30 -22.38 -42.18 7.93
CA ASP D 30 -22.74 -42.58 6.56
C ASP D 30 -22.45 -41.46 5.55
N LEU D 31 -22.79 -40.23 5.89
CA LEU D 31 -22.71 -39.12 4.95
C LEU D 31 -21.29 -38.91 4.41
N LEU D 32 -20.26 -39.23 5.19
CA LEU D 32 -18.91 -39.18 4.62
C LEU D 32 -18.30 -40.56 4.78
N GLY D 33 -19.02 -41.58 4.32
CA GLY D 33 -18.51 -42.93 4.39
C GLY D 33 -17.47 -43.19 3.33
N ASP D 34 -16.54 -44.09 3.66
CA ASP D 34 -15.40 -44.42 2.81
C ASP D 34 -14.42 -43.25 2.89
N ASP D 35 -13.14 -43.50 2.64
CA ASP D 35 -11.86 -42.77 2.61
C ASP D 35 -11.65 -41.98 3.90
N VAL D 36 -12.38 -42.33 4.96
CA VAL D 36 -12.31 -41.68 6.26
C VAL D 36 -12.71 -42.72 7.29
N GLU D 37 -11.97 -42.77 8.41
CA GLU D 37 -12.29 -43.66 9.52
C GLU D 37 -13.02 -42.88 10.61
N CYS D 38 -14.29 -42.60 10.33
CA CYS D 38 -15.16 -41.94 11.29
C CYS D 38 -15.24 -42.80 12.55
N ILE D 39 -14.65 -42.35 13.65
CA ILE D 39 -14.73 -43.05 14.93
C ILE D 39 -15.65 -42.23 15.84
N PRO D 40 -16.71 -42.83 16.38
CA PRO D 40 -17.56 -42.09 17.31
C PRO D 40 -16.95 -42.06 18.70
N TRP D 41 -17.56 -41.23 19.55
CA TRP D 41 -17.15 -41.19 20.96
C TRP D 41 -17.54 -42.46 21.70
N THR D 42 -18.42 -43.29 21.13
CA THR D 42 -18.87 -44.50 21.82
C THR D 42 -17.76 -45.54 21.88
N ASP D 43 -17.06 -45.76 20.76
CA ASP D 43 -15.94 -46.68 20.74
C ASP D 43 -14.60 -45.97 20.94
N ALA D 44 -14.64 -44.70 21.29
CA ALA D 44 -13.43 -43.93 21.57
C ALA D 44 -13.01 -43.97 23.03
N PHE D 45 -13.71 -44.74 23.87
CA PHE D 45 -13.43 -44.82 25.30
C PHE D 45 -12.82 -46.18 25.61
N ALA D 46 -11.55 -46.18 26.01
CA ALA D 46 -10.88 -47.41 26.38
C ALA D 46 -11.31 -47.86 27.78
N LEU D 47 -11.28 -49.17 27.99
CA LEU D 47 -11.71 -49.74 29.26
C LEU D 47 -10.72 -49.41 30.37
N ASN D 48 -11.25 -49.26 31.59
CA ASN D 48 -10.43 -48.99 32.76
C ASN D 48 -9.59 -47.73 32.58
N LYS D 49 -10.17 -46.73 31.92
CA LYS D 49 -9.50 -45.46 31.69
C LYS D 49 -10.49 -44.33 31.99
N SER D 50 -9.96 -43.23 32.49
CA SER D 50 -10.79 -42.07 32.75
C SER D 50 -11.31 -41.49 31.44
N GLY D 51 -12.55 -41.01 31.45
CA GLY D 51 -13.12 -40.44 30.23
C GLY D 51 -12.27 -39.29 29.70
N LEU D 52 -11.78 -38.43 30.59
CA LEU D 52 -10.94 -37.33 30.16
C LEU D 52 -9.65 -37.85 29.52
N ASP D 53 -9.08 -38.90 30.09
CA ASP D 53 -7.85 -39.47 29.51
C ASP D 53 -8.09 -39.95 28.09
N SER D 54 -9.18 -40.71 27.88
CA SER D 54 -9.48 -41.20 26.54
C SER D 54 -9.78 -40.06 25.58
N LEU D 55 -10.47 -39.02 26.07
CA LEU D 55 -10.79 -37.89 25.21
C LEU D 55 -9.51 -37.18 24.78
N ILE D 56 -8.64 -36.88 25.74
CA ILE D 56 -7.34 -36.29 25.39
C ILE D 56 -6.61 -37.20 24.44
N LYS D 57 -6.78 -38.52 24.57
CA LYS D 57 -5.93 -39.44 23.84
C LYS D 57 -6.35 -39.50 22.38
N GLN D 58 -7.66 -39.52 22.14
CA GLN D 58 -8.18 -39.37 20.79
C GLN D 58 -7.80 -38.03 20.20
N THR D 59 -7.90 -36.97 21.01
CA THR D 59 -7.40 -35.67 20.57
C THR D 59 -5.98 -35.79 20.01
N ARG D 60 -5.21 -36.74 20.52
CA ARG D 60 -3.85 -36.98 20.07
C ARG D 60 -3.78 -38.02 18.96
N LEU D 61 -4.92 -38.61 18.58
CA LEU D 61 -4.99 -39.54 17.46
C LEU D 61 -5.87 -39.02 16.33
N ALA D 62 -7.12 -38.67 16.62
CA ALA D 62 -8.03 -38.25 15.56
C ALA D 62 -7.50 -37.02 14.82
N ASP D 63 -7.50 -37.11 13.50
CA ASP D 63 -7.03 -36.01 12.67
C ASP D 63 -7.94 -34.80 12.80
N TYR D 64 -9.26 -35.01 12.75
CA TYR D 64 -10.23 -33.94 12.77
C TYR D 64 -11.29 -34.27 13.81
N SER D 65 -12.30 -33.43 13.90
CA SER D 65 -13.41 -33.68 14.81
C SER D 65 -14.65 -32.99 14.27
N ILE D 66 -15.80 -33.64 14.43
CA ILE D 66 -17.06 -33.17 13.84
C ILE D 66 -18.11 -32.99 14.94
N LEU D 67 -17.69 -32.51 16.12
CA LEU D 67 -18.57 -32.56 17.28
C LEU D 67 -19.94 -31.96 17.00
N ILE D 68 -20.97 -32.63 17.50
CA ILE D 68 -22.36 -32.32 17.21
C ILE D 68 -22.98 -31.72 18.46
N ALA D 69 -23.45 -30.49 18.36
CA ALA D 69 -24.09 -29.77 19.44
C ALA D 69 -25.57 -29.60 19.12
N THR D 70 -26.43 -30.02 20.05
CA THR D 70 -27.86 -29.99 19.82
C THR D 70 -28.64 -29.40 20.99
N LYS D 71 -29.97 -29.51 20.94
CA LYS D 71 -30.87 -28.91 21.93
C LYS D 71 -30.98 -29.84 23.14
N ASP D 72 -30.10 -29.62 24.12
CA ASP D 72 -30.15 -30.37 25.37
C ASP D 72 -29.45 -29.58 26.46
N ASP D 73 -29.72 -29.95 27.71
CA ASP D 73 -29.33 -29.13 28.87
C ASP D 73 -29.95 -27.74 28.80
N LEU D 74 -31.26 -27.70 28.93
CA LEU D 74 -31.94 -26.43 29.10
C LEU D 74 -31.37 -25.72 30.33
N THR D 75 -30.76 -24.56 30.10
CA THR D 75 -29.92 -23.90 31.09
C THR D 75 -30.56 -22.60 31.57
N LYS D 76 -29.83 -21.90 32.44
CA LYS D 76 -30.32 -20.70 33.13
C LYS D 76 -29.27 -19.61 33.00
N GLN D 77 -29.71 -18.40 32.67
CA GLN D 77 -28.90 -17.19 32.89
C GLN D 77 -29.81 -15.99 33.09
N SER D 81 -34.82 -19.20 30.18
CA SER D 81 -34.59 -20.50 29.56
C SER D 81 -33.93 -20.33 28.20
N LEU D 82 -33.00 -21.23 27.88
CA LEU D 82 -32.30 -21.21 26.60
C LEU D 82 -31.67 -22.57 26.36
N THR D 83 -32.03 -23.21 25.25
CA THR D 83 -31.61 -24.59 24.98
C THR D 83 -30.17 -24.59 24.47
N LYS D 84 -29.24 -24.81 25.37
CA LYS D 84 -27.82 -24.79 25.06
C LYS D 84 -27.38 -26.15 24.50
N PRO D 85 -26.11 -26.29 24.14
CA PRO D 85 -25.56 -27.62 23.84
C PRO D 85 -25.08 -28.30 25.11
N ARG D 86 -24.37 -29.42 25.00
CA ARG D 86 -24.17 -30.32 26.12
C ARG D 86 -22.77 -30.11 26.69
N ASP D 87 -22.71 -29.94 28.01
CA ASP D 87 -21.46 -29.61 28.67
C ASP D 87 -20.36 -30.59 28.34
N ASN D 88 -20.70 -31.87 28.21
CA ASN D 88 -19.76 -32.82 27.65
C ASN D 88 -19.32 -32.41 26.26
N VAL D 89 -20.29 -32.11 25.39
CA VAL D 89 -19.94 -31.77 24.01
C VAL D 89 -19.19 -30.45 23.95
N VAL D 90 -19.59 -29.47 24.76
CA VAL D 90 -18.89 -28.19 24.76
C VAL D 90 -17.46 -28.35 25.24
N PHE D 91 -17.27 -29.08 26.34
CA PHE D 91 -15.93 -29.43 26.80
C PHE D 91 -15.12 -30.08 25.69
N GLU D 92 -15.71 -31.08 25.02
CA GLU D 92 -14.99 -31.82 24.00
C GLU D 92 -14.58 -30.90 22.86
N PHE D 93 -15.49 -30.03 22.42
CA PHE D 93 -15.17 -29.10 21.35
C PHE D 93 -14.06 -28.16 21.76
N GLY D 94 -14.13 -27.64 22.98
CA GLY D 94 -13.05 -26.79 23.45
C GLY D 94 -11.71 -27.52 23.42
N LEU D 95 -11.70 -28.75 23.93
CA LEU D 95 -10.45 -29.51 23.99
C LEU D 95 -9.89 -29.76 22.60
N PHE D 96 -10.72 -30.28 21.70
CA PHE D 96 -10.25 -30.59 20.35
C PHE D 96 -9.82 -29.34 19.61
N LEU D 97 -10.55 -28.24 19.81
CA LEU D 97 -10.19 -26.98 19.16
C LEU D 97 -8.86 -26.47 19.68
N GLY D 98 -8.64 -26.54 20.99
CA GLY D 98 -7.38 -26.08 21.54
C GLY D 98 -6.20 -26.93 21.09
N ALA D 99 -6.43 -28.23 20.94
CA ALA D 99 -5.36 -29.13 20.52
C ALA D 99 -5.16 -29.08 19.02
N ALA D 100 -6.24 -29.17 18.25
CA ALA D 100 -6.16 -29.25 16.79
C ALA D 100 -6.25 -27.88 16.15
N GLY D 101 -7.35 -27.17 16.40
CA GLY D 101 -7.55 -25.84 15.87
C GLY D 101 -8.80 -25.73 15.04
N PRO D 102 -9.26 -24.50 14.81
CA PRO D 102 -10.51 -24.34 14.03
C PRO D 102 -10.44 -24.97 12.65
N GLU D 103 -9.30 -24.81 11.97
CA GLU D 103 -9.00 -25.53 10.74
C GLU D 103 -9.36 -27.01 10.78
N LYS D 104 -9.22 -27.65 11.95
CA LYS D 104 -9.33 -29.09 12.05
C LYS D 104 -10.50 -29.58 12.89
N CYS D 105 -11.01 -28.76 13.81
CA CYS D 105 -12.13 -29.14 14.66
C CYS D 105 -13.35 -28.34 14.24
N TYR D 106 -14.48 -29.02 14.08
CA TYR D 106 -15.70 -28.40 13.60
C TYR D 106 -16.87 -28.77 14.50
N LEU D 107 -17.84 -27.86 14.55
CA LEU D 107 -18.99 -27.97 15.44
C LEU D 107 -20.25 -27.91 14.57
N ILE D 108 -20.81 -29.07 14.26
CA ILE D 108 -22.14 -29.12 13.68
C ILE D 108 -23.13 -28.63 14.73
N ALA D 109 -23.99 -27.69 14.36
CA ALA D 109 -24.99 -27.15 15.27
C ALA D 109 -26.31 -27.07 14.55
N GLU D 110 -27.37 -27.55 15.20
CA GLU D 110 -28.69 -27.59 14.60
C GLU D 110 -29.26 -26.18 14.57
N GLU D 111 -30.55 -26.05 14.22
CA GLU D 111 -31.10 -24.75 13.87
C GLU D 111 -30.86 -23.72 14.96
N ASP D 112 -31.25 -24.04 16.20
CA ASP D 112 -31.11 -23.12 17.32
C ASP D 112 -30.69 -23.91 18.56
N THR D 113 -29.38 -24.04 18.76
CA THR D 113 -28.83 -24.76 19.90
C THR D 113 -28.17 -23.84 20.92
N ASP D 114 -28.11 -22.54 20.66
CA ASP D 114 -27.60 -21.56 21.61
C ASP D 114 -26.15 -21.86 21.99
N LEU D 115 -25.29 -21.70 20.99
CA LEU D 115 -23.84 -21.76 21.16
C LEU D 115 -23.42 -20.95 22.38
N PRO D 116 -22.31 -21.32 23.05
CA PRO D 116 -21.80 -20.48 24.14
C PRO D 116 -21.62 -19.03 23.73
N THR D 117 -21.52 -18.14 24.73
CA THR D 117 -21.27 -16.73 24.43
C THR D 117 -19.86 -16.47 23.94
N ASP D 118 -18.93 -17.40 24.15
CA ASP D 118 -17.62 -17.27 23.51
C ASP D 118 -17.74 -17.58 22.02
N LEU D 119 -18.60 -18.53 21.66
CA LEU D 119 -18.80 -18.95 20.27
C LEU D 119 -19.91 -18.15 19.60
N ASP D 120 -19.82 -16.82 19.66
CA ASP D 120 -20.82 -15.94 19.06
C ASP D 120 -20.21 -15.19 17.89
N GLY D 121 -21.02 -14.96 16.86
CA GLY D 121 -20.50 -14.35 15.65
C GLY D 121 -19.61 -15.25 14.85
N ILE D 122 -19.47 -16.50 15.24
CA ILE D 122 -18.59 -17.47 14.59
C ILE D 122 -19.50 -18.45 13.85
N THR D 123 -19.40 -18.45 12.52
CA THR D 123 -20.26 -19.27 11.68
C THR D 123 -19.89 -20.74 11.85
N VAL D 124 -20.71 -21.46 12.59
CA VAL D 124 -20.56 -22.91 12.73
C VAL D 124 -21.45 -23.59 11.69
N ALA D 125 -21.15 -24.87 11.45
CA ALA D 125 -21.94 -25.63 10.50
C ALA D 125 -23.37 -25.77 10.98
N LYS D 126 -24.32 -25.66 10.06
CA LYS D 126 -25.73 -25.78 10.40
C LYS D 126 -26.40 -26.92 9.65
N ASP D 138 -27.79 -31.97 5.41
CA ASP D 138 -27.06 -33.00 4.67
C ASP D 138 -26.04 -32.41 3.70
N LYS D 139 -26.46 -31.39 2.96
CA LYS D 139 -25.50 -30.64 2.14
C LYS D 139 -24.43 -30.01 3.01
N ILE D 140 -24.79 -29.70 4.26
CA ILE D 140 -23.82 -29.17 5.21
C ILE D 140 -22.65 -30.13 5.39
N VAL D 141 -22.95 -31.42 5.61
CA VAL D 141 -21.87 -32.39 5.69
C VAL D 141 -21.06 -32.39 4.40
N GLU D 142 -21.71 -32.16 3.27
CA GLU D 142 -21.00 -32.17 1.99
C GLU D 142 -19.94 -31.08 1.97
N SER D 143 -20.34 -29.85 2.30
CA SER D 143 -19.37 -28.75 2.33
C SER D 143 -18.32 -29.01 3.41
N ILE D 144 -18.73 -29.54 4.56
CA ILE D 144 -17.77 -29.85 5.61
C ILE D 144 -16.70 -30.77 5.07
N ARG D 145 -17.11 -31.82 4.34
CA ARG D 145 -16.12 -32.76 3.83
C ARG D 145 -15.21 -32.11 2.80
N THR D 146 -15.77 -31.21 1.97
CA THR D 146 -14.90 -30.53 1.01
C THR D 146 -13.85 -29.71 1.75
N HIS D 147 -14.26 -29.03 2.82
CA HIS D 147 -13.31 -28.27 3.62
C HIS D 147 -12.29 -29.20 4.28
N LEU D 148 -12.76 -30.38 4.71
CA LEU D 148 -11.86 -31.37 5.30
C LEU D 148 -10.78 -31.74 4.31
N VAL D 149 -11.16 -31.98 3.06
CA VAL D 149 -10.16 -32.33 2.06
C VAL D 149 -9.25 -31.14 1.83
N LYS D 150 -9.81 -29.92 1.84
CA LYS D 150 -9.00 -28.72 1.66
C LYS D 150 -7.90 -28.65 2.71
N ILE D 151 -8.23 -29.01 3.94
CA ILE D 151 -7.28 -28.90 5.06
C ILE D 151 -6.38 -30.12 5.13
N ALA D 152 -6.73 -31.19 4.43
CA ALA D 152 -5.82 -32.32 4.30
C ALA D 152 -4.59 -32.00 3.46
N GLU D 153 -4.65 -30.99 2.58
CA GLU D 153 -3.48 -30.50 1.85
C GLU D 153 -2.75 -29.40 2.59
N MET D 154 -3.03 -29.20 3.88
CA MET D 154 -2.43 -28.10 4.64
C MET D 154 -1.86 -28.68 5.93
N SER D 155 -0.66 -28.22 6.24
CA SER D 155 0.16 -28.72 7.34
C SER D 155 0.56 -27.58 8.25
N GLN D 156 -0.02 -27.53 9.44
CA GLN D 156 0.28 -26.51 10.43
C GLN D 156 0.96 -27.15 11.64
N LEU D 157 1.31 -26.30 12.61
CA LEU D 157 2.02 -26.77 13.79
C LEU D 157 1.16 -27.72 14.61
N GLY D 158 1.83 -28.65 15.29
CA GLY D 158 1.16 -29.58 16.17
C GLY D 158 2.09 -29.97 17.31
N LEU D 159 1.53 -30.66 18.29
CA LEU D 159 2.35 -31.18 19.38
C LEU D 159 3.51 -32.01 18.82
N LEU D 160 3.22 -32.89 17.87
CA LEU D 160 4.27 -33.58 17.15
C LEU D 160 4.80 -32.65 16.07
N PRO D 161 6.08 -32.28 16.08
CA PRO D 161 6.56 -31.17 15.25
C PRO D 161 6.98 -31.57 13.84
N SER D 162 6.14 -32.37 13.18
CA SER D 162 6.45 -32.76 11.81
C SER D 162 6.51 -31.54 10.90
N THR D 163 5.52 -30.65 11.03
CA THR D 163 5.54 -29.43 10.22
C THR D 163 6.76 -28.59 10.53
N ALA D 164 7.00 -28.31 11.82
CA ALA D 164 8.12 -27.47 12.20
C ALA D 164 9.45 -28.15 11.89
N LEU D 165 9.53 -29.46 12.12
CA LEU D 165 10.77 -30.17 11.81
C LEU D 165 11.05 -30.14 10.31
N ALA D 166 10.02 -30.28 9.48
CA ALA D 166 10.22 -30.15 8.04
C ALA D 166 10.66 -28.75 7.67
N ILE D 167 10.04 -27.73 8.28
CA ILE D 167 10.43 -26.36 8.01
C ILE D 167 11.89 -26.15 8.33
N GLY D 168 12.33 -26.64 9.49
CA GLY D 168 13.74 -26.52 9.85
C GLY D 168 14.65 -27.31 8.96
N TYR D 169 14.26 -28.54 8.60
CA TYR D 169 15.07 -29.35 7.69
C TYR D 169 15.26 -28.64 6.37
N TYR D 170 14.25 -27.89 5.92
CA TYR D 170 14.33 -27.28 4.61
C TYR D 170 15.00 -25.92 4.63
N ASN D 171 14.83 -25.16 5.70
CA ASN D 171 15.47 -23.86 5.84
C ASN D 171 16.84 -23.95 6.49
N SER D 172 17.31 -25.14 6.83
CA SER D 172 18.65 -25.33 7.36
C SER D 172 19.52 -26.25 6.53
N PHE D 173 18.95 -27.26 5.89
CA PHE D 173 19.73 -28.18 5.07
C PHE D 173 19.34 -28.12 3.60
N ILE D 174 18.08 -28.37 3.26
CA ILE D 174 17.72 -28.50 1.85
C ILE D 174 17.91 -27.18 1.12
N LYS D 175 17.32 -26.10 1.64
CA LYS D 175 17.52 -24.81 1.01
C LYS D 175 18.98 -24.39 1.06
N ARG D 176 19.63 -24.60 2.21
CA ARG D 176 21.02 -24.22 2.36
C ARG D 176 21.90 -24.95 1.34
N VAL D 177 21.75 -26.28 1.26
CA VAL D 177 22.59 -27.05 0.35
C VAL D 177 22.27 -26.69 -1.09
N CYS D 178 20.99 -26.55 -1.41
CA CYS D 178 20.61 -26.21 -2.78
C CYS D 178 21.23 -24.89 -3.19
N GLU D 179 21.12 -23.86 -2.33
CA GLU D 179 21.69 -22.57 -2.65
C GLU D 179 23.21 -22.65 -2.77
N GLU D 180 23.85 -23.40 -1.87
CA GLU D 180 25.32 -23.47 -1.91
C GLU D 180 25.81 -24.14 -3.18
N ILE D 181 25.18 -25.25 -3.57
CA ILE D 181 25.59 -25.94 -4.79
C ILE D 181 25.29 -25.09 -6.01
N HIS D 182 24.14 -24.41 -6.02
CA HIS D 182 23.84 -23.51 -7.13
C HIS D 182 24.83 -22.37 -7.20
N GLY D 183 25.35 -21.93 -6.07
CA GLY D 183 26.21 -20.77 -6.03
C GLY D 183 27.65 -21.08 -6.38
N SER D 184 28.22 -22.17 -5.84
CA SER D 184 29.67 -22.32 -5.86
C SER D 184 30.15 -23.53 -6.65
N GLU D 185 29.28 -24.17 -7.43
CA GLU D 185 29.71 -25.11 -8.47
C GLU D 185 30.68 -26.17 -7.93
N CYS D 186 30.60 -26.52 -6.65
CA CYS D 186 31.45 -27.61 -6.19
C CYS D 186 30.98 -28.15 -4.84
N VAL D 187 31.19 -29.45 -4.64
CA VAL D 187 31.06 -30.10 -3.35
C VAL D 187 32.42 -30.67 -2.95
N GLU D 188 32.66 -30.73 -1.64
CA GLU D 188 33.97 -31.06 -1.08
C GLU D 188 33.95 -32.49 -0.55
N LEU D 189 34.46 -33.43 -1.35
CA LEU D 189 34.69 -34.80 -0.90
C LEU D 189 36.16 -34.88 -0.48
N GLU D 190 36.40 -35.14 0.81
CA GLU D 190 37.71 -35.48 1.41
C GLU D 190 38.64 -34.28 1.40
N GLY D 191 38.12 -33.08 1.17
CA GLY D 191 38.93 -31.90 0.96
C GLY D 191 39.27 -31.63 -0.48
N LYS D 192 39.18 -32.64 -1.35
CA LYS D 192 39.23 -32.41 -2.79
C LYS D 192 37.84 -32.02 -3.27
N LYS D 193 37.79 -31.08 -4.21
CA LYS D 193 36.54 -30.49 -4.65
C LYS D 193 36.14 -31.05 -6.02
N ILE D 194 34.89 -31.50 -6.13
CA ILE D 194 34.35 -31.99 -7.39
C ILE D 194 33.26 -31.04 -7.83
N LYS D 195 33.07 -30.95 -9.14
CA LYS D 195 32.35 -29.85 -9.77
C LYS D 195 30.95 -30.35 -10.16
N VAL D 196 29.94 -29.55 -9.83
CA VAL D 196 28.55 -29.94 -9.96
C VAL D 196 28.00 -29.32 -11.24
N LYS D 197 27.91 -30.12 -12.30
CA LYS D 197 27.36 -29.66 -13.56
C LYS D 197 25.85 -29.84 -13.59
N SER D 198 25.36 -31.00 -13.16
CA SER D 198 23.93 -31.21 -12.94
C SER D 198 23.70 -31.59 -11.49
N PHE D 199 22.59 -31.12 -10.94
CA PHE D 199 22.34 -31.15 -9.51
C PHE D 199 20.95 -31.69 -9.25
N ARG D 200 20.86 -32.81 -8.54
CA ARG D 200 19.57 -33.33 -8.13
C ARG D 200 19.72 -34.13 -6.85
N VAL D 201 18.85 -33.84 -5.88
CA VAL D 201 18.92 -34.44 -4.55
C VAL D 201 17.57 -35.08 -4.25
N ASP D 202 17.61 -36.25 -3.61
CA ASP D 202 16.42 -37.02 -3.27
C ASP D 202 16.33 -37.11 -1.75
N VAL D 203 15.23 -36.64 -1.20
CA VAL D 203 14.97 -36.73 0.23
C VAL D 203 14.19 -38.02 0.48
N VAL D 204 14.84 -38.99 1.13
CA VAL D 204 14.25 -40.31 1.34
C VAL D 204 13.60 -40.30 2.72
N ILE D 205 12.29 -40.42 2.76
CA ILE D 205 11.53 -40.57 4.00
C ILE D 205 11.35 -42.08 4.24
N PRO D 206 11.93 -42.65 5.30
CA PRO D 206 11.73 -44.07 5.57
C PRO D 206 10.26 -44.40 5.76
N GLU D 207 9.88 -45.58 5.28
CA GLU D 207 8.49 -46.03 5.41
C GLU D 207 8.08 -46.23 6.86
N THR D 208 9.03 -46.35 7.77
CA THR D 208 8.72 -46.66 9.16
C THR D 208 9.91 -46.26 10.02
N LEU D 209 9.64 -45.59 11.12
CA LEU D 209 10.68 -45.04 11.97
C LEU D 209 11.05 -46.06 13.02
N ASP D 210 12.34 -46.19 13.29
CA ASP D 210 12.82 -47.05 14.36
C ASP D 210 12.66 -46.35 15.71
N ASP D 211 12.61 -47.17 16.77
CA ASP D 211 12.65 -46.62 18.11
C ASP D 211 13.87 -45.75 18.33
N ASN D 212 15.04 -46.21 17.87
CA ASN D 212 16.28 -45.52 18.18
C ASN D 212 16.47 -44.27 17.34
N GLY D 213 15.60 -44.05 16.35
CA GLY D 213 15.70 -42.91 15.48
C GLY D 213 15.76 -43.32 14.02
N VAL D 214 16.72 -42.76 13.30
CA VAL D 214 16.86 -43.02 11.86
C VAL D 214 18.32 -43.33 11.55
N GLY D 215 19.19 -43.17 12.54
CA GLY D 215 20.61 -43.37 12.29
C GLY D 215 20.91 -44.75 11.74
N ASN D 216 20.23 -45.76 12.26
CA ASN D 216 20.53 -47.13 11.83
C ASN D 216 20.01 -47.37 10.41
N PHE D 217 18.78 -46.93 10.14
CA PHE D 217 18.28 -46.98 8.77
C PHE D 217 19.16 -46.16 7.85
N THR D 218 19.59 -44.98 8.31
CA THR D 218 20.45 -44.14 7.47
C THR D 218 21.74 -44.87 7.10
N THR D 219 22.39 -45.48 8.09
CA THR D 219 23.63 -46.19 7.81
C THR D 219 23.38 -47.38 6.88
N LEU D 220 22.33 -48.17 7.17
CA LEU D 220 21.96 -49.26 6.30
C LEU D 220 21.85 -48.77 4.87
N TYR D 221 21.01 -47.75 4.65
CA TYR D 221 20.68 -47.30 3.31
C TYR D 221 21.92 -46.77 2.61
N ASN D 222 22.68 -45.91 3.28
CA ASN D 222 23.93 -45.41 2.72
C ASN D 222 24.86 -46.55 2.31
N LYS D 223 24.94 -47.60 3.13
CA LYS D 223 25.88 -48.67 2.83
C LYS D 223 25.38 -49.57 1.71
N ARG D 224 24.07 -49.69 1.56
CA ARG D 224 23.54 -50.50 0.45
C ARG D 224 23.92 -49.88 -0.88
N TYR D 225 23.81 -48.56 -0.98
CA TYR D 225 24.12 -47.81 -2.17
C TYR D 225 25.59 -47.41 -2.06
N GLY D 226 26.14 -46.76 -3.10
CA GLY D 226 27.50 -46.26 -2.96
C GLY D 226 27.54 -45.04 -2.07
N LEU D 227 26.53 -44.18 -2.19
CA LEU D 227 26.36 -42.93 -1.43
C LEU D 227 27.66 -42.44 -0.78
N SER D 228 28.58 -41.90 -1.58
CA SER D 228 29.81 -41.34 -1.05
C SER D 228 29.52 -40.08 -0.24
N LYS D 229 30.33 -39.89 0.80
CA LYS D 229 30.15 -38.81 1.78
C LYS D 229 30.97 -37.58 1.39
N ALA D 230 30.27 -36.52 0.95
CA ALA D 230 30.92 -35.25 0.62
C ALA D 230 30.15 -34.11 1.29
N THR D 231 30.81 -32.98 1.44
CA THR D 231 30.22 -31.84 2.15
C THR D 231 30.24 -30.60 1.27
N THR D 232 29.41 -29.63 1.65
CA THR D 232 29.34 -28.36 0.95
C THR D 232 30.66 -27.61 1.05
N CYS D 233 31.05 -26.96 -0.04
CA CYS D 233 32.30 -26.21 -0.08
C CYS D 233 32.08 -24.83 0.51
N THR D 234 32.84 -24.51 1.55
CA THR D 234 32.86 -23.18 2.14
C THR D 234 33.96 -22.32 1.52
N ASN D 235 33.90 -21.03 1.82
CA ASN D 235 34.92 -20.06 1.42
C ASN D 235 35.31 -19.21 2.61
N PRO D 236 36.54 -18.69 2.62
CA PRO D 236 36.96 -17.81 3.73
C PRO D 236 36.25 -16.48 3.75
N ALA D 237 35.53 -16.12 2.68
CA ALA D 237 34.76 -14.88 2.70
C ALA D 237 33.84 -14.82 3.91
N LEU D 238 33.21 -15.93 4.25
CA LEU D 238 32.35 -16.03 5.43
C LEU D 238 32.99 -17.00 6.43
N LEU D 239 33.50 -16.45 7.53
CA LEU D 239 34.22 -17.25 8.51
C LEU D 239 33.27 -18.13 9.32
N GLY D 240 32.11 -17.60 9.69
CA GLY D 240 31.20 -18.30 10.57
C GLY D 240 30.11 -19.05 9.83
N THR D 241 30.47 -19.71 8.74
CA THR D 241 29.55 -20.52 7.95
C THR D 241 29.82 -21.99 8.18
N ARG D 242 28.77 -22.75 8.43
CA ARG D 242 28.88 -24.18 8.72
C ARG D 242 28.78 -25.00 7.44
N GLY D 243 29.52 -26.10 7.41
CA GLY D 243 29.41 -27.04 6.32
C GLY D 243 28.21 -27.96 6.46
N PHE D 244 27.86 -28.61 5.35
CA PHE D 244 26.71 -29.52 5.30
C PHE D 244 27.14 -30.83 4.67
N PRO D 245 27.68 -31.75 5.46
CA PRO D 245 27.98 -33.09 4.92
C PRO D 245 26.71 -33.82 4.50
N PHE D 246 26.87 -34.69 3.51
CA PHE D 246 25.76 -35.42 2.92
C PHE D 246 26.35 -36.58 2.12
N HIS D 247 25.46 -37.33 1.47
CA HIS D 247 25.86 -38.49 0.67
C HIS D 247 25.24 -38.35 -0.71
N PHE D 248 25.95 -38.90 -1.69
CA PHE D 248 25.63 -38.62 -3.09
C PHE D 248 26.19 -39.73 -3.97
N LYS D 249 25.72 -39.76 -5.22
CA LYS D 249 26.26 -40.69 -6.21
C LYS D 249 26.80 -39.94 -7.42
N PRO D 260 32.86 -31.98 -13.39
CA PRO D 260 31.70 -32.01 -14.28
C PRO D 260 30.88 -33.27 -14.11
N VAL D 261 30.45 -33.55 -12.88
CA VAL D 261 29.74 -34.78 -12.54
C VAL D 261 28.28 -34.45 -12.31
N ASP D 262 27.41 -35.28 -12.86
CA ASP D 262 26.04 -35.37 -12.37
C ASP D 262 26.00 -36.06 -11.01
N ILE D 263 25.26 -35.48 -10.08
CA ILE D 263 25.29 -35.88 -8.68
C ILE D 263 23.87 -36.20 -8.25
N HIS D 264 23.66 -37.43 -7.78
CA HIS D 264 22.36 -37.88 -7.29
C HIS D 264 22.44 -37.85 -5.76
N LEU D 265 22.35 -36.64 -5.21
CA LEU D 265 22.37 -36.51 -3.77
C LEU D 265 21.18 -37.25 -3.16
N LEU D 266 21.42 -37.94 -2.05
CA LEU D 266 20.39 -38.64 -1.32
C LEU D 266 20.54 -38.35 0.16
N ASP D 267 19.44 -37.96 0.81
CA ASP D 267 19.47 -37.61 2.22
C ASP D 267 18.25 -38.19 2.91
N ILE D 268 18.49 -38.84 4.05
CA ILE D 268 17.42 -39.28 4.94
C ILE D 268 17.38 -38.30 6.11
N PRO D 269 16.32 -37.51 6.27
CA PRO D 269 16.34 -36.47 7.31
C PRO D 269 16.54 -37.02 8.71
N SER D 270 17.68 -36.69 9.32
CA SER D 270 17.93 -37.12 10.69
C SER D 270 16.92 -36.52 11.65
N THR D 271 16.31 -35.39 11.29
CA THR D 271 15.36 -34.74 12.18
C THR D 271 14.18 -35.66 12.51
N LEU D 272 13.91 -36.65 11.64
CA LEU D 272 12.81 -37.56 11.91
C LEU D 272 13.01 -38.28 13.23
N SER D 273 14.25 -38.43 13.68
CA SER D 273 14.50 -39.04 14.98
C SER D 273 13.74 -38.28 16.06
N THR D 274 13.80 -36.95 16.02
CA THR D 274 13.06 -36.15 17.00
C THR D 274 11.60 -36.58 17.05
N ILE D 275 11.02 -36.90 15.89
CA ILE D 275 9.63 -37.33 15.88
C ILE D 275 9.44 -38.55 16.76
N VAL D 276 10.24 -39.60 16.55
CA VAL D 276 10.05 -40.79 17.36
C VAL D 276 10.32 -40.50 18.82
N GLU D 277 11.03 -39.42 19.13
CA GLU D 277 11.18 -39.00 20.51
C GLU D 277 9.89 -38.38 21.01
N SER D 278 9.37 -37.38 20.30
CA SER D 278 8.20 -36.68 20.78
C SER D 278 6.99 -37.60 20.82
N LEU D 279 6.94 -38.61 19.96
CA LEU D 279 5.86 -39.58 20.04
C LEU D 279 5.82 -40.24 21.41
N LYS D 280 7.00 -40.58 21.94
CA LYS D 280 7.06 -41.14 23.30
C LYS D 280 6.42 -40.19 24.31
N LEU D 281 6.61 -38.88 24.12
CA LEU D 281 5.93 -37.91 24.98
C LEU D 281 4.50 -37.68 24.53
N TYR D 282 4.23 -37.83 23.23
CA TYR D 282 2.89 -37.61 22.72
C TYR D 282 1.92 -38.65 23.26
N LEU D 283 2.27 -39.92 23.17
CA LEU D 283 1.45 -41.01 23.68
C LEU D 283 2.32 -41.94 24.51
N PRO D 284 2.59 -41.59 25.77
CA PRO D 284 3.38 -42.48 26.62
C PRO D 284 2.68 -43.81 26.79
N SER D 285 3.40 -44.89 26.51
CA SER D 285 2.82 -46.22 26.41
C SER D 285 3.40 -47.14 27.47
N ASN D 286 2.50 -47.79 28.22
CA ASN D 286 2.93 -48.73 29.25
C ASN D 286 3.60 -49.96 28.65
N GLN D 287 3.10 -50.42 27.50
CA GLN D 287 3.42 -51.75 27.00
C GLN D 287 4.35 -51.66 25.80
N VAL D 288 5.04 -52.76 25.54
CA VAL D 288 5.94 -52.90 24.41
C VAL D 288 5.27 -53.81 23.39
N GLY D 289 5.07 -53.30 22.19
CA GLY D 289 4.42 -54.09 21.17
C GLY D 289 3.94 -53.22 20.04
N GLN D 290 3.61 -53.87 18.93
CA GLN D 290 3.22 -53.14 17.72
C GLN D 290 1.87 -52.51 17.97
N ASP D 291 1.86 -51.19 18.16
CA ASP D 291 0.65 -50.43 18.42
C ASP D 291 0.14 -49.82 17.12
N PHE D 292 -1.07 -50.20 16.74
CA PHE D 292 -1.66 -49.63 15.53
C PHE D 292 -1.86 -48.13 15.68
N ASP D 293 -2.32 -47.68 16.84
CA ASP D 293 -2.51 -46.25 17.06
C ASP D 293 -1.25 -45.47 16.74
N MET D 294 -0.12 -45.88 17.30
CA MET D 294 1.13 -45.18 17.03
C MET D 294 1.69 -45.49 15.65
N ASP D 295 1.47 -46.70 15.12
CA ASP D 295 1.88 -46.94 13.74
C ASP D 295 1.21 -45.94 12.82
N TYR D 296 -0.08 -45.70 13.01
CA TYR D 296 -0.80 -44.73 12.21
C TYR D 296 -0.30 -43.32 12.48
N LEU D 297 -0.07 -43.00 13.75
CA LEU D 297 0.36 -41.65 14.11
C LEU D 297 1.69 -41.32 13.46
N GLU D 298 2.66 -42.24 13.54
CA GLU D 298 3.97 -41.97 12.97
C GLU D 298 3.93 -42.01 11.44
N MET D 299 3.10 -42.88 10.85
CA MET D 299 2.95 -42.83 9.41
C MET D 299 2.34 -41.50 8.98
N ARG D 300 1.37 -41.00 9.74
CA ARG D 300 0.76 -39.72 9.42
C ARG D 300 1.77 -38.59 9.56
N GLU D 301 2.66 -38.69 10.54
CA GLU D 301 3.63 -37.62 10.74
C GLU D 301 4.69 -37.64 9.63
N LEU D 302 5.08 -38.83 9.17
CA LEU D 302 5.93 -38.90 7.98
C LEU D 302 5.20 -38.36 6.76
N GLU D 303 3.90 -38.65 6.64
CA GLU D 303 3.07 -38.09 5.59
C GLU D 303 3.16 -36.57 5.60
N ASN D 304 2.95 -35.97 6.76
CA ASN D 304 2.99 -34.51 6.89
C ASN D 304 4.38 -33.96 6.60
N PHE D 305 5.42 -34.62 7.09
CA PHE D 305 6.77 -34.18 6.82
C PHE D 305 7.04 -34.15 5.32
N ALA D 306 6.67 -35.22 4.61
CA ALA D 306 6.88 -35.28 3.18
C ALA D 306 6.03 -34.22 2.46
N LYS D 307 4.80 -34.02 2.90
CA LYS D 307 3.93 -33.02 2.29
C LYS D 307 4.53 -31.63 2.43
N VAL D 308 4.99 -31.29 3.64
CA VAL D 308 5.59 -29.98 3.87
C VAL D 308 6.83 -29.83 3.01
N LEU D 309 7.65 -30.87 2.94
CA LEU D 309 8.85 -30.76 2.10
C LEU D 309 8.48 -30.54 0.65
N LYS D 310 7.50 -31.28 0.13
CA LYS D 310 7.13 -31.11 -1.27
C LYS D 310 6.64 -29.69 -1.52
N TYR D 311 5.82 -29.17 -0.60
CA TYR D 311 5.42 -27.76 -0.72
C TYR D 311 6.63 -26.84 -0.76
N LEU D 312 7.52 -26.96 0.22
CA LEU D 312 8.64 -26.04 0.33
C LEU D 312 9.65 -26.19 -0.78
N ILE D 313 9.58 -27.27 -1.55
CA ILE D 313 10.43 -27.42 -2.74
C ILE D 313 9.83 -26.67 -3.92
N GLY D 314 8.51 -26.81 -4.12
CA GLY D 314 7.84 -25.94 -5.08
C GLY D 314 7.97 -24.47 -4.80
N ARG D 315 8.52 -24.09 -3.64
CA ARG D 315 8.49 -22.69 -3.21
C ARG D 315 9.63 -21.92 -3.83
N ASN D 316 10.86 -22.34 -3.53
CA ASN D 316 12.06 -21.63 -3.92
C ASN D 316 12.57 -22.17 -5.26
N ALA D 317 13.05 -21.25 -6.10
CA ALA D 317 13.58 -21.64 -7.40
C ALA D 317 14.92 -22.35 -7.28
N ALA D 318 15.67 -22.11 -6.20
CA ALA D 318 16.92 -22.84 -6.01
C ALA D 318 16.67 -24.32 -5.77
N THR D 319 15.46 -24.70 -5.35
CA THR D 319 15.12 -26.09 -5.13
C THR D 319 14.09 -26.62 -6.12
N LYS D 320 13.35 -25.74 -6.79
CA LYS D 320 12.30 -26.17 -7.71
C LYS D 320 12.89 -27.10 -8.77
N GLY D 321 12.44 -28.34 -8.78
CA GLY D 321 12.83 -29.27 -9.82
C GLY D 321 14.13 -29.99 -9.56
N TYR D 322 14.93 -29.55 -8.58
CA TYR D 322 16.20 -30.18 -8.29
C TYR D 322 16.16 -31.06 -7.06
N VAL D 323 15.12 -30.94 -6.23
CA VAL D 323 14.96 -31.76 -5.04
C VAL D 323 13.69 -32.60 -5.21
N ASN D 324 13.85 -33.91 -5.13
CA ASN D 324 12.70 -34.82 -5.17
C ASN D 324 12.56 -35.48 -3.80
N VAL D 325 11.32 -35.91 -3.51
CA VAL D 325 10.99 -36.52 -2.23
C VAL D 325 10.50 -37.94 -2.48
N LEU D 326 11.12 -38.89 -1.78
CA LEU D 326 10.76 -40.31 -1.86
C LEU D 326 10.08 -40.69 -0.56
N THR D 327 8.81 -41.07 -0.64
CA THR D 327 8.01 -41.37 0.53
C THR D 327 7.72 -42.87 0.59
N ASN D 328 7.57 -43.38 1.81
CA ASN D 328 7.29 -44.79 2.03
C ASN D 328 8.38 -45.66 1.39
N VAL D 329 9.58 -45.52 1.93
CA VAL D 329 10.78 -46.19 1.40
C VAL D 329 11.06 -47.43 2.24
N LYS D 330 11.30 -48.55 1.57
CA LYS D 330 11.59 -49.81 2.23
C LYS D 330 10.53 -50.14 3.28
N LYS E 10 -9.23 44.53 0.82
CA LYS E 10 -8.40 44.53 -0.37
C LYS E 10 -8.80 43.42 -1.32
N LYS E 11 -9.31 42.33 -0.76
CA LYS E 11 -9.73 41.18 -1.55
C LYS E 11 -11.14 41.39 -2.08
N ARG E 12 -11.31 41.18 -3.38
CA ARG E 12 -12.59 41.41 -4.05
C ARG E 12 -13.43 40.15 -3.89
N ILE E 13 -14.70 40.34 -3.55
CA ILE E 13 -15.58 39.23 -3.18
C ILE E 13 -16.95 39.52 -3.78
N PHE E 14 -17.32 38.77 -4.82
CA PHE E 14 -18.65 38.92 -5.42
C PHE E 14 -19.69 38.30 -4.49
N ILE E 15 -20.48 39.13 -3.84
CA ILE E 15 -21.63 38.68 -3.07
C ILE E 15 -22.86 38.85 -3.95
N GLY E 16 -23.58 37.76 -4.16
CA GLY E 16 -24.77 37.79 -4.99
C GLY E 16 -25.92 37.13 -4.27
N SER E 17 -27.10 37.75 -4.37
CA SER E 17 -28.27 37.24 -3.70
C SER E 17 -29.51 37.63 -4.52
N SER E 18 -30.66 37.57 -3.88
CA SER E 18 -31.95 37.82 -4.51
C SER E 18 -32.41 39.25 -4.23
N SER E 19 -33.08 39.85 -5.21
CA SER E 19 -33.55 41.23 -5.09
C SER E 19 -34.44 41.43 -3.88
N GLU E 20 -34.87 40.36 -3.21
CA GLU E 20 -35.61 40.45 -1.97
C GLU E 20 -34.73 40.29 -0.73
N GLN E 21 -33.60 39.58 -0.86
CA GLN E 21 -32.79 39.17 0.29
C GLN E 21 -31.61 40.13 0.50
N LEU E 22 -31.90 41.29 1.09
CA LEU E 22 -31.03 42.46 0.96
C LEU E 22 -30.25 42.74 2.24
N THR E 23 -30.93 42.89 3.38
CA THR E 23 -30.21 43.14 4.61
C THR E 23 -29.40 41.94 5.07
N ILE E 24 -29.71 40.74 4.58
CA ILE E 24 -28.79 39.62 4.76
C ILE E 24 -27.47 39.91 4.06
N LEU E 25 -27.54 40.60 2.92
CA LEU E 25 -26.32 40.92 2.18
C LEU E 25 -25.44 41.90 2.96
N ASN E 26 -26.04 42.97 3.50
CA ASN E 26 -25.33 43.82 4.44
C ASN E 26 -24.76 43.01 5.60
N GLU E 27 -25.57 42.13 6.18
CA GLU E 27 -25.12 41.40 7.37
C GLU E 27 -23.86 40.62 7.04
N ILE E 28 -23.86 39.92 5.90
CA ILE E 28 -22.71 39.13 5.52
C ILE E 28 -21.53 40.02 5.16
N VAL E 29 -21.79 41.19 4.58
CA VAL E 29 -20.69 42.10 4.26
C VAL E 29 -19.98 42.54 5.54
N ASP E 30 -20.76 42.92 6.55
CA ASP E 30 -20.17 43.30 7.83
C ASP E 30 -19.46 42.13 8.47
N LEU E 31 -20.06 40.94 8.45
CA LEU E 31 -19.45 39.79 9.12
C LEU E 31 -18.13 39.40 8.46
N LEU E 32 -18.06 39.48 7.13
CA LEU E 32 -16.81 39.21 6.45
C LEU E 32 -15.74 40.21 6.84
N GLY E 33 -16.14 41.41 7.28
CA GLY E 33 -15.22 42.36 7.87
C GLY E 33 -15.01 43.57 6.99
N ASP E 34 -13.88 44.23 7.22
CA ASP E 34 -13.51 45.47 6.56
C ASP E 34 -12.23 45.37 5.76
N ASP E 35 -11.41 44.34 6.01
CA ASP E 35 -10.14 44.24 5.30
C ASP E 35 -10.33 43.76 3.87
N VAL E 36 -11.38 43.01 3.59
CA VAL E 36 -11.70 42.56 2.24
C VAL E 36 -12.79 43.45 1.69
N GLU E 37 -12.73 43.70 0.38
CA GLU E 37 -13.73 44.51 -0.31
C GLU E 37 -14.76 43.54 -0.91
N CYS E 38 -15.97 43.57 -0.36
CA CYS E 38 -17.04 42.66 -0.79
C CYS E 38 -18.03 43.46 -1.62
N ILE E 39 -17.90 43.34 -2.93
CA ILE E 39 -18.75 44.06 -3.87
C ILE E 39 -20.09 43.33 -4.00
N PRO E 40 -21.21 43.98 -3.73
CA PRO E 40 -22.51 43.33 -3.95
C PRO E 40 -22.87 43.24 -5.42
N TRP E 41 -23.82 42.35 -5.71
CA TRP E 41 -24.38 42.26 -7.05
C TRP E 41 -25.19 43.49 -7.42
N THR E 42 -25.59 44.29 -6.43
CA THR E 42 -26.38 45.49 -6.70
C THR E 42 -25.61 46.47 -7.58
N ASP E 43 -24.36 46.73 -7.22
CA ASP E 43 -23.50 47.65 -7.98
C ASP E 43 -22.59 46.92 -8.95
N ALA E 44 -22.67 45.60 -9.03
CA ALA E 44 -21.86 44.84 -9.98
C ALA E 44 -22.33 44.98 -11.41
N PHE E 45 -23.53 45.52 -11.63
CA PHE E 45 -24.13 45.60 -12.96
C PHE E 45 -23.73 46.94 -13.59
N ALA E 46 -22.74 46.90 -14.47
CA ALA E 46 -22.28 48.11 -15.14
C ALA E 46 -23.32 48.63 -16.12
N LEU E 47 -23.35 49.95 -16.27
CA LEU E 47 -24.36 50.59 -17.10
C LEU E 47 -24.12 50.27 -18.58
N ASN E 48 -25.22 50.15 -19.32
CA ASN E 48 -25.16 49.90 -20.76
C ASN E 48 -24.50 48.55 -21.07
N LYS E 49 -24.67 47.60 -20.16
CA LYS E 49 -24.23 46.22 -20.38
C LYS E 49 -25.34 45.29 -19.89
N SER E 50 -25.39 44.10 -20.46
CA SER E 50 -26.42 43.14 -20.13
C SER E 50 -25.97 42.23 -19.00
N GLY E 51 -26.94 41.73 -18.23
CA GLY E 51 -26.64 41.20 -16.92
C GLY E 51 -25.64 40.07 -16.97
N LEU E 52 -25.88 39.08 -17.84
CA LEU E 52 -24.93 37.99 -18.01
C LEU E 52 -23.54 38.53 -18.26
N ASP E 53 -23.43 39.57 -19.08
CA ASP E 53 -22.11 40.03 -19.50
C ASP E 53 -21.35 40.61 -18.32
N SER E 54 -21.99 41.46 -17.53
CA SER E 54 -21.35 42.01 -16.36
C SER E 54 -21.06 40.92 -15.32
N LEU E 55 -21.92 39.90 -15.23
CA LEU E 55 -21.64 38.81 -14.30
C LEU E 55 -20.40 38.04 -14.71
N ILE E 56 -20.25 37.78 -16.01
CA ILE E 56 -19.02 37.15 -16.49
C ILE E 56 -17.82 38.05 -16.21
N LYS E 57 -17.98 39.35 -16.39
CA LYS E 57 -16.88 40.26 -16.05
C LYS E 57 -16.54 40.14 -14.57
N GLN E 58 -17.56 40.03 -13.72
CA GLN E 58 -17.31 39.93 -12.29
C GLN E 58 -16.55 38.65 -11.95
N THR E 59 -16.93 37.54 -12.58
CA THR E 59 -16.13 36.32 -12.44
C THR E 59 -14.69 36.57 -12.83
N ARG E 60 -14.48 37.26 -13.95
CA ARG E 60 -13.11 37.57 -14.38
C ARG E 60 -12.41 38.44 -13.34
N LEU E 61 -13.15 39.23 -12.57
CA LEU E 61 -12.58 40.14 -11.58
C LEU E 61 -12.65 39.57 -10.17
N ALA E 62 -13.86 39.23 -9.72
CA ALA E 62 -14.04 38.75 -8.36
C ALA E 62 -13.21 37.50 -8.11
N ASP E 63 -12.58 37.45 -6.94
CA ASP E 63 -11.73 36.31 -6.60
C ASP E 63 -12.55 35.17 -6.03
N TYR E 64 -13.34 35.46 -5.00
CA TYR E 64 -14.13 34.46 -4.29
C TYR E 64 -15.60 34.80 -4.45
N SER E 65 -16.46 33.84 -4.13
CA SER E 65 -17.90 34.05 -4.20
C SER E 65 -18.55 33.50 -2.92
N ILE E 66 -19.56 34.20 -2.44
CA ILE E 66 -20.35 33.78 -1.28
C ILE E 66 -21.84 33.97 -1.55
N LEU E 67 -22.36 33.34 -2.60
CA LEU E 67 -23.77 33.59 -2.92
C LEU E 67 -24.64 33.14 -1.75
N ILE E 68 -25.91 33.54 -1.79
CA ILE E 68 -26.86 33.30 -0.70
C ILE E 68 -28.12 32.65 -1.26
N ALA E 69 -28.25 31.34 -1.07
CA ALA E 69 -29.47 30.62 -1.41
C ALA E 69 -30.49 30.76 -0.29
N THR E 70 -31.75 30.94 -0.67
CA THR E 70 -32.80 31.21 0.32
C THR E 70 -34.10 30.57 -0.13
N LYS E 71 -35.17 30.84 0.62
CA LYS E 71 -36.54 30.39 0.31
C LYS E 71 -37.26 31.42 -0.56
N ASP E 72 -36.78 31.59 -1.78
CA ASP E 72 -37.35 32.63 -2.65
C ASP E 72 -38.60 32.17 -3.38
N ASP E 73 -38.45 31.24 -4.33
CA ASP E 73 -39.54 30.84 -5.22
C ASP E 73 -40.05 29.44 -4.90
N LEU E 74 -41.33 29.34 -4.53
CA LEU E 74 -41.95 28.03 -4.42
C LEU E 74 -42.09 27.40 -5.81
N THR E 75 -42.27 26.08 -5.83
CA THR E 75 -42.24 25.31 -7.07
C THR E 75 -43.08 24.05 -6.90
N LYS E 76 -42.92 23.12 -7.84
CA LYS E 76 -43.63 21.84 -7.84
C LYS E 76 -42.72 20.76 -8.43
N GLN E 77 -42.13 19.96 -7.55
CA GLN E 77 -41.38 18.76 -7.93
C GLN E 77 -41.37 17.77 -6.77
N LEU E 82 -41.68 22.57 -3.80
CA LEU E 82 -40.28 22.68 -3.42
C LEU E 82 -39.89 24.15 -3.33
N THR E 83 -39.40 24.56 -2.15
CA THR E 83 -38.98 25.94 -1.94
C THR E 83 -37.52 26.11 -2.36
N LYS E 84 -37.30 26.36 -3.65
CA LYS E 84 -35.95 26.56 -4.14
C LYS E 84 -35.53 28.02 -4.02
N PRO E 85 -34.24 28.30 -4.06
CA PRO E 85 -33.82 29.69 -4.24
C PRO E 85 -34.16 30.13 -5.65
N ARG E 86 -33.85 31.37 -6.02
CA ARG E 86 -34.17 31.79 -7.36
C ARG E 86 -33.29 31.07 -8.38
N ASP E 87 -33.79 31.03 -9.61
CA ASP E 87 -33.00 30.51 -10.72
C ASP E 87 -31.77 31.36 -10.92
N ASN E 88 -31.90 32.68 -10.75
CA ASN E 88 -30.76 33.56 -10.95
C ASN E 88 -29.65 33.24 -9.97
N VAL E 89 -29.99 32.96 -8.70
CA VAL E 89 -28.98 32.67 -7.70
C VAL E 89 -28.23 31.40 -8.06
N VAL E 90 -28.95 30.34 -8.42
CA VAL E 90 -28.29 29.08 -8.76
C VAL E 90 -27.48 29.24 -10.04
N PHE E 91 -27.98 30.04 -10.99
CA PHE E 91 -27.25 30.26 -12.22
C PHE E 91 -25.93 30.97 -11.96
N GLU E 92 -25.96 32.04 -11.15
CA GLU E 92 -24.73 32.71 -10.77
C GLU E 92 -23.81 31.76 -10.01
N PHE E 93 -24.37 30.93 -9.12
CA PHE E 93 -23.55 30.01 -8.36
C PHE E 93 -22.81 29.05 -9.28
N GLY E 94 -23.53 28.45 -10.23
CA GLY E 94 -22.88 27.56 -11.18
C GLY E 94 -21.89 28.29 -12.05
N LEU E 95 -22.22 29.51 -12.47
CA LEU E 95 -21.34 30.27 -13.32
C LEU E 95 -20.01 30.54 -12.62
N PHE E 96 -20.07 30.92 -11.34
CA PHE E 96 -18.84 31.15 -10.59
C PHE E 96 -18.13 29.84 -10.29
N LEU E 97 -18.88 28.76 -10.04
CA LEU E 97 -18.25 27.48 -9.77
C LEU E 97 -17.44 27.00 -10.97
N GLY E 98 -18.02 27.12 -12.16
CA GLY E 98 -17.32 26.75 -13.38
C GLY E 98 -16.25 27.75 -13.79
N ALA E 99 -16.39 29.01 -13.36
CA ALA E 99 -15.40 30.02 -13.67
C ALA E 99 -14.26 30.02 -12.66
N ALA E 100 -14.58 29.99 -11.37
CA ALA E 100 -13.59 30.08 -10.31
C ALA E 100 -13.17 28.70 -9.81
N GLY E 101 -14.11 27.92 -9.29
CA GLY E 101 -13.81 26.62 -8.76
C GLY E 101 -14.58 26.29 -7.50
N PRO E 102 -14.59 25.02 -7.12
CA PRO E 102 -15.43 24.59 -5.98
C PRO E 102 -15.09 25.30 -4.68
N GLU E 103 -13.81 25.57 -4.43
CA GLU E 103 -13.38 26.24 -3.21
C GLU E 103 -13.07 27.72 -3.41
N LYS E 104 -13.39 28.28 -4.57
CA LYS E 104 -13.42 29.71 -4.77
C LYS E 104 -14.84 30.25 -4.93
N CYS E 105 -15.84 29.41 -4.75
CA CYS E 105 -17.24 29.82 -4.76
C CYS E 105 -17.99 29.02 -3.71
N TYR E 106 -18.80 29.71 -2.91
CA TYR E 106 -19.51 29.09 -1.80
C TYR E 106 -20.95 29.55 -1.81
N LEU E 107 -21.82 28.69 -1.25
CA LEU E 107 -23.26 28.94 -1.22
C LEU E 107 -23.72 28.93 0.23
N ILE E 108 -24.42 29.98 0.63
CA ILE E 108 -24.98 30.11 1.97
C ILE E 108 -26.46 29.78 1.83
N ALA E 109 -26.82 28.55 2.16
CA ALA E 109 -28.19 28.08 2.10
C ALA E 109 -28.78 28.01 3.51
N GLU E 110 -30.05 28.37 3.63
CA GLU E 110 -30.74 28.32 4.91
C GLU E 110 -31.01 26.86 5.28
N GLU E 111 -31.78 26.67 6.35
CA GLU E 111 -32.07 25.32 6.82
C GLU E 111 -32.76 24.48 5.76
N ASP E 112 -33.72 25.07 5.05
CA ASP E 112 -34.52 24.35 4.05
C ASP E 112 -34.67 25.22 2.82
N THR E 113 -33.80 25.00 1.82
CA THR E 113 -33.96 25.63 0.51
C THR E 113 -33.97 24.61 -0.62
N ASP E 114 -33.97 23.32 -0.32
CA ASP E 114 -34.09 22.23 -1.30
C ASP E 114 -33.36 22.57 -2.60
N LEU E 115 -32.05 22.78 -2.47
CA LEU E 115 -31.20 23.13 -3.59
C LEU E 115 -31.35 22.13 -4.72
N PRO E 116 -30.88 22.44 -5.92
CA PRO E 116 -30.93 21.47 -7.02
C PRO E 116 -30.33 20.13 -6.61
N THR E 117 -30.82 19.06 -7.25
CA THR E 117 -30.38 17.72 -6.90
C THR E 117 -29.07 17.35 -7.58
N ASP E 118 -28.49 18.25 -8.37
CA ASP E 118 -27.08 18.12 -8.69
C ASP E 118 -26.20 18.55 -7.53
N LEU E 119 -26.73 19.39 -6.64
CA LEU E 119 -26.04 19.83 -5.43
C LEU E 119 -26.42 19.04 -4.20
N ASP E 120 -27.29 18.04 -4.31
CA ASP E 120 -27.70 17.27 -3.14
C ASP E 120 -26.51 16.49 -2.58
N GLY E 121 -26.52 16.30 -1.27
CA GLY E 121 -25.46 15.59 -0.60
C GLY E 121 -24.14 16.32 -0.54
N ILE E 122 -24.07 17.55 -1.05
CA ILE E 122 -22.83 18.31 -1.08
C ILE E 122 -22.86 19.36 0.03
N THR E 123 -21.70 19.61 0.61
CA THR E 123 -21.57 20.49 1.76
C THR E 123 -21.77 21.94 1.33
N VAL E 124 -22.89 22.53 1.73
CA VAL E 124 -23.17 23.94 1.52
C VAL E 124 -23.29 24.60 2.88
N ALA E 125 -22.62 25.74 3.04
CA ALA E 125 -22.66 26.45 4.32
C ALA E 125 -24.10 26.79 4.68
N LYS E 126 -24.43 26.63 5.96
CA LYS E 126 -25.79 26.83 6.42
C LYS E 126 -26.03 28.30 6.76
N ASP E 138 -23.81 33.43 11.76
CA ASP E 138 -22.75 34.41 12.01
C ASP E 138 -21.42 33.70 12.11
N LYS E 139 -21.43 32.57 12.84
CA LYS E 139 -20.27 31.69 12.88
C LYS E 139 -20.02 31.02 11.53
N ILE E 140 -21.09 30.74 10.78
CA ILE E 140 -20.94 30.29 9.39
C ILE E 140 -20.13 31.30 8.59
N VAL E 141 -20.44 32.58 8.72
CA VAL E 141 -19.79 33.57 7.85
C VAL E 141 -18.31 33.67 8.19
N GLU E 142 -17.96 33.62 9.47
CA GLU E 142 -16.55 33.72 9.83
C GLU E 142 -15.79 32.43 9.53
N SER E 143 -16.48 31.28 9.58
CA SER E 143 -15.88 30.07 9.05
C SER E 143 -15.57 30.21 7.57
N ILE E 144 -16.51 30.77 6.80
CA ILE E 144 -16.25 31.00 5.39
C ILE E 144 -15.06 31.94 5.22
N ARG E 145 -14.98 32.98 6.05
CA ARG E 145 -13.87 33.91 5.97
C ARG E 145 -12.53 33.23 6.24
N THR E 146 -12.49 32.33 7.23
CA THR E 146 -11.27 31.57 7.47
C THR E 146 -10.93 30.68 6.28
N HIS E 147 -11.95 30.06 5.68
CA HIS E 147 -11.72 29.29 4.46
C HIS E 147 -11.12 30.15 3.37
N LEU E 148 -11.65 31.37 3.21
CA LEU E 148 -11.13 32.28 2.20
C LEU E 148 -9.68 32.62 2.47
N VAL E 149 -9.34 32.82 3.75
CA VAL E 149 -7.95 33.03 4.11
C VAL E 149 -7.10 31.83 3.71
N LYS E 150 -7.64 30.62 3.88
CA LYS E 150 -6.93 29.43 3.43
C LYS E 150 -6.68 29.49 1.92
N ILE E 151 -7.74 29.70 1.15
CA ILE E 151 -7.65 29.63 -0.30
C ILE E 151 -6.84 30.80 -0.85
N ALA E 152 -6.61 31.83 -0.03
CA ALA E 152 -5.75 32.93 -0.45
C ALA E 152 -4.30 32.51 -0.64
N GLU E 153 -3.82 31.51 0.11
CA GLU E 153 -2.43 31.10 0.01
C GLU E 153 -2.24 29.80 -0.77
N MET E 154 -3.31 29.23 -1.33
CA MET E 154 -3.19 28.21 -2.34
C MET E 154 -3.28 28.85 -3.73
N SER E 155 -3.18 28.01 -4.76
CA SER E 155 -3.16 28.50 -6.13
C SER E 155 -3.86 27.47 -7.00
N GLN E 156 -4.90 27.90 -7.70
CA GLN E 156 -5.67 27.05 -8.61
C GLN E 156 -5.25 27.34 -10.05
N LEU E 157 -5.53 26.39 -10.93
CA LEU E 157 -5.48 26.68 -12.36
C LEU E 157 -6.51 27.74 -12.71
N GLY E 158 -6.07 28.74 -13.46
CA GLY E 158 -6.90 29.87 -13.83
C GLY E 158 -7.11 29.98 -15.32
N LEU E 159 -8.17 30.68 -15.73
CA LEU E 159 -8.41 30.87 -17.16
C LEU E 159 -7.24 31.58 -17.82
N LEU E 160 -6.69 32.61 -17.18
CA LEU E 160 -5.45 33.21 -17.64
C LEU E 160 -4.29 32.61 -16.87
N PRO E 161 -3.27 32.07 -17.53
CA PRO E 161 -2.35 31.15 -16.86
C PRO E 161 -1.32 31.84 -16.00
N SER E 162 -1.66 32.12 -14.74
CA SER E 162 -0.70 32.69 -13.82
C SER E 162 -0.02 31.61 -12.99
N THR E 163 -0.77 30.58 -12.57
CA THR E 163 -0.14 29.45 -11.90
C THR E 163 0.48 28.50 -12.92
N ALA E 164 -0.17 28.31 -14.07
CA ALA E 164 0.38 27.41 -15.07
C ALA E 164 1.69 27.95 -15.62
N LEU E 165 1.75 29.26 -15.88
CA LEU E 165 2.99 29.86 -16.36
C LEU E 165 4.07 29.78 -15.28
N ALA E 166 3.69 29.93 -14.01
CA ALA E 166 4.67 29.76 -12.94
C ALA E 166 5.21 28.33 -12.92
N ILE E 167 4.32 27.35 -13.08
CA ILE E 167 4.75 25.95 -13.10
C ILE E 167 5.70 25.72 -14.26
N GLY E 168 5.36 26.25 -15.44
CA GLY E 168 6.22 26.09 -16.59
C GLY E 168 7.57 26.77 -16.41
N TYR E 169 7.55 27.98 -15.84
CA TYR E 169 8.79 28.70 -15.60
C TYR E 169 9.68 27.94 -14.63
N TYR E 170 9.10 27.36 -13.57
CA TYR E 170 9.89 26.65 -12.58
C TYR E 170 10.44 25.35 -13.14
N ASN E 171 9.58 24.54 -13.77
CA ASN E 171 10.03 23.24 -14.26
C ASN E 171 10.93 23.36 -15.48
N SER E 172 10.77 24.44 -16.25
CA SER E 172 11.50 24.59 -17.50
C SER E 172 12.76 25.45 -17.37
N PHE E 173 12.76 26.44 -16.48
CA PHE E 173 13.90 27.33 -16.32
C PHE E 173 14.56 27.19 -14.96
N ILE E 174 13.81 27.37 -13.87
CA ILE E 174 14.44 27.54 -12.57
C ILE E 174 14.94 26.21 -12.02
N LYS E 175 14.07 25.20 -12.01
CA LYS E 175 14.54 23.87 -11.65
C LYS E 175 15.66 23.42 -12.57
N ARG E 176 15.48 23.62 -13.88
CA ARG E 176 16.50 23.23 -14.83
C ARG E 176 17.82 23.95 -14.57
N VAL E 177 17.78 25.27 -14.40
CA VAL E 177 19.03 26.03 -14.26
C VAL E 177 19.71 25.69 -12.95
N CYS E 178 18.95 25.63 -11.86
CA CYS E 178 19.53 25.28 -10.58
C CYS E 178 20.15 23.89 -10.62
N GLU E 179 19.45 22.92 -11.21
CA GLU E 179 20.01 21.58 -11.31
C GLU E 179 21.27 21.59 -12.16
N GLU E 180 21.27 22.33 -13.26
CA GLU E 180 22.44 22.39 -14.13
C GLU E 180 23.63 22.96 -13.37
N ILE E 181 23.43 24.05 -12.63
CA ILE E 181 24.55 24.68 -11.94
C ILE E 181 25.04 23.78 -10.82
N HIS E 182 24.11 23.21 -10.03
CA HIS E 182 24.53 22.26 -9.00
C HIS E 182 25.27 21.07 -9.60
N GLY E 183 24.95 20.71 -10.83
CA GLY E 183 25.60 19.60 -11.50
C GLY E 183 26.99 19.94 -11.95
N SER E 184 27.12 20.84 -12.92
CA SER E 184 28.43 21.14 -13.48
C SER E 184 29.22 22.10 -12.60
N GLU E 185 28.54 22.82 -11.70
CA GLU E 185 29.14 23.83 -10.84
C GLU E 185 29.89 24.89 -11.64
N CYS E 186 29.56 25.03 -12.93
CA CYS E 186 30.26 25.94 -13.84
C CYS E 186 29.30 26.42 -14.91
N VAL E 187 29.50 27.65 -15.38
CA VAL E 187 28.62 28.24 -16.39
C VAL E 187 29.49 28.89 -17.46
N GLU E 188 28.97 28.95 -18.69
CA GLU E 188 29.77 29.23 -19.87
C GLU E 188 29.33 30.56 -20.50
N LEU E 189 30.30 31.43 -20.78
CA LEU E 189 30.04 32.72 -21.41
C LEU E 189 31.15 33.07 -22.38
N GLU E 190 30.78 33.36 -23.63
CA GLU E 190 31.69 33.40 -24.77
C GLU E 190 32.77 32.33 -24.67
N GLY E 191 32.32 31.08 -24.53
CA GLY E 191 33.20 29.94 -24.52
C GLY E 191 34.04 29.80 -23.27
N LYS E 192 34.09 30.81 -22.41
CA LYS E 192 34.82 30.72 -21.16
C LYS E 192 33.97 29.96 -20.16
N LYS E 193 34.51 28.84 -19.65
CA LYS E 193 33.81 28.06 -18.64
C LYS E 193 34.19 28.65 -17.29
N ILE E 194 33.44 29.67 -16.87
CA ILE E 194 33.72 30.32 -15.60
C ILE E 194 33.11 29.48 -14.48
N LYS E 195 33.77 29.49 -13.33
CA LYS E 195 33.44 28.55 -12.28
C LYS E 195 32.46 29.21 -11.33
N VAL E 196 31.51 28.42 -10.86
CA VAL E 196 30.49 28.89 -9.92
C VAL E 196 30.81 28.21 -8.60
N LYS E 197 31.45 28.94 -7.68
CA LYS E 197 31.68 28.41 -6.34
C LYS E 197 30.43 28.46 -5.48
N SER E 198 29.85 29.65 -5.34
CA SER E 198 28.57 29.83 -4.67
C SER E 198 27.53 30.23 -5.68
N PHE E 199 26.36 29.61 -5.60
CA PHE E 199 25.26 29.83 -6.52
C PHE E 199 24.04 30.33 -5.77
N ARG E 200 23.26 31.19 -6.44
CA ARG E 200 21.96 31.62 -5.95
C ARG E 200 21.32 32.56 -6.96
N VAL E 201 19.99 32.60 -7.00
CA VAL E 201 19.27 33.33 -8.04
C VAL E 201 18.14 34.14 -7.42
N ASP E 202 17.79 35.22 -8.11
CA ASP E 202 16.64 36.06 -7.75
C ASP E 202 15.69 36.15 -8.92
N VAL E 203 14.40 36.14 -8.62
CA VAL E 203 13.34 36.24 -9.62
C VAL E 203 12.73 37.62 -9.48
N VAL E 204 12.92 38.46 -10.47
CA VAL E 204 12.51 39.86 -10.43
C VAL E 204 11.16 39.97 -11.14
N ILE E 205 10.08 40.08 -10.35
CA ILE E 205 8.74 40.25 -10.89
C ILE E 205 8.47 41.75 -10.97
N PRO E 206 8.25 42.32 -12.15
CA PRO E 206 7.96 43.76 -12.22
C PRO E 206 6.67 44.12 -11.50
N GLU E 207 6.65 45.34 -10.97
CA GLU E 207 5.46 45.81 -10.25
C GLU E 207 4.25 45.89 -11.17
N THR E 208 4.44 46.39 -12.38
CA THR E 208 3.38 46.52 -13.37
C THR E 208 3.83 45.83 -14.65
N LEU E 209 2.85 45.29 -15.38
CA LEU E 209 3.15 44.55 -16.61
C LEU E 209 3.23 45.52 -17.78
N ASP E 210 4.39 45.54 -18.43
CA ASP E 210 4.60 46.39 -19.60
C ASP E 210 3.68 45.93 -20.73
N ASP E 211 3.24 46.90 -21.53
CA ASP E 211 2.36 46.58 -22.65
C ASP E 211 3.02 45.57 -23.59
N ASN E 212 4.27 45.83 -23.97
CA ASN E 212 5.01 44.94 -24.85
C ASN E 212 5.43 43.63 -24.13
N GLY E 213 4.97 43.35 -22.92
CA GLY E 213 5.57 42.33 -22.11
C GLY E 213 6.84 42.85 -21.47
N VAL E 214 7.51 41.97 -20.72
CA VAL E 214 8.54 42.41 -19.79
C VAL E 214 9.87 42.49 -20.52
N GLY E 215 9.83 42.44 -21.86
CA GLY E 215 11.06 42.52 -22.63
C GLY E 215 11.75 43.86 -22.45
N ASN E 216 11.00 44.95 -22.56
CA ASN E 216 11.59 46.28 -22.42
C ASN E 216 12.03 46.52 -20.98
N PHE E 217 11.22 46.11 -20.00
CA PHE E 217 11.65 46.21 -18.62
C PHE E 217 12.89 45.37 -18.39
N THR E 218 12.94 44.19 -19.01
CA THR E 218 14.11 43.34 -18.86
C THR E 218 15.35 44.02 -19.41
N THR E 219 15.26 44.64 -20.60
CA THR E 219 16.43 45.33 -21.13
C THR E 219 16.84 46.51 -20.26
N LEU E 220 15.87 47.31 -19.81
CA LEU E 220 16.18 48.39 -18.86
C LEU E 220 16.93 47.87 -17.66
N TYR E 221 16.44 46.79 -17.05
CA TYR E 221 16.99 46.33 -15.78
C TYR E 221 18.34 45.66 -15.98
N ASN E 222 18.52 44.96 -17.11
CA ASN E 222 19.84 44.43 -17.46
C ASN E 222 20.84 45.55 -17.71
N LYS E 223 20.37 46.67 -18.30
CA LYS E 223 21.27 47.80 -18.55
C LYS E 223 21.66 48.48 -17.25
N ARG E 224 20.70 48.69 -16.36
CA ARG E 224 20.98 49.40 -15.11
C ARG E 224 22.11 48.71 -14.36
N TYR E 225 21.92 47.46 -13.98
CA TYR E 225 22.95 46.73 -13.28
C TYR E 225 23.88 46.07 -14.29
N GLY E 226 24.98 45.52 -13.79
CA GLY E 226 25.91 44.81 -14.66
C GLY E 226 25.51 43.37 -14.88
N LEU E 227 24.36 43.15 -15.50
CA LEU E 227 23.84 41.79 -15.69
C LEU E 227 24.34 41.26 -17.02
N SER E 228 25.35 40.39 -16.97
CA SER E 228 25.97 39.86 -18.17
C SER E 228 25.40 38.49 -18.52
N LYS E 229 25.38 38.17 -19.82
CA LYS E 229 24.82 36.91 -20.27
C LYS E 229 25.73 35.74 -19.91
N ALA E 230 25.10 34.60 -19.66
CA ALA E 230 25.83 33.36 -19.39
C ALA E 230 24.88 32.20 -19.59
N THR E 231 25.40 31.12 -20.15
CA THR E 231 24.60 29.96 -20.53
C THR E 231 25.00 28.75 -19.68
N THR E 232 24.00 27.94 -19.33
CA THR E 232 24.30 26.69 -18.63
C THR E 232 25.12 25.79 -19.53
N CYS E 233 26.19 25.22 -18.97
CA CYS E 233 27.06 24.36 -19.75
C CYS E 233 26.31 23.11 -20.20
N THR E 234 26.51 22.73 -21.46
CA THR E 234 25.88 21.55 -22.03
C THR E 234 26.96 20.55 -22.37
N ASN E 235 26.94 19.40 -21.69
CA ASN E 235 27.92 18.36 -21.94
C ASN E 235 27.67 17.73 -23.31
N PRO E 236 28.73 17.26 -23.98
CA PRO E 236 28.56 16.70 -25.33
C PRO E 236 27.72 15.42 -25.33
N ALA E 237 27.60 14.73 -24.20
CA ALA E 237 26.81 13.50 -24.18
C ALA E 237 25.36 13.77 -24.54
N LEU E 238 24.80 14.88 -24.05
CA LEU E 238 23.38 15.18 -24.23
C LEU E 238 23.25 16.05 -25.48
N LEU E 239 23.17 15.37 -26.63
CA LEU E 239 23.26 16.06 -27.92
C LEU E 239 21.96 16.73 -28.33
N GLY E 240 20.87 16.49 -27.61
CA GLY E 240 19.58 17.06 -27.97
C GLY E 240 18.99 17.90 -26.86
N THR E 241 19.85 18.61 -26.15
CA THR E 241 19.44 19.51 -25.07
C THR E 241 20.01 20.90 -25.34
N ARG E 242 19.24 21.92 -24.99
CA ARG E 242 19.65 23.30 -25.20
C ARG E 242 19.94 23.96 -23.85
N GLY E 243 20.98 24.78 -23.82
CA GLY E 243 21.30 25.54 -22.64
C GLY E 243 20.32 26.68 -22.41
N PHE E 244 20.44 27.30 -21.24
CA PHE E 244 19.57 28.41 -20.84
C PHE E 244 20.41 29.67 -20.73
N PRO E 245 20.49 30.48 -21.78
CA PRO E 245 21.11 31.81 -21.63
C PRO E 245 20.31 32.64 -20.64
N PHE E 246 21.01 33.25 -19.70
CA PHE E 246 20.40 34.07 -18.67
C PHE E 246 21.34 35.22 -18.37
N HIS E 247 20.96 36.04 -17.40
CA HIS E 247 21.73 37.21 -17.02
C HIS E 247 22.09 37.10 -15.55
N PHE E 248 23.37 37.26 -15.24
CA PHE E 248 23.89 37.09 -13.90
C PHE E 248 24.73 38.31 -13.53
N LYS E 249 25.26 38.29 -12.31
CA LYS E 249 25.91 39.46 -11.74
C LYS E 249 27.04 39.04 -10.81
N PRO E 260 36.13 30.27 -9.50
CA PRO E 260 35.17 29.94 -8.44
C PRO E 260 34.63 31.21 -7.78
N VAL E 261 33.49 31.70 -8.24
CA VAL E 261 33.01 33.02 -7.90
C VAL E 261 31.57 32.97 -7.42
N ASP E 262 31.22 33.93 -6.56
CA ASP E 262 29.84 34.15 -6.14
C ASP E 262 29.08 34.79 -7.29
N ILE E 263 28.22 34.03 -7.97
CA ILE E 263 27.39 34.59 -9.02
C ILE E 263 26.09 35.08 -8.41
N HIS E 264 25.73 36.32 -8.72
CA HIS E 264 24.57 36.98 -8.14
C HIS E 264 23.38 36.86 -9.10
N LEU E 265 23.09 35.61 -9.47
CA LEU E 265 22.19 35.37 -10.58
C LEU E 265 20.82 35.97 -10.31
N LEU E 266 20.18 36.45 -11.37
CA LEU E 266 18.84 36.98 -11.23
C LEU E 266 18.27 37.23 -12.62
N ASP E 267 16.95 37.09 -12.73
CA ASP E 267 16.32 37.21 -14.04
C ASP E 267 14.87 37.63 -13.87
N ILE E 268 14.36 38.29 -14.90
CA ILE E 268 12.94 38.61 -15.01
C ILE E 268 12.27 37.47 -15.79
N PRO E 269 11.22 36.85 -15.27
CA PRO E 269 10.56 35.78 -16.05
C PRO E 269 9.92 36.35 -17.30
N SER E 270 10.42 35.93 -18.46
CA SER E 270 9.89 36.45 -19.72
C SER E 270 8.44 36.00 -19.93
N THR E 271 8.08 34.84 -19.38
CA THR E 271 6.73 34.33 -19.56
C THR E 271 5.65 35.34 -19.19
N LEU E 272 6.00 36.35 -18.37
CA LEU E 272 5.01 37.34 -17.99
C LEU E 272 4.39 38.01 -19.20
N SER E 273 5.14 38.14 -20.30
CA SER E 273 4.58 38.74 -21.50
C SER E 273 3.30 38.02 -21.91
N THR E 274 3.30 36.69 -21.84
CA THR E 274 2.10 35.93 -22.15
C THR E 274 0.91 36.46 -21.35
N ILE E 275 1.11 36.64 -20.05
CA ILE E 275 0.03 37.15 -19.19
C ILE E 275 -0.61 38.36 -19.85
N VAL E 276 0.22 39.30 -20.31
CA VAL E 276 -0.32 40.51 -20.94
C VAL E 276 -1.30 40.12 -22.03
N GLU E 277 -0.83 39.34 -23.01
CA GLU E 277 -1.73 38.81 -24.03
C GLU E 277 -3.00 38.26 -23.39
N SER E 278 -2.85 37.27 -22.50
CA SER E 278 -4.02 36.60 -21.95
C SER E 278 -4.99 37.62 -21.38
N LEU E 279 -4.46 38.67 -20.74
CA LEU E 279 -5.31 39.64 -20.07
C LEU E 279 -6.39 40.16 -21.03
N LYS E 280 -5.99 40.49 -22.26
CA LYS E 280 -6.99 40.93 -23.22
C LYS E 280 -7.95 39.80 -23.56
N LEU E 281 -7.42 38.63 -23.92
CA LEU E 281 -8.27 37.48 -24.12
C LEU E 281 -9.01 37.09 -22.84
N TYR E 282 -8.62 37.66 -21.69
CA TYR E 282 -9.42 37.60 -20.47
C TYR E 282 -10.43 38.73 -20.42
N LEU E 283 -9.99 39.96 -20.63
CA LEU E 283 -10.80 41.15 -20.40
C LEU E 283 -10.64 42.09 -21.60
N PRO E 284 -11.24 41.73 -22.73
CA PRO E 284 -11.21 42.64 -23.88
C PRO E 284 -11.97 43.92 -23.58
N SER E 285 -11.45 45.03 -24.10
CA SER E 285 -12.07 46.32 -23.88
C SER E 285 -11.57 47.30 -24.92
N ASN E 286 -12.49 48.12 -25.44
CA ASN E 286 -12.21 49.08 -26.49
C ASN E 286 -11.61 50.38 -25.97
N GLN E 287 -11.10 50.40 -24.74
CA GLN E 287 -10.82 51.64 -24.04
C GLN E 287 -9.33 51.71 -23.72
N VAL E 288 -8.73 52.87 -24.00
CA VAL E 288 -7.31 53.11 -23.79
C VAL E 288 -7.16 54.05 -22.61
N GLY E 289 -6.66 53.54 -21.50
CA GLY E 289 -6.52 54.34 -20.30
C GLY E 289 -6.31 53.48 -19.07
N GLN E 290 -6.29 54.16 -17.94
CA GLN E 290 -5.97 53.52 -16.66
C GLN E 290 -7.24 52.92 -16.08
N ASP E 291 -7.32 51.58 -16.13
CA ASP E 291 -8.48 50.85 -15.63
C ASP E 291 -8.12 50.21 -14.31
N PHE E 292 -8.94 50.46 -13.28
CA PHE E 292 -8.67 49.88 -11.98
C PHE E 292 -8.91 48.37 -12.00
N ASP E 293 -9.95 47.93 -12.70
CA ASP E 293 -10.21 46.50 -12.81
C ASP E 293 -9.00 45.77 -13.38
N MET E 294 -8.44 46.29 -14.48
CA MET E 294 -7.27 45.65 -15.08
C MET E 294 -6.05 45.76 -14.17
N ASP E 295 -5.84 46.91 -13.55
CA ASP E 295 -4.68 47.05 -12.67
C ASP E 295 -4.73 46.03 -11.54
N TYR E 296 -5.92 45.87 -10.95
CA TYR E 296 -6.10 44.89 -9.88
C TYR E 296 -5.90 43.48 -10.41
N LEU E 297 -6.46 43.18 -11.58
CA LEU E 297 -6.36 41.84 -12.13
C LEU E 297 -4.92 41.46 -12.42
N GLU E 298 -4.21 42.31 -13.15
CA GLU E 298 -2.81 42.05 -13.48
C GLU E 298 -1.94 41.97 -12.23
N MET E 299 -2.16 42.86 -11.25
CA MET E 299 -1.41 42.75 -10.00
C MET E 299 -1.72 41.44 -9.28
N ARG E 300 -2.99 41.02 -9.26
CA ARG E 300 -3.30 39.77 -8.59
C ARG E 300 -2.61 38.61 -9.29
N GLU E 301 -2.57 38.62 -10.61
CA GLU E 301 -1.95 37.53 -11.34
C GLU E 301 -0.44 37.51 -11.11
N LEU E 302 0.17 38.69 -11.01
CA LEU E 302 1.58 38.76 -10.65
C LEU E 302 1.82 38.18 -9.26
N GLU E 303 0.94 38.53 -8.31
CA GLU E 303 1.02 37.95 -6.98
C GLU E 303 0.88 36.44 -7.01
N ASN E 304 -0.08 35.94 -7.80
CA ASN E 304 -0.29 34.49 -7.88
C ASN E 304 0.91 33.79 -8.49
N PHE E 305 1.51 34.40 -9.52
CA PHE E 305 2.73 33.85 -10.10
C PHE E 305 3.82 33.77 -9.06
N ALA E 306 4.05 34.87 -8.33
CA ALA E 306 5.11 34.89 -7.33
C ALA E 306 4.83 33.90 -6.20
N LYS E 307 3.56 33.79 -5.80
CA LYS E 307 3.19 32.83 -4.75
C LYS E 307 3.48 31.40 -5.19
N VAL E 308 3.07 31.05 -6.39
CA VAL E 308 3.32 29.70 -6.89
C VAL E 308 4.82 29.43 -6.96
N LEU E 309 5.58 30.39 -7.47
CA LEU E 309 7.02 30.19 -7.59
C LEU E 309 7.67 30.06 -6.21
N LYS E 310 7.27 30.91 -5.26
CA LYS E 310 7.85 30.88 -3.92
C LYS E 310 7.50 29.58 -3.21
N TYR E 311 6.32 29.01 -3.48
CA TYR E 311 6.00 27.71 -2.92
C TYR E 311 6.78 26.61 -3.61
N LEU E 312 6.94 26.70 -4.93
CA LEU E 312 7.62 25.64 -5.66
C LEU E 312 9.11 25.64 -5.43
N ILE E 313 9.67 26.72 -4.88
CA ILE E 313 11.10 26.68 -4.57
C ILE E 313 11.35 25.96 -3.24
N GLY E 314 10.47 26.14 -2.25
CA GLY E 314 10.53 25.28 -1.09
C GLY E 314 10.03 23.87 -1.36
N ARG E 315 9.35 23.68 -2.48
CA ARG E 315 8.91 22.37 -2.95
C ARG E 315 10.06 21.47 -3.38
N ASN E 316 11.27 22.02 -3.56
CA ASN E 316 12.38 21.26 -4.10
C ASN E 316 13.64 21.63 -3.35
N ALA E 317 14.56 20.67 -3.23
CA ALA E 317 15.82 20.91 -2.55
C ALA E 317 16.81 21.72 -3.39
N ALA E 318 16.94 21.39 -4.67
CA ALA E 318 17.94 22.08 -5.49
C ALA E 318 17.62 23.56 -5.67
N THR E 319 16.39 23.97 -5.39
CA THR E 319 15.98 25.36 -5.51
C THR E 319 15.42 25.86 -4.19
N LYS E 320 16.12 25.58 -3.10
CA LYS E 320 15.71 26.01 -1.76
C LYS E 320 16.84 26.77 -1.12
N GLY E 321 16.59 28.04 -0.79
CA GLY E 321 17.63 28.89 -0.25
C GLY E 321 18.52 29.46 -1.34
N TYR E 322 18.59 28.77 -2.48
CA TYR E 322 19.38 29.21 -3.61
C TYR E 322 18.57 30.06 -4.58
N VAL E 323 17.31 30.35 -4.25
CA VAL E 323 16.39 31.06 -5.13
C VAL E 323 15.45 31.90 -4.28
N ASN E 324 15.35 33.19 -4.62
CA ASN E 324 14.52 34.13 -3.89
C ASN E 324 13.66 34.88 -4.89
N VAL E 325 12.57 35.46 -4.41
CA VAL E 325 11.61 36.17 -5.25
C VAL E 325 11.50 37.61 -4.77
N LEU E 326 11.94 38.56 -5.61
CA LEU E 326 11.81 39.99 -5.35
C LEU E 326 10.58 40.58 -6.05
N THR E 327 9.41 40.22 -5.56
CA THR E 327 8.18 40.66 -6.20
C THR E 327 8.03 42.18 -6.16
N ASN E 328 7.40 42.73 -7.19
CA ASN E 328 7.09 44.15 -7.31
C ASN E 328 8.35 45.02 -7.19
N VAL E 329 9.22 44.87 -8.19
CA VAL E 329 10.42 45.68 -8.30
C VAL E 329 10.16 46.84 -9.26
N LYS E 330 10.62 48.02 -8.89
CA LYS E 330 10.41 49.24 -9.67
C LYS E 330 8.94 49.43 -10.00
N LYS F 10 -16.84 13.01 -33.34
CA LYS F 10 -15.73 13.02 -32.40
C LYS F 10 -15.94 14.05 -31.30
N LYS F 11 -16.09 15.32 -31.69
CA LYS F 11 -16.16 16.40 -30.70
C LYS F 11 -17.22 16.10 -29.65
N ARG F 12 -16.80 16.10 -28.38
CA ARG F 12 -17.69 15.72 -27.29
C ARG F 12 -18.60 16.88 -26.93
N ILE F 13 -19.90 16.65 -26.97
CA ILE F 13 -20.91 17.67 -26.71
C ILE F 13 -21.78 17.16 -25.58
N PHE F 14 -21.83 17.90 -24.47
CA PHE F 14 -22.62 17.50 -23.30
C PHE F 14 -24.03 18.06 -23.46
N ILE F 15 -24.99 17.17 -23.66
CA ILE F 15 -26.39 17.54 -23.79
C ILE F 15 -27.04 17.36 -22.43
N GLY F 16 -27.34 18.47 -21.76
CA GLY F 16 -27.96 18.47 -20.44
C GLY F 16 -29.42 18.84 -20.55
N SER F 17 -30.28 18.01 -19.97
CA SER F 17 -31.71 18.23 -19.97
C SER F 17 -32.32 17.50 -18.78
N SER F 18 -33.56 17.87 -18.46
CA SER F 18 -34.26 17.25 -17.35
C SER F 18 -34.63 15.80 -17.68
N SER F 19 -34.89 15.03 -16.62
CA SER F 19 -35.15 13.60 -16.79
C SER F 19 -36.38 13.34 -17.65
N GLU F 20 -37.37 14.22 -17.61
CA GLU F 20 -38.54 14.04 -18.46
C GLU F 20 -38.32 14.48 -19.89
N GLN F 21 -37.27 15.26 -20.15
CA GLN F 21 -36.96 15.68 -21.51
C GLN F 21 -35.97 14.71 -22.14
N LEU F 22 -36.30 13.42 -22.12
CA LEU F 22 -35.40 12.38 -22.59
C LEU F 22 -35.66 11.98 -24.04
N THR F 23 -36.70 12.52 -24.68
CA THR F 23 -36.91 12.30 -26.10
C THR F 23 -36.37 13.43 -26.96
N ILE F 24 -36.48 14.67 -26.48
CA ILE F 24 -35.82 15.78 -27.18
C ILE F 24 -34.31 15.55 -27.18
N LEU F 25 -33.77 15.08 -26.04
CA LEU F 25 -32.34 14.85 -25.98
C LEU F 25 -31.89 14.01 -27.16
N ASN F 26 -32.47 12.80 -27.27
CA ASN F 26 -32.09 11.86 -28.31
C ASN F 26 -32.46 12.34 -29.70
N GLU F 27 -33.51 13.17 -29.83
CA GLU F 27 -33.73 13.83 -31.10
C GLU F 27 -32.58 14.75 -31.47
N ILE F 28 -32.12 15.57 -30.52
CA ILE F 28 -31.01 16.46 -30.83
C ILE F 28 -29.74 15.67 -31.11
N VAL F 29 -29.60 14.50 -30.48
CA VAL F 29 -28.48 13.61 -30.80
C VAL F 29 -28.55 13.16 -32.25
N ASP F 30 -29.73 12.75 -32.71
CA ASP F 30 -29.91 12.40 -34.11
C ASP F 30 -29.67 13.61 -35.02
N LEU F 31 -30.25 14.76 -34.65
CA LEU F 31 -30.22 15.94 -35.49
C LEU F 31 -28.81 16.41 -35.81
N LEU F 32 -27.87 16.17 -34.90
CA LEU F 32 -26.48 16.48 -35.22
C LEU F 32 -25.59 15.25 -35.07
N GLY F 33 -26.03 14.17 -35.71
CA GLY F 33 -25.27 12.93 -35.71
C GLY F 33 -24.12 13.03 -36.69
N ASP F 34 -23.03 12.31 -36.42
CA ASP F 34 -21.68 12.12 -36.99
C ASP F 34 -20.72 13.26 -36.70
N ASP F 35 -19.42 12.97 -36.76
CA ASP F 35 -18.30 13.89 -36.50
C ASP F 35 -18.44 14.62 -35.15
N VAL F 36 -19.25 14.06 -34.26
CA VAL F 36 -19.48 14.62 -32.92
C VAL F 36 -19.82 13.44 -32.02
N GLU F 37 -19.23 13.41 -30.83
CA GLU F 37 -19.51 12.39 -29.83
C GLU F 37 -20.47 12.91 -28.76
N CYS F 38 -21.74 13.01 -29.16
CA CYS F 38 -22.78 13.44 -28.25
C CYS F 38 -22.89 12.56 -27.01
N ILE F 39 -22.49 13.08 -25.86
CA ILE F 39 -22.62 12.35 -24.60
C ILE F 39 -23.76 13.02 -23.84
N PRO F 40 -24.81 12.29 -23.45
CA PRO F 40 -25.88 12.90 -22.66
C PRO F 40 -25.52 12.98 -21.18
N TRP F 41 -26.35 13.70 -20.44
CA TRP F 41 -26.19 13.76 -19.00
C TRP F 41 -26.53 12.43 -18.34
N THR F 42 -27.20 11.53 -19.05
CA THR F 42 -27.58 10.25 -18.47
C THR F 42 -26.36 9.35 -18.26
N ASP F 43 -25.49 9.26 -19.26
CA ASP F 43 -24.26 8.49 -19.17
C ASP F 43 -23.07 9.37 -18.79
N ALA F 44 -23.30 10.62 -18.42
CA ALA F 44 -22.25 11.52 -18.00
C ALA F 44 -22.00 11.47 -16.50
N PHE F 45 -22.68 10.59 -15.77
CA PHE F 45 -22.56 10.49 -14.31
C PHE F 45 -21.83 9.20 -14.00
N ALA F 46 -20.62 9.33 -13.45
CA ALA F 46 -19.86 8.15 -13.06
C ALA F 46 -20.41 7.57 -11.75
N LEU F 47 -20.25 6.26 -11.59
CA LEU F 47 -20.78 5.59 -10.41
C LEU F 47 -19.98 5.97 -9.17
N ASN F 48 -20.67 6.00 -8.03
CA ASN F 48 -20.05 6.28 -6.75
C ASN F 48 -19.34 7.63 -6.76
N LYS F 49 -19.93 8.60 -7.46
CA LYS F 49 -19.39 9.95 -7.54
C LYS F 49 -20.52 10.94 -7.34
N SER F 50 -20.19 12.07 -6.73
CA SER F 50 -21.18 13.12 -6.53
C SER F 50 -21.62 13.71 -7.87
N GLY F 51 -22.90 14.04 -7.97
CA GLY F 51 -23.41 14.62 -9.21
C GLY F 51 -22.66 15.88 -9.59
N LEU F 52 -22.37 16.73 -8.61
CA LEU F 52 -21.62 17.94 -8.90
C LEU F 52 -20.23 17.60 -9.42
N ASP F 53 -19.60 16.57 -8.85
CA ASP F 53 -18.28 16.17 -9.31
C ASP F 53 -18.32 15.75 -10.77
N SER F 54 -19.30 14.91 -11.14
CA SER F 54 -19.40 14.47 -12.52
C SER F 54 -19.71 15.63 -13.45
N LEU F 55 -20.55 16.57 -13.00
CA LEU F 55 -20.88 17.72 -13.82
C LEU F 55 -19.65 18.58 -14.07
N ILE F 56 -18.92 18.91 -13.01
CA ILE F 56 -17.67 19.64 -13.18
C ILE F 56 -16.74 18.86 -14.09
N LYS F 57 -16.80 17.53 -14.03
CA LYS F 57 -15.78 16.73 -14.70
C LYS F 57 -16.04 16.72 -16.20
N GLN F 58 -17.32 16.58 -16.58
CA GLN F 58 -17.70 16.74 -17.97
C GLN F 58 -17.38 18.14 -18.46
N THR F 59 -17.67 19.15 -17.64
CA THR F 59 -17.24 20.51 -17.96
C THR F 59 -15.77 20.56 -18.33
N ARG F 60 -14.97 19.66 -17.76
CA ARG F 60 -13.55 19.60 -18.05
C ARG F 60 -13.23 18.62 -19.17
N LEU F 61 -14.23 17.93 -19.71
CA LEU F 61 -14.06 17.05 -20.86
C LEU F 61 -14.85 17.51 -22.06
N ALA F 62 -16.17 17.71 -21.93
CA ALA F 62 -16.99 18.07 -23.07
C ALA F 62 -16.52 19.38 -23.69
N ASP F 63 -16.35 19.37 -25.01
CA ASP F 63 -15.90 20.57 -25.71
C ASP F 63 -16.97 21.64 -25.67
N TYR F 64 -18.23 21.28 -25.92
CA TYR F 64 -19.32 22.23 -26.00
C TYR F 64 -20.47 21.73 -25.13
N SER F 65 -21.59 22.43 -25.17
CA SER F 65 -22.77 22.01 -24.44
C SER F 65 -24.00 22.58 -25.14
N ILE F 66 -25.07 21.78 -25.15
CA ILE F 66 -26.30 22.09 -25.88
C ILE F 66 -27.45 22.08 -24.89
N LEU F 67 -27.21 22.57 -23.67
CA LEU F 67 -28.16 22.36 -22.59
C LEU F 67 -29.57 22.77 -23.01
N ILE F 68 -30.54 21.94 -22.64
CA ILE F 68 -31.91 22.07 -23.09
C ILE F 68 -32.77 22.53 -21.91
N ALA F 69 -33.38 23.70 -22.06
CA ALA F 69 -34.24 24.29 -21.05
C ALA F 69 -35.67 24.26 -21.58
N THR F 70 -36.58 23.69 -20.79
CA THR F 70 -37.96 23.52 -21.24
C THR F 70 -38.95 23.96 -20.17
N LYS F 71 -40.23 23.67 -20.38
CA LYS F 71 -41.29 24.13 -19.48
C LYS F 71 -41.38 23.18 -18.31
N ASP F 72 -40.63 23.49 -17.25
CA ASP F 72 -40.69 22.72 -16.02
C ASP F 72 -40.19 23.60 -14.88
N ASP F 73 -40.52 23.20 -13.66
CA ASP F 73 -40.38 24.03 -12.48
C ASP F 73 -41.19 25.33 -12.62
N LEU F 74 -42.50 25.17 -12.68
CA LEU F 74 -43.38 26.31 -12.59
C LEU F 74 -43.10 27.01 -11.26
N THR F 75 -42.64 28.25 -11.33
CA THR F 75 -42.07 28.94 -10.18
C THR F 75 -42.99 30.08 -9.76
N LYS F 76 -42.55 30.84 -8.77
CA LYS F 76 -43.38 31.85 -8.15
C LYS F 76 -42.57 33.13 -8.09
N GLN F 77 -43.20 34.25 -8.46
CA GLN F 77 -42.68 35.57 -8.10
C GLN F 77 -43.82 36.58 -8.02
N SER F 81 -47.74 33.19 -11.85
CA SER F 81 -47.22 31.93 -12.37
C SER F 81 -46.37 32.17 -13.61
N LEU F 82 -45.29 31.42 -13.75
CA LEU F 82 -44.42 31.54 -14.92
C LEU F 82 -43.56 30.29 -15.02
N THR F 83 -43.65 29.61 -16.17
CA THR F 83 -42.99 28.31 -16.37
C THR F 83 -41.52 28.52 -16.69
N LYS F 84 -40.67 28.41 -15.68
CA LYS F 84 -39.24 28.64 -15.80
C LYS F 84 -38.55 27.38 -16.33
N PRO F 85 -37.23 27.43 -16.52
CA PRO F 85 -36.48 26.19 -16.78
C PRO F 85 -36.09 25.49 -15.49
N ARG F 86 -35.22 24.48 -15.59
CA ARG F 86 -35.04 23.49 -14.53
C ARG F 86 -33.78 23.80 -13.74
N ASP F 87 -33.94 23.83 -12.40
CA ASP F 87 -32.84 24.22 -11.53
C ASP F 87 -31.59 23.40 -11.78
N ASN F 88 -31.77 22.10 -12.05
CA ASN F 88 -30.67 21.29 -12.55
C ASN F 88 -30.12 21.87 -13.85
N VAL F 89 -31.00 22.13 -14.81
CA VAL F 89 -30.54 22.61 -16.12
C VAL F 89 -29.95 24.01 -15.98
N VAL F 90 -30.57 24.86 -15.17
CA VAL F 90 -30.05 26.22 -15.00
C VAL F 90 -28.67 26.18 -14.36
N PHE F 91 -28.53 25.40 -13.28
CA PHE F 91 -27.22 25.17 -12.68
C PHE F 91 -26.20 24.70 -13.72
N GLU F 92 -26.58 23.69 -14.50
CA GLU F 92 -25.64 23.11 -15.46
C GLU F 92 -25.23 24.14 -16.50
N PHE F 93 -26.19 24.91 -17.01
CA PHE F 93 -25.87 25.93 -18.01
C PHE F 93 -24.96 26.98 -17.41
N GLY F 94 -25.26 27.44 -16.19
CA GLY F 94 -24.37 28.39 -15.55
C GLY F 94 -22.96 27.86 -15.43
N LEU F 95 -22.84 26.61 -14.97
CA LEU F 95 -21.52 26.03 -14.77
C LEU F 95 -20.75 25.92 -16.08
N PHE F 96 -21.38 25.33 -17.10
CA PHE F 96 -20.70 25.15 -18.38
C PHE F 96 -20.37 26.49 -19.03
N LEU F 97 -21.27 27.46 -18.91
CA LEU F 97 -21.01 28.79 -19.47
C LEU F 97 -19.84 29.46 -18.76
N GLY F 98 -19.80 29.38 -17.44
CA GLY F 98 -18.71 29.99 -16.71
C GLY F 98 -17.37 29.32 -17.00
N ALA F 99 -17.39 28.01 -17.21
CA ALA F 99 -16.15 27.29 -17.48
C ALA F 99 -15.74 27.42 -18.94
N ALA F 100 -16.68 27.23 -19.86
CA ALA F 100 -16.37 27.21 -21.29
C ALA F 100 -16.56 28.60 -21.91
N GLY F 101 -17.77 29.14 -21.82
CA GLY F 101 -18.06 30.45 -22.34
C GLY F 101 -19.19 30.43 -23.34
N PRO F 102 -19.79 31.59 -23.62
CA PRO F 102 -20.92 31.61 -24.57
C PRO F 102 -20.57 31.05 -25.93
N GLU F 103 -19.39 31.39 -26.45
CA GLU F 103 -18.82 30.76 -27.63
C GLU F 103 -18.99 29.24 -27.63
N LYS F 104 -18.92 28.60 -26.46
CA LYS F 104 -18.87 27.14 -26.39
C LYS F 104 -20.06 26.50 -25.71
N CYS F 105 -20.79 27.21 -24.86
CA CYS F 105 -21.96 26.68 -24.19
C CYS F 105 -23.21 27.34 -24.76
N TYR F 106 -24.22 26.54 -25.08
CA TYR F 106 -25.44 27.02 -25.70
C TYR F 106 -26.65 26.47 -24.97
N LEU F 107 -27.72 27.24 -25.02
CA LEU F 107 -28.96 26.95 -24.30
C LEU F 107 -30.10 26.89 -25.31
N ILE F 108 -30.47 25.68 -25.71
CA ILE F 108 -31.70 25.49 -26.44
C ILE F 108 -32.85 25.82 -25.51
N ALA F 109 -33.78 26.65 -25.95
CA ALA F 109 -34.93 27.03 -25.15
C ALA F 109 -36.18 26.97 -26.01
N GLU F 110 -37.24 26.35 -25.49
CA GLU F 110 -38.46 26.18 -26.24
C GLU F 110 -39.21 27.51 -26.30
N GLU F 111 -40.44 27.48 -26.81
CA GLU F 111 -41.12 28.72 -27.19
C GLU F 111 -41.16 29.72 -26.04
N ASP F 112 -41.65 29.30 -24.87
CA ASP F 112 -41.77 30.17 -23.71
C ASP F 112 -41.39 29.37 -22.47
N THR F 113 -40.11 29.42 -22.11
CA THR F 113 -39.60 28.71 -20.95
C THR F 113 -39.22 29.64 -19.81
N ASP F 114 -39.32 30.96 -20.01
CA ASP F 114 -39.09 31.95 -18.95
C ASP F 114 -37.67 31.85 -18.39
N LEU F 115 -36.71 32.17 -19.27
CA LEU F 115 -35.31 32.30 -18.89
C LEU F 115 -35.16 33.11 -17.61
N PRO F 116 -34.11 32.86 -16.81
CA PRO F 116 -33.86 33.72 -15.64
C PRO F 116 -33.81 35.20 -15.98
N THR F 117 -33.96 36.05 -14.97
CA THR F 117 -33.87 37.48 -15.17
C THR F 117 -32.45 37.93 -15.47
N ASP F 118 -31.44 37.11 -15.16
CA ASP F 118 -30.09 37.41 -15.62
C ASP F 118 -29.96 37.17 -17.12
N LEU F 119 -30.66 36.16 -17.63
CA LEU F 119 -30.61 35.79 -19.05
C LEU F 119 -31.70 36.51 -19.85
N ASP F 120 -31.76 37.83 -19.74
CA ASP F 120 -32.75 38.63 -20.43
C ASP F 120 -32.07 39.49 -21.47
N GLY F 121 -32.74 39.70 -22.61
CA GLY F 121 -32.14 40.41 -23.71
C GLY F 121 -31.05 39.65 -24.42
N ILE F 122 -30.84 38.39 -24.05
CA ILE F 122 -29.79 37.55 -24.63
C ILE F 122 -30.48 36.53 -25.52
N THR F 123 -30.23 36.62 -26.83
CA THR F 123 -30.90 35.74 -27.78
C THR F 123 -30.37 34.32 -27.62
N VAL F 124 -31.18 33.46 -27.01
CA VAL F 124 -30.86 32.04 -26.92
C VAL F 124 -31.52 31.31 -28.07
N ALA F 125 -31.04 30.11 -28.35
CA ALA F 125 -31.63 29.30 -29.41
C ALA F 125 -33.07 28.96 -29.10
N LYS F 126 -33.92 28.99 -30.11
CA LYS F 126 -35.34 28.68 -29.95
C LYS F 126 -35.74 27.51 -30.85
N ASP F 138 -35.82 22.53 -35.42
CA ASP F 138 -34.91 21.58 -36.05
C ASP F 138 -33.84 22.33 -36.84
N LYS F 139 -34.27 23.32 -37.61
CA LYS F 139 -33.32 24.22 -38.26
C LYS F 139 -32.46 24.95 -37.24
N ILE F 140 -33.01 25.15 -36.03
CA ILE F 140 -32.24 25.73 -34.95
C ILE F 140 -30.99 24.91 -34.68
N VAL F 141 -31.14 23.58 -34.59
CA VAL F 141 -29.96 22.74 -34.43
C VAL F 141 -29.00 22.94 -35.60
N GLU F 142 -29.53 23.19 -36.80
CA GLU F 142 -28.67 23.37 -37.96
C GLU F 142 -27.76 24.58 -37.76
N SER F 143 -28.37 25.72 -37.40
CA SER F 143 -27.57 26.91 -37.16
C SER F 143 -26.64 26.70 -35.97
N ILE F 144 -27.13 26.03 -34.93
CA ILE F 144 -26.29 25.74 -33.77
C ILE F 144 -25.03 25.01 -34.21
N ARG F 145 -25.19 23.99 -35.05
CA ARG F 145 -24.04 23.22 -35.48
C ARG F 145 -23.11 24.06 -36.34
N THR F 146 -23.66 24.95 -37.17
CA THR F 146 -22.77 25.81 -37.94
C THR F 146 -21.93 26.66 -37.00
N HIS F 147 -22.55 27.21 -35.96
CA HIS F 147 -21.81 27.97 -34.97
C HIS F 147 -20.79 27.09 -34.26
N LEU F 148 -21.16 25.83 -34.01
CA LEU F 148 -20.24 24.90 -33.38
C LEU F 148 -18.98 24.75 -34.21
N VAL F 149 -19.14 24.61 -35.54
CA VAL F 149 -17.96 24.50 -36.38
C VAL F 149 -17.18 25.81 -36.36
N LYS F 150 -17.90 26.94 -36.33
CA LYS F 150 -17.25 28.24 -36.27
C LYS F 150 -16.34 28.32 -35.06
N ILE F 151 -16.82 27.81 -33.92
CA ILE F 151 -16.04 27.92 -32.69
C ILE F 151 -15.04 26.78 -32.58
N ALA F 152 -15.23 25.71 -33.35
CA ALA F 152 -14.21 24.68 -33.48
C ALA F 152 -13.01 25.21 -34.23
N GLU F 153 -13.23 26.25 -35.04
CA GLU F 153 -12.18 26.99 -35.71
C GLU F 153 -11.66 28.15 -34.89
N MET F 154 -12.01 28.22 -33.60
CA MET F 154 -11.64 29.33 -32.73
C MET F 154 -11.02 28.80 -31.44
N SER F 155 -9.93 29.43 -31.01
CA SER F 155 -9.13 28.98 -29.88
C SER F 155 -9.01 30.13 -28.89
N GLN F 156 -9.68 30.02 -27.75
CA GLN F 156 -9.64 31.01 -26.69
C GLN F 156 -8.99 30.42 -25.44
N LEU F 157 -8.88 31.26 -24.41
CA LEU F 157 -8.24 30.85 -23.16
C LEU F 157 -9.05 29.76 -22.48
N GLY F 158 -8.36 28.89 -21.75
CA GLY F 158 -9.01 27.85 -20.98
C GLY F 158 -8.21 27.52 -19.75
N LEU F 159 -8.83 26.72 -18.88
CA LEU F 159 -8.11 26.23 -17.70
C LEU F 159 -6.79 25.58 -18.12
N LEU F 160 -6.85 24.73 -19.14
CA LEU F 160 -5.64 24.20 -19.73
C LEU F 160 -5.09 25.26 -20.69
N PRO F 161 -3.87 25.77 -20.48
CA PRO F 161 -3.43 26.97 -21.19
C PRO F 161 -2.78 26.69 -22.55
N SER F 162 -3.42 25.83 -23.34
CA SER F 162 -2.89 25.55 -24.67
C SER F 162 -2.85 26.82 -25.52
N THR F 163 -3.94 27.58 -25.52
CA THR F 163 -3.98 28.83 -26.28
C THR F 163 -2.93 29.80 -25.78
N ALA F 164 -2.91 30.05 -24.47
CA ALA F 164 -1.96 31.02 -23.92
C ALA F 164 -0.53 30.53 -24.05
N LEU F 165 -0.31 29.23 -23.85
CA LEU F 165 1.05 28.71 -23.99
C LEU F 165 1.53 28.85 -25.43
N ALA F 166 0.65 28.61 -26.40
CA ALA F 166 1.02 28.82 -27.80
C ALA F 166 1.32 30.29 -28.07
N ILE F 167 0.48 31.18 -27.53
CA ILE F 167 0.69 32.62 -27.71
C ILE F 167 2.06 33.01 -27.18
N GLY F 168 2.40 32.53 -25.99
CA GLY F 168 3.71 32.84 -25.42
C GLY F 168 4.83 32.22 -26.21
N TYR F 169 4.66 30.97 -26.66
CA TYR F 169 5.67 30.32 -27.47
C TYR F 169 5.95 31.11 -28.74
N TYR F 170 4.93 31.77 -29.29
CA TYR F 170 5.07 32.46 -30.55
C TYR F 170 5.56 33.89 -30.37
N ASN F 171 5.18 34.55 -29.29
CA ASN F 171 5.63 35.90 -29.00
C ASN F 171 6.91 35.93 -28.19
N SER F 172 7.48 34.77 -27.87
CA SER F 172 8.76 34.71 -27.17
C SER F 172 9.85 33.96 -27.93
N PHE F 173 9.50 32.92 -28.69
CA PHE F 173 10.49 32.15 -29.45
C PHE F 173 10.27 32.25 -30.94
N ILE F 174 9.10 31.87 -31.46
CA ILE F 174 8.94 31.77 -32.90
C ILE F 174 9.05 33.14 -33.55
N LYS F 175 8.26 34.11 -33.08
CA LYS F 175 8.35 35.45 -33.62
C LYS F 175 9.72 36.06 -33.35
N ARG F 176 10.23 35.88 -32.13
CA ARG F 176 11.53 36.44 -31.77
C ARG F 176 12.61 35.89 -32.69
N VAL F 177 12.67 34.57 -32.84
CA VAL F 177 13.71 33.94 -33.66
C VAL F 177 13.53 34.34 -35.12
N CYS F 178 12.29 34.33 -35.60
CA CYS F 178 12.05 34.69 -36.99
C CYS F 178 12.54 36.10 -37.28
N GLU F 179 12.19 37.05 -36.42
CA GLU F 179 12.63 38.42 -36.61
C GLU F 179 14.14 38.53 -36.53
N GLU F 180 14.76 37.83 -35.57
CA GLU F 180 16.21 37.94 -35.41
C GLU F 180 16.94 37.39 -36.63
N ILE F 181 16.52 36.23 -37.14
CA ILE F 181 17.18 35.66 -38.31
C ILE F 181 16.93 36.52 -39.53
N HIS F 182 15.71 37.07 -39.66
CA HIS F 182 15.45 37.97 -40.77
C HIS F 182 16.30 39.22 -40.68
N GLY F 183 16.61 39.66 -39.47
CA GLY F 183 17.34 40.90 -39.28
C GLY F 183 18.83 40.78 -39.45
N SER F 184 19.46 39.75 -38.88
CA SER F 184 20.91 39.78 -38.71
C SER F 184 21.67 38.69 -39.46
N GLU F 185 21.01 37.98 -40.38
CA GLU F 185 21.71 37.16 -41.37
C GLU F 185 22.74 36.23 -40.75
N CYS F 186 22.55 35.80 -39.49
CA CYS F 186 23.47 34.81 -38.95
C CYS F 186 22.90 34.16 -37.71
N VAL F 187 23.26 32.88 -37.53
CA VAL F 187 23.05 32.16 -36.27
C VAL F 187 24.41 31.75 -35.72
N GLU F 188 24.48 31.66 -34.40
CA GLU F 188 25.74 31.46 -33.68
C GLU F 188 25.84 30.01 -33.22
N LEU F 189 26.57 29.19 -33.97
CA LEU F 189 26.91 27.84 -33.55
C LEU F 189 28.30 27.87 -32.94
N GLU F 190 28.39 27.57 -31.64
CA GLU F 190 29.63 27.34 -30.94
C GLU F 190 30.43 28.61 -30.79
N GLY F 191 29.82 29.77 -31.03
CA GLY F 191 30.51 31.03 -31.09
C GLY F 191 30.99 31.42 -32.48
N LYS F 192 31.11 30.44 -33.38
CA LYS F 192 31.31 30.74 -34.79
C LYS F 192 29.94 31.00 -35.44
N LYS F 193 29.90 31.96 -36.36
CA LYS F 193 28.65 32.42 -36.94
C LYS F 193 28.48 31.86 -38.34
N ILE F 194 27.31 31.28 -38.61
CA ILE F 194 26.97 30.75 -39.92
C ILE F 194 25.83 31.59 -40.49
N LYS F 195 25.79 31.68 -41.81
CA LYS F 195 25.02 32.70 -42.51
C LYS F 195 23.73 32.09 -43.05
N VAL F 196 22.62 32.77 -42.83
CA VAL F 196 21.29 32.25 -43.14
C VAL F 196 20.85 32.86 -44.46
N LYS F 197 20.96 32.08 -45.53
CA LYS F 197 20.52 32.52 -46.85
C LYS F 197 19.05 32.19 -47.08
N SER F 198 18.63 30.97 -46.76
CA SER F 198 17.22 30.60 -46.75
C SER F 198 16.84 30.11 -45.36
N PHE F 199 15.61 30.42 -44.96
CA PHE F 199 15.17 30.30 -43.57
C PHE F 199 13.84 29.57 -43.53
N ARG F 200 13.80 28.42 -42.87
CA ARG F 200 12.55 27.72 -42.66
C ARG F 200 12.64 26.88 -41.38
N VAL F 201 11.63 27.00 -40.52
CA VAL F 201 11.62 26.34 -39.23
C VAL F 201 10.34 25.51 -39.13
N ASP F 202 10.46 24.33 -38.53
CA ASP F 202 9.35 23.40 -38.38
C ASP F 202 9.08 23.21 -36.90
N VAL F 203 7.86 23.52 -36.47
CA VAL F 203 7.45 23.31 -35.10
C VAL F 203 6.82 21.92 -35.01
N VAL F 204 7.50 21.01 -34.34
CA VAL F 204 7.08 19.61 -34.26
C VAL F 204 6.28 19.45 -32.98
N ILE F 205 5.00 19.14 -33.12
CA ILE F 205 4.13 18.81 -31.99
C ILE F 205 4.15 17.29 -31.83
N PRO F 206 4.66 16.75 -30.72
CA PRO F 206 4.63 15.29 -30.53
C PRO F 206 3.21 14.78 -30.53
N GLU F 207 3.02 13.57 -31.07
CA GLU F 207 1.70 12.98 -31.11
C GLU F 207 1.13 12.70 -29.73
N THR F 208 1.98 12.66 -28.70
CA THR F 208 1.52 12.29 -27.36
C THR F 208 2.55 12.77 -26.35
N LEU F 209 2.08 13.42 -25.29
CA LEU F 209 2.94 14.05 -24.30
C LEU F 209 3.23 13.07 -23.17
N ASP F 210 4.49 13.04 -22.73
CA ASP F 210 4.89 12.27 -21.56
C ASP F 210 4.55 13.02 -20.27
N ASP F 211 4.43 12.24 -19.18
CA ASP F 211 4.29 12.88 -17.86
C ASP F 211 5.43 13.83 -17.57
N ASN F 212 6.67 13.43 -17.89
CA ASN F 212 7.80 14.23 -17.47
C ASN F 212 7.94 15.48 -18.33
N GLY F 213 7.15 15.59 -19.39
CA GLY F 213 7.20 16.73 -20.28
C GLY F 213 7.44 16.32 -21.72
N VAL F 214 8.41 16.99 -22.33
CA VAL F 214 8.74 16.79 -23.74
C VAL F 214 10.25 16.65 -23.82
N GLY F 215 10.94 16.88 -22.69
CA GLY F 215 12.39 16.86 -22.71
C GLY F 215 12.92 15.54 -23.23
N ASN F 216 12.29 14.43 -22.84
CA ASN F 216 12.80 13.13 -23.26
C ASN F 216 12.53 12.92 -24.74
N PHE F 217 11.31 13.22 -25.18
CA PHE F 217 11.02 13.20 -26.61
C PHE F 217 11.92 14.17 -27.35
N THR F 218 12.13 15.35 -26.77
CA THR F 218 12.98 16.34 -27.43
C THR F 218 14.38 15.80 -27.63
N THR F 219 14.98 15.20 -26.60
CA THR F 219 16.34 14.67 -26.74
C THR F 219 16.36 13.53 -27.76
N LEU F 220 15.42 12.58 -27.65
CA LEU F 220 15.33 11.51 -28.64
C LEU F 220 15.31 12.11 -30.04
N TYR F 221 14.35 12.99 -30.29
CA TYR F 221 14.10 13.48 -31.63
C TYR F 221 15.32 14.23 -32.15
N ASN F 222 15.85 15.16 -31.35
CA ASN F 222 17.06 15.88 -31.72
C ASN F 222 18.23 14.94 -32.04
N LYS F 223 18.40 13.89 -31.25
CA LYS F 223 19.55 13.01 -31.43
C LYS F 223 19.38 12.08 -32.63
N ARG F 224 18.16 11.73 -32.99
CA ARG F 224 17.96 10.87 -34.15
C ARG F 224 18.42 11.56 -35.42
N TYR F 225 18.09 12.85 -35.55
CA TYR F 225 18.48 13.67 -36.69
C TYR F 225 19.81 14.32 -36.34
N GLY F 226 20.40 15.08 -37.26
CA GLY F 226 21.61 15.78 -36.89
C GLY F 226 21.33 16.96 -35.99
N LEU F 227 20.23 17.67 -36.24
CA LEU F 227 19.78 18.84 -35.48
C LEU F 227 20.90 19.45 -34.64
N SER F 228 21.84 20.14 -35.29
CA SER F 228 22.91 20.82 -34.58
C SER F 228 22.36 21.99 -33.78
N LYS F 229 22.98 22.24 -32.63
CA LYS F 229 22.53 23.22 -31.65
C LYS F 229 23.20 24.58 -31.87
N ALA F 230 22.44 25.55 -32.37
CA ALA F 230 22.94 26.91 -32.53
C ALA F 230 21.91 27.88 -31.94
N THR F 231 22.37 29.08 -31.62
CA THR F 231 21.53 30.07 -30.97
C THR F 231 21.48 31.36 -31.77
N THR F 232 20.47 32.18 -31.47
CA THR F 232 20.34 33.46 -32.13
C THR F 232 21.53 34.35 -31.79
N CYS F 233 22.00 35.11 -32.78
CA CYS F 233 23.13 35.98 -32.58
C CYS F 233 22.67 37.29 -31.95
N THR F 234 23.20 37.61 -30.78
CA THR F 234 22.97 38.88 -30.13
C THR F 234 24.06 39.88 -30.50
N ASN F 235 23.83 41.13 -30.16
CA ASN F 235 24.82 42.19 -30.34
C ASN F 235 24.93 43.01 -29.07
N PRO F 236 26.09 43.62 -28.81
CA PRO F 236 26.21 44.49 -27.63
C PRO F 236 25.41 45.77 -27.73
N ALA F 237 24.90 46.09 -28.92
CA ALA F 237 24.04 47.27 -29.06
C ALA F 237 22.89 47.21 -28.05
N LEU F 238 22.32 46.03 -27.86
CA LEU F 238 21.28 45.80 -26.86
C LEU F 238 21.86 44.87 -25.82
N LEU F 239 22.12 45.41 -24.62
CA LEU F 239 22.78 44.62 -23.59
C LEU F 239 21.83 43.61 -22.97
N GLY F 240 20.57 43.99 -22.77
CA GLY F 240 19.64 43.13 -22.07
C GLY F 240 18.77 42.30 -22.99
N THR F 241 19.38 41.76 -24.04
CA THR F 241 18.68 40.89 -24.99
C THR F 241 19.12 39.46 -24.77
N ARG F 242 18.14 38.55 -24.69
CA ARG F 242 18.41 37.15 -24.42
C ARG F 242 18.58 36.37 -25.73
N GLY F 243 19.47 35.38 -25.69
CA GLY F 243 19.63 34.50 -26.83
C GLY F 243 18.56 33.42 -26.87
N PHE F 244 18.45 32.78 -28.03
CA PHE F 244 17.46 31.73 -28.26
C PHE F 244 18.13 30.51 -28.88
N PRO F 245 18.70 29.62 -28.07
CA PRO F 245 19.23 28.37 -28.62
C PRO F 245 18.14 27.51 -29.22
N PHE F 246 18.53 26.72 -30.22
CA PHE F 246 17.61 25.87 -30.97
C PHE F 246 18.46 24.85 -31.73
N HIS F 247 17.78 24.02 -32.51
CA HIS F 247 18.42 22.97 -33.29
C HIS F 247 17.96 23.06 -34.74
N PHE F 248 18.84 22.65 -35.65
CA PHE F 248 18.63 22.96 -37.07
C PHE F 248 19.43 21.98 -37.90
N LYS F 249 19.11 21.94 -39.19
CA LYS F 249 19.89 21.11 -40.12
C LYS F 249 20.45 21.98 -41.24
N PRO F 260 26.17 30.97 -46.14
CA PRO F 260 25.13 30.86 -47.16
C PRO F 260 24.45 29.49 -47.17
N VAL F 261 23.94 29.09 -46.01
CA VAL F 261 23.36 27.76 -45.82
C VAL F 261 21.85 27.89 -45.76
N ASP F 262 21.16 26.98 -46.44
CA ASP F 262 19.77 26.69 -46.13
C ASP F 262 19.67 25.91 -44.82
N ILE F 263 18.75 26.34 -43.96
CA ILE F 263 18.66 25.88 -42.59
C ILE F 263 17.25 25.35 -42.35
N HIS F 264 17.16 24.08 -41.96
CA HIS F 264 15.88 23.44 -41.66
C HIS F 264 15.76 23.39 -40.14
N LEU F 265 15.44 24.54 -39.56
CA LEU F 265 15.23 24.63 -38.13
C LEU F 265 14.08 23.71 -37.71
N LEU F 266 14.27 23.02 -36.58
CA LEU F 266 13.26 22.16 -36.00
C LEU F 266 13.19 22.44 -34.51
N ASP F 267 11.98 22.66 -34.00
CA ASP F 267 11.78 22.97 -32.59
C ASP F 267 10.58 22.21 -32.07
N ILE F 268 10.76 21.56 -30.92
CA ILE F 268 9.65 20.94 -30.19
C ILE F 268 9.33 21.87 -29.02
N PRO F 269 8.16 22.50 -28.99
CA PRO F 269 7.91 23.49 -27.94
C PRO F 269 8.02 22.89 -26.56
N SER F 270 9.02 23.33 -25.79
CA SER F 270 9.16 22.86 -24.43
C SER F 270 7.97 23.25 -23.58
N THR F 271 7.27 24.32 -23.96
CA THR F 271 6.12 24.78 -23.18
C THR F 271 5.06 23.71 -23.07
N LEU F 272 5.03 22.74 -23.99
CA LEU F 272 4.05 21.68 -23.92
C LEU F 272 4.17 20.90 -22.62
N SER F 273 5.36 20.89 -22.01
CA SER F 273 5.51 20.24 -20.71
C SER F 273 4.51 20.83 -19.71
N THR F 274 4.39 22.15 -19.69
CA THR F 274 3.43 22.79 -18.80
C THR F 274 2.05 22.18 -18.97
N ILE F 275 1.68 21.85 -20.21
CA ILE F 275 0.36 21.25 -20.44
C ILE F 275 0.24 19.97 -19.61
N VAL F 276 1.19 19.05 -19.78
CA VAL F 276 1.08 17.80 -19.04
C VAL F 276 1.14 18.03 -17.55
N GLU F 277 1.66 19.19 -17.12
CA GLU F 277 1.61 19.54 -15.71
C GLU F 277 0.19 19.96 -15.34
N SER F 278 -0.37 20.91 -16.07
CA SER F 278 -1.68 21.43 -15.71
C SER F 278 -2.74 20.36 -15.83
N LEU F 279 -2.55 19.40 -16.73
CA LEU F 279 -3.50 18.28 -16.82
C LEU F 279 -3.60 17.56 -15.49
N LYS F 280 -2.47 17.34 -14.82
CA LYS F 280 -2.52 16.73 -13.49
C LYS F 280 -3.41 17.54 -12.55
N LEU F 281 -3.37 18.87 -12.66
CA LEU F 281 -4.27 19.70 -11.89
C LEU F 281 -5.65 19.78 -12.53
N TYR F 282 -5.73 19.66 -13.85
CA TYR F 282 -7.02 19.73 -14.53
C TYR F 282 -7.93 18.58 -14.14
N LEU F 283 -7.41 17.34 -14.23
CA LEU F 283 -8.16 16.16 -13.86
C LEU F 283 -7.30 15.29 -12.95
N PRO F 284 -7.25 15.62 -11.66
CA PRO F 284 -6.49 14.80 -10.73
C PRO F 284 -7.06 13.39 -10.68
N SER F 285 -6.19 12.40 -10.88
CA SER F 285 -6.61 11.02 -11.10
C SER F 285 -6.08 10.15 -9.96
N ASN F 286 -6.99 9.38 -9.36
CA ASN F 286 -6.59 8.48 -8.28
C ASN F 286 -5.72 7.35 -8.80
N GLN F 287 -6.01 6.86 -10.00
CA GLN F 287 -5.48 5.60 -10.49
C GLN F 287 -4.44 5.83 -11.58
N VAL F 288 -3.60 4.84 -11.79
CA VAL F 288 -2.56 4.86 -12.82
C VAL F 288 -2.98 3.92 -13.94
N GLY F 289 -3.09 4.46 -15.14
CA GLY F 289 -3.50 3.67 -16.27
C GLY F 289 -3.93 4.55 -17.43
N GLN F 290 -4.03 3.93 -18.59
CA GLN F 290 -4.34 4.66 -19.82
C GLN F 290 -5.79 5.12 -19.76
N ASP F 291 -5.99 6.42 -19.54
CA ASP F 291 -7.31 7.01 -19.44
C ASP F 291 -7.69 7.61 -20.78
N PHE F 292 -8.78 7.13 -21.37
CA PHE F 292 -9.24 7.68 -22.64
C PHE F 292 -9.65 9.14 -22.50
N ASP F 293 -10.34 9.48 -21.41
CA ASP F 293 -10.76 10.86 -21.21
C ASP F 293 -9.59 11.83 -21.31
N MET F 294 -8.51 11.55 -20.57
CA MET F 294 -7.35 12.43 -20.62
C MET F 294 -6.53 12.25 -21.88
N ASP F 295 -6.48 11.05 -22.46
CA ASP F 295 -5.83 10.91 -23.76
C ASP F 295 -6.48 11.84 -24.78
N TYR F 296 -7.81 11.89 -24.79
CA TYR F 296 -8.54 12.78 -25.69
C TYR F 296 -8.28 14.23 -25.32
N LEU F 297 -8.28 14.54 -24.03
CA LEU F 297 -8.09 15.90 -23.58
C LEU F 297 -6.73 16.43 -24.02
N GLU F 298 -5.69 15.63 -23.84
CA GLU F 298 -4.34 16.05 -24.19
C GLU F 298 -4.16 16.10 -25.71
N MET F 299 -4.78 15.19 -26.45
CA MET F 299 -4.74 15.28 -27.90
C MET F 299 -5.43 16.56 -28.36
N ARG F 300 -6.54 16.91 -27.71
CA ARG F 300 -7.26 18.13 -28.06
C ARG F 300 -6.42 19.36 -27.76
N GLU F 301 -5.66 19.32 -26.67
CA GLU F 301 -4.84 20.48 -26.32
C GLU F 301 -3.66 20.62 -27.27
N LEU F 302 -3.07 19.51 -27.72
CA LEU F 302 -2.08 19.62 -28.78
C LEU F 302 -2.71 20.14 -30.08
N GLU F 303 -3.93 19.70 -30.37
CA GLU F 303 -4.68 20.22 -31.51
C GLU F 303 -4.79 21.74 -31.42
N ASN F 304 -5.25 22.24 -30.28
CA ASN F 304 -5.42 23.68 -30.08
C ASN F 304 -4.10 24.42 -30.17
N PHE F 305 -3.04 23.87 -29.57
CA PHE F 305 -1.73 24.50 -29.65
C PHE F 305 -1.29 24.64 -31.11
N ALA F 306 -1.42 23.56 -31.89
CA ALA F 306 -1.03 23.62 -33.29
C ALA F 306 -1.90 24.60 -34.07
N LYS F 307 -3.20 24.61 -33.79
CA LYS F 307 -4.10 25.53 -34.48
C LYS F 307 -3.73 26.98 -34.21
N VAL F 308 -3.50 27.31 -32.94
CA VAL F 308 -3.13 28.67 -32.58
C VAL F 308 -1.81 29.05 -33.23
N LEU F 309 -0.84 28.14 -33.21
CA LEU F 309 0.44 28.43 -33.85
C LEU F 309 0.27 28.68 -35.34
N LYS F 310 -0.53 27.84 -36.01
CA LYS F 310 -0.72 28.03 -37.45
C LYS F 310 -1.38 29.36 -37.73
N TYR F 311 -2.38 29.73 -36.92
CA TYR F 311 -2.97 31.06 -37.06
C TYR F 311 -1.91 32.15 -36.93
N LEU F 312 -1.13 32.10 -35.84
CA LEU F 312 -0.16 33.14 -35.56
C LEU F 312 0.98 33.18 -36.55
N ILE F 313 1.14 32.14 -37.37
CA ILE F 313 2.11 32.17 -38.45
C ILE F 313 1.55 32.92 -39.66
N GLY F 314 0.29 32.65 -40.01
CA GLY F 314 -0.38 33.49 -40.99
C GLY F 314 -0.46 34.96 -40.60
N ARG F 315 -0.09 35.31 -39.37
CA ARG F 315 -0.32 36.65 -38.85
C ARG F 315 0.81 37.58 -39.27
N ASN F 316 2.03 37.27 -38.84
CA ASN F 316 3.18 38.13 -39.06
C ASN F 316 3.90 37.75 -40.34
N ALA F 317 4.35 38.77 -41.08
CA ALA F 317 5.07 38.53 -42.32
C ALA F 317 6.48 38.00 -42.08
N ALA F 318 7.07 38.28 -40.91
CA ALA F 318 8.37 37.72 -40.60
C ALA F 318 8.34 36.21 -40.43
N THR F 319 7.16 35.63 -40.19
CA THR F 319 7.02 34.19 -40.04
C THR F 319 6.23 33.55 -41.18
N LYS F 320 5.46 34.35 -41.92
CA LYS F 320 4.61 33.84 -42.99
C LYS F 320 5.43 33.05 -44.01
N GLY F 321 5.12 31.76 -44.12
CA GLY F 321 5.72 30.89 -45.12
C GLY F 321 7.04 30.27 -44.75
N TYR F 322 7.69 30.74 -43.67
CA TYR F 322 8.95 30.17 -43.24
C TYR F 322 8.81 29.28 -42.01
N VAL F 323 7.67 29.33 -41.33
CA VAL F 323 7.41 28.48 -40.18
C VAL F 323 6.26 27.55 -40.52
N ASN F 324 6.51 26.25 -40.43
CA ASN F 324 5.50 25.22 -40.61
C ASN F 324 5.26 24.50 -39.30
N VAL F 325 4.07 23.93 -39.16
CA VAL F 325 3.66 23.22 -37.95
C VAL F 325 3.40 21.77 -38.31
N LEU F 326 4.05 20.86 -37.60
CA LEU F 326 3.88 19.42 -37.79
C LEU F 326 3.12 18.87 -36.60
N THR F 327 1.93 18.34 -36.86
CA THR F 327 1.04 17.85 -35.82
C THR F 327 0.96 16.33 -35.86
N ASN F 328 0.74 15.73 -34.70
CA ASN F 328 0.63 14.29 -34.57
C ASN F 328 1.90 13.61 -35.10
N VAL F 329 3.01 13.88 -34.40
CA VAL F 329 4.33 13.40 -34.80
C VAL F 329 4.67 12.18 -33.97
N LYS F 330 5.14 11.13 -34.65
CA LYS F 330 5.51 9.88 -33.98
C LYS F 330 4.40 9.38 -33.07
P1 C2E G . 14.27 -3.03 -4.37
O2P C2E G . 13.40 -3.87 -3.47
O1P C2E G . 15.44 -3.92 -4.71
O5' C2E G . 14.94 -1.76 -3.62
C5' C2E G . 14.08 -0.92 -2.84
C4' C2E G . 14.87 0.30 -2.41
O4' C2E G . 16.25 -0.15 -1.76
C3' C2E G . 15.22 1.00 -3.41
O3' C2E G . 14.19 1.92 -3.77
C2' C2E G . 16.58 1.83 -2.87
O2' C2E G . 16.21 2.88 -1.99
C1' C2E G . 17.28 0.94 -2.21
N9 C2E G . 18.25 0.36 -3.08
C8 C2E G . 18.08 -0.68 -3.87
N7 C2E G . 19.21 -0.93 -4.53
C5 C2E G . 20.15 -0.02 -4.14
C6 C2E G . 21.58 0.20 -4.52
O6 C2E G . 22.13 -0.51 -5.33
N1 C2E G . 22.31 1.26 -3.93
C2 C2E G . 21.67 2.11 -2.98
N2 C2E G . 22.38 3.17 -2.39
N3 C2E G . 20.28 1.89 -2.61
C4 C2E G . 19.54 0.81 -3.22
P11 C2E G . 14.09 2.36 -5.32
O21 C2E G . 14.96 3.53 -5.69
O11 C2E G . 12.68 2.85 -5.49
O5A C2E G . 14.19 1.12 -6.36
C5A C2E G . 13.01 0.34 -6.64
C4A C2E G . 13.40 -0.80 -7.52
O4A C2E G . 14.11 -0.37 -8.52
C3A C2E G . 14.37 -1.84 -6.71
O3A C2E G . 13.62 -2.69 -5.79
C2A C2E G . 14.90 -2.53 -7.65
O2A C2E G . 13.93 -3.58 -8.15
C1A C2E G . 15.16 -1.48 -8.77
N91 C2E G . 16.34 -1.00 -8.67
C81 C2E G . 16.70 0.04 -7.92
N71 C2E G . 18.00 0.27 -8.04
C51 C2E G . 18.51 -0.66 -8.89
C61 C2E G . 19.88 -0.91 -9.40
O61 C2E G . 20.80 -0.19 -9.05
N11 C2E G . 20.12 -1.97 -10.29
C21 C2E G . 19.03 -2.81 -10.71
N21 C2E G . 19.27 -3.85 -11.59
N31 C2E G . 17.70 -2.56 -10.22
C41 C2E G . 17.46 -1.47 -9.29
P1 C2E H . 18.72 -32.92 13.26
O2P C2E H . 17.85 -33.66 14.24
O1P C2E H . 19.83 -33.87 12.92
O5' C2E H . 19.49 -31.64 13.90
C5' C2E H . 18.72 -30.71 14.67
C4' C2E H . 19.63 -29.58 15.07
O4' C2E H . 20.99 -30.15 15.68
C3' C2E H . 20.02 -28.90 14.06
O3' C2E H . 19.07 -27.88 13.73
C2' C2E H . 21.47 -28.23 14.56
O2' C2E H . 21.23 -27.18 15.48
C1' C2E H . 22.09 -29.21 15.14
N9 C2E H . 22.91 -29.90 14.18
C8 C2E H . 22.53 -30.93 13.45
N7 C2E H . 23.54 -31.32 12.67
C5 C2E H . 24.61 -30.50 12.91
C6 C2E H . 26.00 -30.44 12.36
O6 C2E H . 26.36 -31.22 11.52
N1 C2E H . 26.89 -29.45 12.81
C2 C2E H . 26.47 -28.50 13.82
N2 C2E H . 27.36 -27.52 14.28
N3 C2E H . 25.11 -28.58 14.35
C4 C2E H . 24.20 -29.59 13.88
P11 C2E H . 18.87 -27.53 12.18
O21 C2E H . 19.74 -26.41 11.67
O11 C2E H . 17.47 -26.97 12.10
O5A C2E H . 18.83 -28.82 11.20
C5A C2E H . 17.57 -29.53 11.06
C4A C2E H . 17.78 -30.70 10.15
O4A C2E H . 18.42 -30.32 9.09
C3A C2E H . 18.74 -31.81 10.86
O3A C2E H . 18.00 -32.61 11.85
C2A C2E H . 19.13 -32.54 9.88
O2A C2E H . 18.06 -33.53 9.51
C1A C2E H . 19.32 -31.51 8.72
N91 C2E H . 20.55 -31.14 8.68
C81 C2E H . 21.05 -30.08 9.31
N71 C2E H . 22.36 -29.99 9.07
C51 C2E H . 22.71 -31.02 8.26
C61 C2E H . 24.00 -31.44 7.66
O61 C2E H . 25.00 -30.79 7.87
N11 C2E H . 24.06 -32.58 6.83
C21 C2E H . 22.87 -33.34 6.58
N21 C2E H . 22.93 -34.48 5.78
N31 C2E H . 21.61 -32.94 7.17
C41 C2E H . 21.56 -31.76 8.01
P1 C2E I . 8.95 26.99 -21.53
O2P C2E I . 8.05 26.11 -20.71
O1P C2E I . 10.15 26.14 -21.82
O5' C2E I . 9.54 28.26 -20.72
C5' C2E I . 8.63 29.04 -19.94
C4' C2E I . 9.33 30.29 -19.48
O4' C2E I . 10.71 29.92 -18.77
C3' C2E I . 9.68 31.02 -20.46
O3' C2E I . 8.62 31.91 -20.84
C2' C2E I . 10.99 31.90 -19.89
O2' C2E I . 10.54 32.95 -19.03
C1' C2E I . 11.70 31.05 -19.20
N9 C2E I . 12.74 30.51 -20.00
C8 C2E I . 12.64 29.46 -20.79
N7 C2E I . 13.83 29.24 -21.38
C5 C2E I . 14.71 30.18 -20.95
C6 C2E I . 16.16 30.44 -21.24
O6 C2E I . 16.76 29.74 -22.01
N1 C2E I . 16.81 31.53 -20.63
C2 C2E I . 16.09 32.37 -19.71
N2 C2E I . 16.74 33.45 -19.09
N3 C2E I . 14.69 32.11 -19.43
C4 C2E I . 14.02 30.99 -20.07
P11 C2E I . 8.53 32.36 -22.38
O21 C2E I . 9.30 33.61 -22.70
O11 C2E I . 7.09 32.74 -22.57
O5A C2E I . 8.78 31.16 -23.43
C5A C2E I . 7.64 30.36 -23.83
C4A C2E I . 8.14 29.24 -24.70
O4A C2E I . 8.87 29.72 -25.65
C3A C2E I . 9.13 28.25 -23.86
O3A C2E I . 8.36 27.34 -22.98
C2A C2E I . 9.74 27.60 -24.76
O2A C2E I . 8.88 26.49 -25.30
C1A C2E I . 9.98 28.66 -25.88
N91 C2E I . 11.13 29.19 -25.74
C81 C2E I . 11.41 30.27 -25.03
N71 C2E I . 12.70 30.54 -25.08
C51 C2E I . 13.29 29.59 -25.86
C61 C2E I . 14.70 29.36 -26.29
O61 C2E I . 15.57 30.12 -25.92
N11 C2E I . 15.01 28.25 -27.12
C21 C2E I . 13.98 27.37 -27.54
N21 C2E I . 14.28 26.28 -28.35
N31 C2E I . 12.61 27.60 -27.13
C41 C2E I . 12.30 28.73 -26.27
#